data_4U7D
#
_entry.id   4U7D
#
_cell.length_a   55.380
_cell.length_b   138.220
_cell.length_c   207.581
_cell.angle_alpha   90.00
_cell.angle_beta   90.02
_cell.angle_gamma   90.00
#
_symmetry.space_group_name_H-M   'P 1 21 1'
#
loop_
_entity.id
_entity.type
_entity.pdbx_description
1 polymer 'ATP-dependent DNA helicase Q1'
2 polymer 'DNA oligonucleotide'
3 non-polymer 'ZINC ION'
#
loop_
_entity_poly.entity_id
_entity_poly.type
_entity_poly.pdbx_seq_one_letter_code
_entity_poly.pdbx_strand_id
1 'polypeptide(L)'
;MCLEDSDAGASNEYDSSPAAWNKEDFPWSGKVKDILQNVFKLEKFRPLQLETINVTMAGKEVFLVMPTGGGKSLCYQLPA
LCSDGFTLVICPLISLMEDQLMVLKQLGISATMLNASSSKEHVKWVHAEMVNKNSELKLIYVTPEKIAKSKMFMSRLEKA
YEARRFTRIAVDEVHCCSQWGHDFRPDYKALGILKRQFPNASLIGLTATATNHVLTDAQKILCIEKCFTFTASFNRPNLY
YEVRQKPSNTEDFIEDIVKLINGRYKGQSGIIYCFSQKDSEQVTVSLQNLGIHAGAYHANLEPEDKTTVHRKWSANEIQV
VVATVAFGMGIDKPDVRFVIHHSMSKSMENYYQESGRAGRDDMKADCILYYGFGDIFRISSMVVMENVGQQKLYEMVSYC
QNISKCRRVLMAQHFDEVWNSEACNKMCDNCCKDSAFERKNITEYCRDLIKILKQAEELNEKLTPLKLIDSWMGKGAAKL
RVAGVVAPTLPREDLEKIIAHFLIQQYLKEDYSFTAYATISYLKIGPKANLLNNEAHAITMQVTKSTQNSFRAESSQTCH
SEQSDKKMEAENLYFQSHHHHHHDYKDDDDK
;
A,B,C,D
2 'polydeoxyribonucleotide' (DG)(DG)(DA)(DT)(DC)(DT)(DC)(DG)(DA)(DC)(DG)(DC)(DT)(DC)(DT)(DC)(DC)(DC)(DT)(DT) P,Q,R,S
#
# COMPACT_ATOMS: atom_id res chain seq x y z
N SER A 16 3.47 -7.72 34.30
CA SER A 16 3.53 -6.30 33.99
C SER A 16 3.36 -6.04 32.50
N SER A 17 3.09 -4.78 32.16
CA SER A 17 2.79 -4.38 30.78
C SER A 17 4.03 -3.79 30.11
N PRO A 18 3.98 -3.54 28.79
CA PRO A 18 5.05 -2.81 28.08
C PRO A 18 5.39 -1.43 28.64
N ALA A 19 4.39 -0.72 29.13
CA ALA A 19 4.57 0.65 29.63
C ALA A 19 5.61 0.72 30.74
N ALA A 20 5.59 -0.25 31.65
CA ALA A 20 6.55 -0.30 32.74
C ALA A 20 7.99 -0.44 32.21
N TRP A 21 8.13 -0.74 30.92
CA TRP A 21 9.43 -1.00 30.32
C TRP A 21 9.80 0.09 29.29
N ASN A 22 8.89 1.03 29.06
CA ASN A 22 9.18 2.16 28.17
C ASN A 22 9.91 3.20 29.03
N LYS A 23 11.20 2.97 29.19
CA LYS A 23 12.01 3.64 30.21
C LYS A 23 13.48 3.58 29.81
N GLU A 24 14.22 4.66 30.05
CA GLU A 24 15.65 4.68 29.76
C GLU A 24 16.37 4.86 31.10
N ASP A 25 15.85 4.15 32.11
CA ASP A 25 16.31 4.20 33.48
C ASP A 25 17.44 3.21 33.79
N PHE A 26 17.69 2.28 32.89
CA PHE A 26 18.49 1.08 33.19
C PHE A 26 20.00 1.24 33.04
N PRO A 27 20.80 0.40 33.73
CA PRO A 27 22.28 0.46 33.72
C PRO A 27 22.90 0.33 32.33
N TRP A 28 22.10 -0.07 31.36
CA TRP A 28 22.57 -0.29 30.00
C TRP A 28 22.00 0.75 29.03
N SER A 29 21.05 1.56 29.49
CA SER A 29 20.29 2.46 28.62
C SER A 29 21.21 3.44 27.91
N GLY A 30 22.23 3.91 28.62
CA GLY A 30 23.19 4.83 28.06
C GLY A 30 23.94 4.16 26.93
N LYS A 31 24.39 2.94 27.20
CA LYS A 31 25.07 2.11 26.22
C LYS A 31 24.17 1.80 25.02
N VAL A 32 22.89 1.58 25.32
CA VAL A 32 21.91 1.26 24.29
C VAL A 32 21.63 2.41 23.33
N LYS A 33 21.34 3.59 23.88
CA LYS A 33 21.06 4.75 23.06
C LYS A 33 22.27 5.04 22.18
N ASP A 34 23.45 4.79 22.73
CA ASP A 34 24.70 5.14 22.06
C ASP A 34 24.94 4.18 20.89
N ILE A 35 24.68 2.89 21.10
CA ILE A 35 24.82 1.91 20.03
C ILE A 35 23.77 2.10 18.94
N LEU A 36 22.55 2.45 19.33
CA LEU A 36 21.50 2.76 18.36
C LEU A 36 22.00 3.81 17.38
N GLN A 37 22.43 4.95 17.92
CA GLN A 37 22.73 6.12 17.13
C GLN A 37 24.05 6.05 16.40
N ASN A 38 25.04 5.41 17.02
CA ASN A 38 26.39 5.46 16.46
C ASN A 38 26.84 4.17 15.80
N VAL A 39 26.19 3.06 16.12
CA VAL A 39 26.46 1.81 15.40
C VAL A 39 25.39 1.49 14.36
N PHE A 40 24.13 1.52 14.77
CA PHE A 40 23.01 1.23 13.88
C PHE A 40 22.60 2.44 13.05
N LYS A 41 23.14 3.58 13.43
CA LYS A 41 22.87 4.86 12.80
C LYS A 41 21.41 5.30 12.82
N LEU A 42 20.66 4.79 13.78
CA LEU A 42 19.23 5.02 13.83
C LEU A 42 19.08 6.07 14.89
N GLU A 43 18.05 6.89 14.83
CA GLU A 43 17.99 8.03 15.73
C GLU A 43 17.10 7.73 16.94
N LYS A 44 15.97 7.08 16.68
CA LYS A 44 15.00 6.77 17.73
C LYS A 44 14.44 5.36 17.56
N PHE A 45 13.73 4.92 18.59
CA PHE A 45 13.10 3.60 18.60
C PHE A 45 11.67 3.61 18.08
N ARG A 46 11.32 2.62 17.28
CA ARG A 46 9.93 2.44 16.89
C ARG A 46 9.17 1.87 18.09
N PRO A 47 7.83 1.88 18.03
CA PRO A 47 7.07 1.35 19.17
C PRO A 47 7.46 -0.06 19.60
N LEU A 48 7.46 -0.26 20.91
CA LEU A 48 7.85 -1.52 21.54
C LEU A 48 9.32 -1.91 21.34
N GLN A 49 10.08 -1.15 20.56
CA GLN A 49 11.47 -1.57 20.32
C GLN A 49 12.24 -1.36 21.58
N LEU A 50 11.95 -0.27 22.27
CA LEU A 50 12.66 0.04 23.50
C LEU A 50 12.30 -0.97 24.57
N GLU A 51 11.00 -1.20 24.71
CA GLU A 51 10.46 -2.10 25.72
C GLU A 51 11.01 -3.52 25.60
N THR A 52 11.08 -4.03 24.38
CA THR A 52 11.57 -5.39 24.14
C THR A 52 13.06 -5.61 24.44
N ILE A 53 13.88 -4.64 24.07
CA ILE A 53 15.30 -4.68 24.38
C ILE A 53 15.56 -4.67 25.89
N ASN A 54 14.88 -3.78 26.60
CA ASN A 54 14.97 -3.72 28.05
C ASN A 54 14.67 -5.06 28.69
N VAL A 55 13.63 -5.73 28.21
CA VAL A 55 13.22 -6.98 28.81
C VAL A 55 14.32 -8.00 28.57
N THR A 56 14.84 -8.01 27.35
CA THR A 56 15.87 -8.98 26.97
C THR A 56 17.21 -8.72 27.64
N MET A 57 17.58 -7.45 27.73
CA MET A 57 18.77 -7.06 28.48
C MET A 57 18.67 -7.46 29.96
N ALA A 58 17.47 -7.37 30.52
CA ALA A 58 17.22 -7.84 31.88
C ALA A 58 17.24 -9.36 31.98
N GLY A 59 17.44 -10.03 30.84
CA GLY A 59 17.59 -11.47 30.83
C GLY A 59 16.29 -12.22 31.03
N LYS A 60 15.17 -11.56 30.71
CA LYS A 60 13.87 -12.20 30.75
C LYS A 60 13.36 -12.58 29.37
N GLU A 61 12.41 -13.50 29.36
CA GLU A 61 11.79 -14.00 28.14
C GLU A 61 10.71 -13.06 27.61
N VAL A 62 10.70 -12.84 26.30
CA VAL A 62 9.73 -11.96 25.68
C VAL A 62 9.43 -12.45 24.27
N PHE A 63 8.14 -12.49 23.94
CA PHE A 63 7.65 -12.61 22.58
C PHE A 63 7.29 -11.24 22.00
N LEU A 64 7.83 -10.91 20.82
CA LEU A 64 7.45 -9.69 20.12
C LEU A 64 6.58 -9.94 18.89
N VAL A 65 5.36 -9.41 18.91
CA VAL A 65 4.48 -9.45 17.76
C VAL A 65 4.44 -8.07 17.12
N MET A 66 4.95 -7.98 15.90
CA MET A 66 5.10 -6.69 15.24
C MET A 66 5.09 -6.85 13.74
N PRO A 67 4.38 -5.96 13.02
CA PRO A 67 4.30 -6.05 11.56
C PRO A 67 5.64 -6.27 10.89
N THR A 68 5.64 -6.90 9.72
CA THR A 68 6.87 -7.13 8.97
C THR A 68 7.47 -5.82 8.51
N GLY A 69 8.80 -5.71 8.57
CA GLY A 69 9.45 -4.44 8.31
C GLY A 69 9.35 -3.42 9.42
N GLY A 70 8.75 -3.81 10.55
CA GLY A 70 8.57 -2.88 11.66
C GLY A 70 9.85 -2.69 12.44
N GLY A 71 10.81 -3.59 12.21
CA GLY A 71 12.07 -3.54 12.93
C GLY A 71 12.16 -4.52 14.08
N LYS A 72 11.79 -5.76 13.83
CA LYS A 72 11.92 -6.79 14.86
C LYS A 72 13.38 -7.14 15.07
N SER A 73 14.17 -7.13 14.01
CA SER A 73 15.53 -7.64 14.08
C SER A 73 16.39 -6.87 15.06
N LEU A 74 16.23 -5.56 15.08
CA LEU A 74 16.97 -4.69 15.98
C LEU A 74 16.94 -5.19 17.41
N CYS A 75 15.79 -5.71 17.82
CA CYS A 75 15.49 -6.05 19.21
C CYS A 75 16.30 -7.20 19.81
N TYR A 76 17.05 -7.94 18.97
CA TYR A 76 18.01 -8.93 19.49
C TYR A 76 19.44 -8.72 19.00
N GLN A 77 19.59 -8.00 17.89
CA GLN A 77 20.92 -7.70 17.39
C GLN A 77 21.64 -6.69 18.29
N LEU A 78 20.87 -5.75 18.83
CA LEU A 78 21.44 -4.66 19.63
C LEU A 78 21.91 -5.19 21.00
N PRO A 79 21.03 -5.90 21.73
CA PRO A 79 21.47 -6.63 22.93
C PRO A 79 22.74 -7.48 22.73
N ALA A 80 22.81 -8.26 21.66
CA ALA A 80 24.02 -9.03 21.35
C ALA A 80 25.28 -8.19 21.56
N LEU A 81 25.20 -6.91 21.15
CA LEU A 81 26.33 -5.98 21.22
C LEU A 81 26.54 -5.38 22.60
N CYS A 82 25.47 -5.36 23.38
CA CYS A 82 25.48 -4.85 24.75
C CYS A 82 25.72 -5.94 25.77
N SER A 83 26.19 -7.07 25.28
CA SER A 83 26.42 -8.22 26.12
C SER A 83 27.77 -8.84 25.84
N ASP A 84 28.21 -9.66 26.79
CA ASP A 84 29.44 -10.40 26.63
C ASP A 84 29.19 -11.61 25.75
N GLY A 85 30.13 -11.91 24.85
CA GLY A 85 29.94 -13.04 23.95
C GLY A 85 28.99 -12.75 22.81
N PHE A 86 28.28 -13.78 22.37
CA PHE A 86 27.38 -13.70 21.22
C PHE A 86 25.93 -14.03 21.55
N THR A 87 25.04 -13.59 20.65
CA THR A 87 23.63 -13.94 20.69
C THR A 87 23.37 -14.96 19.59
N LEU A 88 22.70 -16.06 19.94
CA LEU A 88 22.29 -17.09 18.97
C LEU A 88 20.95 -16.83 18.27
N VAL A 89 20.97 -16.91 16.94
CA VAL A 89 19.77 -16.67 16.14
C VAL A 89 19.30 -17.87 15.30
N ILE A 90 18.09 -18.33 15.57
CA ILE A 90 17.49 -19.43 14.83
C ILE A 90 16.56 -18.95 13.73
N CYS A 91 16.82 -19.37 12.50
CA CYS A 91 16.15 -18.80 11.33
C CYS A 91 15.91 -19.84 10.24
N PRO A 92 14.68 -19.90 9.70
CA PRO A 92 14.28 -21.03 8.87
C PRO A 92 14.83 -20.99 7.45
N LEU A 93 14.92 -19.81 6.84
CA LEU A 93 15.40 -19.70 5.45
C LEU A 93 16.79 -19.06 5.37
N ILE A 94 17.60 -19.61 4.49
CA ILE A 94 18.93 -19.08 4.22
C ILE A 94 18.94 -17.66 3.68
N SER A 95 17.88 -17.31 2.98
CA SER A 95 17.76 -15.97 2.43
C SER A 95 17.51 -14.90 3.49
N LEU A 96 16.65 -15.23 4.45
CA LEU A 96 16.41 -14.38 5.60
C LEU A 96 17.68 -14.12 6.42
N MET A 97 18.49 -15.16 6.59
CA MET A 97 19.76 -15.01 7.27
C MET A 97 20.73 -14.14 6.49
N GLU A 98 20.87 -14.43 5.20
CA GLU A 98 21.75 -13.67 4.33
C GLU A 98 21.35 -12.22 4.19
N ASP A 99 20.03 -12.00 4.15
CA ASP A 99 19.45 -10.66 4.22
C ASP A 99 20.08 -9.87 5.36
N GLN A 100 20.06 -10.47 6.54
CA GLN A 100 20.52 -9.82 7.75
C GLN A 100 22.02 -9.57 7.70
N LEU A 101 22.76 -10.58 7.26
CA LEU A 101 24.22 -10.52 7.28
C LEU A 101 24.79 -9.45 6.34
N MET A 102 24.13 -9.23 5.22
CA MET A 102 24.52 -8.16 4.32
C MET A 102 24.48 -6.84 5.08
N VAL A 103 23.36 -6.62 5.75
CA VAL A 103 23.13 -5.40 6.52
C VAL A 103 24.11 -5.21 7.65
N LEU A 104 24.46 -6.30 8.31
CA LEU A 104 25.37 -6.24 9.44
C LEU A 104 26.77 -6.01 8.93
N LYS A 105 27.15 -6.71 7.87
CA LYS A 105 28.42 -6.47 7.21
C LYS A 105 28.52 -4.99 6.87
N GLN A 106 27.47 -4.44 6.28
CA GLN A 106 27.47 -3.03 5.95
C GLN A 106 27.62 -2.15 7.20
N LEU A 107 27.10 -2.59 8.34
CA LEU A 107 27.29 -1.84 9.59
C LEU A 107 28.62 -2.05 10.31
N GLY A 108 29.44 -2.98 9.84
CA GLY A 108 30.70 -3.27 10.51
C GLY A 108 30.60 -4.23 11.68
N ILE A 109 29.46 -4.91 11.79
CA ILE A 109 29.19 -5.83 12.89
C ILE A 109 29.71 -7.23 12.57
N SER A 110 30.40 -7.84 13.53
CA SER A 110 30.84 -9.22 13.38
C SER A 110 29.68 -10.16 13.63
N ALA A 111 29.16 -10.70 12.54
CA ALA A 111 28.11 -11.70 12.57
C ALA A 111 28.45 -12.76 11.53
N THR A 112 27.90 -13.94 11.77
CA THR A 112 28.24 -15.13 11.02
C THR A 112 27.07 -16.07 11.06
N MET A 113 27.04 -17.06 10.19
CA MET A 113 25.96 -18.01 10.22
C MET A 113 26.49 -19.34 9.81
N LEU A 114 25.65 -20.36 9.96
CA LEU A 114 25.96 -21.69 9.50
C LEU A 114 24.82 -22.31 8.75
N ASN A 115 25.19 -23.18 7.83
CA ASN A 115 24.31 -23.60 6.76
C ASN A 115 24.49 -25.07 6.48
N ALA A 116 23.67 -25.61 5.58
CA ALA A 116 23.89 -26.95 5.04
C ALA A 116 25.14 -26.94 4.15
N SER A 117 25.13 -26.05 3.16
CA SER A 117 26.23 -25.93 2.21
C SER A 117 27.40 -25.11 2.75
N SER A 118 27.63 -25.17 4.05
CA SER A 118 28.64 -24.35 4.69
C SER A 118 30.01 -25.01 4.58
N SER A 119 31.06 -24.19 4.40
CA SER A 119 32.40 -24.70 4.17
C SER A 119 33.02 -25.28 5.43
N LYS A 120 33.80 -26.34 5.24
CA LYS A 120 34.57 -26.97 6.31
C LYS A 120 35.49 -25.98 7.01
N GLU A 121 36.07 -25.08 6.22
CA GLU A 121 36.94 -24.04 6.75
C GLU A 121 36.13 -23.06 7.58
N HIS A 122 34.91 -22.79 7.12
CA HIS A 122 34.04 -21.83 7.78
C HIS A 122 33.49 -22.45 9.07
N VAL A 123 33.04 -23.70 9.01
CA VAL A 123 32.60 -24.39 10.22
C VAL A 123 33.69 -24.45 11.31
N LYS A 124 34.91 -24.79 10.90
CA LYS A 124 36.03 -24.87 11.82
C LYS A 124 36.28 -23.56 12.58
N TRP A 125 36.27 -22.46 11.84
CA TRP A 125 36.51 -21.14 12.41
C TRP A 125 35.42 -20.71 13.41
N VAL A 126 34.17 -20.97 13.07
CA VAL A 126 33.06 -20.62 13.95
C VAL A 126 33.18 -21.28 15.32
N HIS A 127 33.38 -22.60 15.33
CA HIS A 127 33.47 -23.33 16.59
C HIS A 127 34.52 -22.70 17.49
N ALA A 128 35.65 -22.33 16.91
CA ALA A 128 36.70 -21.68 17.67
C ALA A 128 36.24 -20.35 18.29
N GLU A 129 35.54 -19.54 17.52
CA GLU A 129 35.11 -18.22 18.01
C GLU A 129 34.19 -18.33 19.20
N MET A 130 33.34 -19.35 19.16
CA MET A 130 32.32 -19.54 20.18
C MET A 130 32.88 -19.75 21.58
N VAL A 131 34.00 -20.44 21.66
CA VAL A 131 34.66 -20.72 22.94
C VAL A 131 35.85 -19.80 23.17
N ASN A 132 36.33 -19.19 22.09
CA ASN A 132 37.35 -18.18 22.23
C ASN A 132 36.81 -17.07 23.11
N LYS A 133 37.46 -16.83 24.24
CA LYS A 133 36.98 -15.88 25.24
C LYS A 133 37.12 -14.46 24.75
N ASN A 134 37.97 -14.30 23.75
CA ASN A 134 38.32 -12.99 23.25
C ASN A 134 37.52 -12.64 21.99
N SER A 135 36.62 -13.55 21.59
CA SER A 135 35.83 -13.34 20.38
C SER A 135 34.97 -12.09 20.47
N GLU A 136 34.93 -11.36 19.36
CA GLU A 136 34.04 -10.22 19.17
C GLU A 136 32.87 -10.51 18.21
N LEU A 137 32.82 -11.74 17.74
CA LEU A 137 31.68 -12.27 17.00
C LEU A 137 30.44 -12.28 17.89
N LYS A 138 29.44 -11.47 17.56
CA LYS A 138 28.33 -11.20 18.47
C LYS A 138 27.00 -11.84 18.05
N LEU A 139 26.91 -12.29 16.81
CA LEU A 139 25.71 -12.96 16.32
C LEU A 139 26.01 -14.15 15.42
N ILE A 140 25.37 -15.27 15.73
CA ILE A 140 25.43 -16.46 14.91
C ILE A 140 24.06 -16.96 14.45
N TYR A 141 23.85 -17.03 13.14
CA TYR A 141 22.61 -17.49 12.57
C TYR A 141 22.68 -18.95 12.16
N VAL A 142 21.66 -19.71 12.55
CA VAL A 142 21.57 -21.12 12.18
C VAL A 142 20.14 -21.55 11.87
N THR A 143 20.01 -22.67 11.16
CA THR A 143 18.70 -23.26 10.90
C THR A 143 18.31 -24.23 12.01
N PRO A 144 17.00 -24.51 12.15
CA PRO A 144 16.59 -25.46 13.19
C PRO A 144 17.13 -26.86 12.94
N GLU A 145 17.51 -27.17 11.70
CA GLU A 145 18.13 -28.44 11.36
C GLU A 145 19.42 -28.63 12.12
N LYS A 146 20.13 -27.52 12.30
CA LYS A 146 21.40 -27.52 13.02
C LYS A 146 21.27 -27.90 14.49
N ILE A 147 20.17 -27.49 15.11
CA ILE A 147 19.91 -27.83 16.50
C ILE A 147 19.58 -29.30 16.72
N ALA A 148 18.78 -29.86 15.81
CA ALA A 148 18.29 -31.21 15.97
C ALA A 148 19.26 -32.26 15.45
N LYS A 149 19.98 -31.93 14.38
CA LYS A 149 20.83 -32.90 13.71
C LYS A 149 22.32 -32.50 13.66
N SER A 150 22.81 -31.85 14.72
CA SER A 150 24.24 -31.69 14.89
C SER A 150 24.68 -31.79 16.35
N LYS A 151 25.31 -32.91 16.67
CA LYS A 151 25.87 -33.18 17.99
C LYS A 151 27.03 -32.23 18.27
N MET A 152 27.87 -32.03 17.27
CA MET A 152 29.02 -31.15 17.36
C MET A 152 28.71 -29.73 17.76
N PHE A 153 27.69 -29.16 17.13
CA PHE A 153 27.32 -27.78 17.40
C PHE A 153 26.74 -27.58 18.80
N MET A 154 25.95 -28.55 19.25
CA MET A 154 25.37 -28.48 20.58
C MET A 154 26.43 -28.52 21.66
N SER A 155 27.52 -29.23 21.40
CA SER A 155 28.59 -29.32 22.39
C SER A 155 29.33 -28.01 22.49
N ARG A 156 29.56 -27.37 21.36
CA ARG A 156 30.15 -26.05 21.32
C ARG A 156 29.31 -25.00 22.02
N LEU A 157 28.00 -25.05 21.78
CA LEU A 157 27.06 -24.25 22.53
C LEU A 157 27.14 -24.47 24.02
N GLU A 158 27.30 -25.74 24.41
CA GLU A 158 27.35 -26.08 25.82
C GLU A 158 28.60 -25.50 26.45
N LYS A 159 29.72 -25.68 25.75
CA LYS A 159 30.98 -25.09 26.15
C LYS A 159 30.89 -23.57 26.23
N ALA A 160 30.39 -22.96 25.17
CA ALA A 160 30.15 -21.53 25.15
C ALA A 160 29.22 -21.00 26.25
N TYR A 161 28.14 -21.74 26.53
CA TYR A 161 27.21 -21.37 27.60
C TYR A 161 27.87 -21.43 28.97
N GLU A 162 28.74 -22.42 29.13
CA GLU A 162 29.45 -22.63 30.39
C GLU A 162 30.54 -21.57 30.55
N ALA A 163 31.12 -21.14 29.43
CA ALA A 163 32.09 -20.03 29.43
C ALA A 163 31.43 -18.65 29.47
N ARG A 164 30.12 -18.63 29.69
CA ARG A 164 29.36 -17.39 29.82
C ARG A 164 29.45 -16.51 28.56
N ARG A 165 29.80 -17.11 27.43
CA ARG A 165 29.91 -16.37 26.17
C ARG A 165 28.60 -16.41 25.37
N PHE A 166 27.62 -17.15 25.90
CA PHE A 166 26.37 -17.39 25.21
C PHE A 166 25.22 -17.03 26.17
N THR A 167 24.69 -15.81 26.02
CA THR A 167 23.78 -15.23 27.00
C THR A 167 22.37 -15.01 26.44
N ARG A 168 22.20 -15.21 25.14
CA ARG A 168 20.99 -14.81 24.46
C ARG A 168 20.63 -15.68 23.25
N ILE A 169 19.35 -16.04 23.17
CA ILE A 169 18.80 -16.80 22.07
C ILE A 169 17.73 -16.03 21.30
N ALA A 170 17.90 -15.85 20.00
CA ALA A 170 16.79 -15.36 19.17
C ALA A 170 16.21 -16.41 18.21
N VAL A 171 14.90 -16.63 18.32
CA VAL A 171 14.17 -17.49 17.38
C VAL A 171 13.30 -16.70 16.39
N ASP A 172 13.76 -16.51 15.16
CA ASP A 172 12.94 -15.78 14.18
C ASP A 172 11.79 -16.65 13.65
N GLU A 173 10.65 -16.03 13.39
CA GLU A 173 9.48 -16.73 12.82
C GLU A 173 8.93 -17.80 13.74
N VAL A 174 8.83 -17.44 15.01
CA VAL A 174 8.52 -18.38 16.07
C VAL A 174 7.19 -19.11 15.79
N HIS A 175 6.34 -18.52 14.94
CA HIS A 175 5.05 -19.10 14.55
C HIS A 175 5.11 -20.46 13.85
N CYS A 176 6.24 -20.76 13.22
CA CYS A 176 6.46 -22.07 12.60
C CYS A 176 6.33 -23.25 13.56
N CYS A 177 6.43 -22.99 14.85
CA CYS A 177 6.23 -24.03 15.84
C CYS A 177 4.85 -24.71 15.78
N SER A 178 3.81 -23.94 15.50
CA SER A 178 2.44 -24.38 15.76
C SER A 178 1.73 -25.04 14.57
N GLN A 179 0.68 -25.80 14.90
CA GLN A 179 -0.14 -26.48 13.89
C GLN A 179 -1.27 -25.56 13.48
N TRP A 180 -1.08 -24.28 13.76
CA TRP A 180 -1.97 -23.22 13.33
C TRP A 180 -1.19 -22.19 12.51
N GLY A 181 0.13 -22.15 12.71
CA GLY A 181 0.97 -21.17 12.04
C GLY A 181 1.29 -21.55 10.61
N HIS A 182 0.75 -20.78 9.67
CA HIS A 182 0.77 -21.11 8.25
C HIS A 182 2.16 -20.99 7.61
N ASP A 183 3.20 -21.41 8.33
CA ASP A 183 4.49 -21.62 7.72
C ASP A 183 5.23 -22.65 8.55
N PHE A 184 4.45 -23.56 9.13
CA PHE A 184 4.98 -24.53 10.10
C PHE A 184 6.18 -25.29 9.58
N ARG A 185 7.10 -25.62 10.50
CA ARG A 185 8.30 -26.37 10.18
C ARG A 185 8.55 -27.41 11.26
N PRO A 186 8.65 -28.70 10.88
CA PRO A 186 8.75 -29.81 11.85
C PRO A 186 9.90 -29.63 12.84
N ASP A 187 11.05 -29.22 12.31
CA ASP A 187 12.29 -29.01 13.06
C ASP A 187 12.19 -27.98 14.19
N TYR A 188 11.17 -27.12 14.12
CA TYR A 188 10.91 -26.15 15.18
C TYR A 188 10.42 -26.81 16.48
N LYS A 189 10.00 -28.07 16.39
CA LYS A 189 9.58 -28.81 17.57
C LYS A 189 10.75 -29.28 18.44
N ALA A 190 11.90 -29.52 17.83
CA ALA A 190 13.12 -29.86 18.58
C ALA A 190 13.70 -28.73 19.45
N LEU A 191 13.29 -27.50 19.18
CA LEU A 191 13.95 -26.32 19.75
C LEU A 191 13.67 -26.15 21.24
N GLY A 192 12.66 -26.85 21.75
CA GLY A 192 12.46 -26.93 23.18
C GLY A 192 13.67 -27.34 24.01
N ILE A 193 14.65 -27.98 23.39
CA ILE A 193 15.87 -28.34 24.09
C ILE A 193 16.71 -27.17 24.59
N LEU A 194 16.53 -26.02 23.97
CA LEU A 194 17.37 -24.86 24.25
C LEU A 194 17.20 -24.28 25.65
N LYS A 195 15.97 -23.98 26.04
CA LYS A 195 15.73 -23.50 27.40
C LYS A 195 15.85 -24.61 28.43
N ARG A 196 15.80 -25.84 27.95
CA ARG A 196 15.96 -26.96 28.84
C ARG A 196 17.44 -27.05 29.20
N GLN A 197 18.30 -26.99 28.19
CA GLN A 197 19.74 -27.04 28.43
C GLN A 197 20.36 -25.71 28.89
N PHE A 198 19.79 -24.59 28.45
CA PHE A 198 20.40 -23.29 28.69
C PHE A 198 19.44 -22.33 29.35
N PRO A 199 18.97 -22.68 30.56
CA PRO A 199 17.98 -21.87 31.27
C PRO A 199 18.41 -20.44 31.61
N ASN A 200 19.72 -20.18 31.68
CA ASN A 200 20.20 -18.83 31.98
C ASN A 200 20.56 -17.97 30.76
N ALA A 201 20.46 -18.55 29.58
CA ALA A 201 20.43 -17.79 28.33
C ALA A 201 19.03 -17.27 28.13
N SER A 202 18.87 -15.97 27.96
CA SER A 202 17.54 -15.44 27.70
C SER A 202 17.12 -15.68 26.25
N LEU A 203 15.82 -15.86 26.07
CA LEU A 203 15.23 -16.14 24.75
C LEU A 203 14.26 -15.06 24.27
N ILE A 204 14.42 -14.66 23.02
CA ILE A 204 13.48 -13.75 22.35
C ILE A 204 12.85 -14.41 21.10
N GLY A 205 11.52 -14.42 21.02
CA GLY A 205 10.79 -14.89 19.85
C GLY A 205 10.21 -13.76 19.02
N LEU A 206 10.46 -13.76 17.71
CA LEU A 206 9.94 -12.72 16.80
C LEU A 206 9.03 -13.29 15.73
N THR A 207 7.94 -12.56 15.47
CA THR A 207 7.02 -12.93 14.41
C THR A 207 6.10 -11.77 14.08
N ALA A 208 5.56 -11.76 12.86
CA ALA A 208 4.47 -10.88 12.50
C ALA A 208 3.11 -11.57 12.62
N THR A 209 3.10 -12.89 12.45
CA THR A 209 1.89 -13.68 12.20
C THR A 209 1.56 -14.51 13.45
N ALA A 210 0.92 -13.88 14.44
CA ALA A 210 0.80 -14.48 15.77
C ALA A 210 -0.62 -14.44 16.35
N THR A 211 -1.23 -15.62 16.37
CA THR A 211 -2.48 -15.86 17.08
C THR A 211 -2.21 -16.37 18.49
N ASN A 212 -3.11 -16.06 19.42
CA ASN A 212 -2.95 -16.45 20.82
C ASN A 212 -2.70 -17.93 21.02
N HIS A 213 -3.23 -18.75 20.14
CA HIS A 213 -3.08 -20.19 20.26
C HIS A 213 -1.86 -20.69 19.51
N VAL A 214 -1.28 -19.85 18.65
CA VAL A 214 0.05 -20.12 18.09
C VAL A 214 1.12 -19.73 19.08
N LEU A 215 0.86 -18.67 19.84
CA LEU A 215 1.78 -18.22 20.87
C LEU A 215 1.73 -19.16 22.06
N THR A 216 0.51 -19.49 22.45
CA THR A 216 0.27 -20.42 23.53
C THR A 216 0.97 -21.74 23.22
N ASP A 217 1.07 -22.10 21.94
CA ASP A 217 1.74 -23.34 21.54
C ASP A 217 3.27 -23.24 21.50
N ALA A 218 3.78 -22.15 20.95
CA ALA A 218 5.23 -21.92 20.95
C ALA A 218 5.84 -21.82 22.33
N GLN A 219 5.13 -21.19 23.25
CA GLN A 219 5.56 -21.14 24.64
C GLN A 219 5.72 -22.53 25.28
N LYS A 220 4.85 -23.48 24.91
CA LYS A 220 5.01 -24.87 25.34
C LYS A 220 6.15 -25.62 24.66
N ILE A 221 6.21 -25.50 23.34
CA ILE A 221 7.22 -26.19 22.54
C ILE A 221 8.62 -25.81 22.95
N LEU A 222 8.78 -24.54 23.26
CA LEU A 222 10.07 -23.98 23.58
C LEU A 222 10.43 -24.18 25.05
N CYS A 223 9.47 -24.73 25.80
CA CYS A 223 9.64 -25.03 27.21
C CYS A 223 9.83 -23.75 28.01
N ILE A 224 8.94 -22.79 27.75
CA ILE A 224 8.97 -21.49 28.41
C ILE A 224 7.80 -21.26 29.36
N GLU A 225 8.10 -20.77 30.57
CA GLU A 225 7.14 -20.04 31.41
C GLU A 225 7.87 -19.54 32.66
N LYS A 226 7.84 -18.25 32.99
CA LYS A 226 6.92 -17.24 32.44
C LYS A 226 7.49 -16.49 31.25
N CYS A 227 6.68 -15.60 30.68
CA CYS A 227 7.00 -14.97 29.41
C CYS A 227 6.28 -13.63 29.30
N PHE A 228 6.91 -12.62 28.71
CA PHE A 228 6.20 -11.42 28.28
C PHE A 228 5.74 -11.51 26.83
N THR A 229 4.58 -10.93 26.56
CA THR A 229 4.11 -10.75 25.18
C THR A 229 3.82 -9.28 24.85
N PHE A 230 4.63 -8.75 23.94
CA PHE A 230 4.47 -7.40 23.42
C PHE A 230 3.93 -7.43 22.01
N THR A 231 2.81 -6.74 21.81
CA THR A 231 2.18 -6.67 20.51
C THR A 231 2.27 -5.24 20.05
N ALA A 232 2.99 -5.05 18.95
CA ALA A 232 3.03 -3.78 18.24
C ALA A 232 1.82 -3.55 17.38
N SER A 233 1.44 -2.29 17.32
CA SER A 233 0.32 -1.93 16.49
C SER A 233 0.65 -2.09 15.04
N PHE A 234 -0.38 -2.46 14.30
CA PHE A 234 -0.29 -2.68 12.87
C PHE A 234 0.00 -1.39 12.12
N ASN A 235 -0.52 -0.30 12.66
CA ASN A 235 -0.55 0.97 11.96
C ASN A 235 0.74 1.48 11.33
N ARG A 236 0.61 1.86 10.07
CA ARG A 236 1.65 2.49 9.30
C ARG A 236 1.16 3.87 8.86
N PRO A 237 1.34 4.91 9.71
CA PRO A 237 0.68 6.20 9.51
C PRO A 237 0.86 6.85 8.14
N ASN A 238 1.92 6.53 7.41
CA ASN A 238 2.16 7.11 6.09
C ASN A 238 1.45 6.46 4.90
N LEU A 239 0.65 5.42 5.13
CA LEU A 239 0.00 4.66 4.05
C LEU A 239 -1.43 5.12 3.70
N TYR A 240 -1.69 5.40 2.41
CA TYR A 240 -3.05 5.72 1.97
C TYR A 240 -3.79 4.47 1.48
N TYR A 241 -4.92 4.15 2.11
CA TYR A 241 -5.72 2.98 1.76
C TYR A 241 -6.98 3.34 0.98
N GLU A 242 -7.09 2.76 -0.22
CA GLU A 242 -8.23 2.97 -1.10
C GLU A 242 -8.68 1.68 -1.74
N VAL A 243 -9.99 1.54 -1.90
CA VAL A 243 -10.56 0.50 -2.75
C VAL A 243 -11.31 1.10 -3.95
N ARG A 244 -10.86 0.77 -5.16
CA ARG A 244 -11.59 1.15 -6.36
C ARG A 244 -12.32 -0.03 -6.97
N GLN A 245 -13.38 0.27 -7.72
CA GLN A 245 -14.09 -0.74 -8.49
C GLN A 245 -13.15 -1.24 -9.59
N LYS A 246 -13.06 -2.54 -9.76
CA LYS A 246 -12.28 -3.09 -10.87
C LYS A 246 -13.10 -3.09 -12.16
N PRO A 247 -12.53 -2.60 -13.27
CA PRO A 247 -13.32 -2.55 -14.51
C PRO A 247 -13.54 -3.91 -15.16
N SER A 248 -14.70 -4.07 -15.77
CA SER A 248 -15.00 -5.29 -16.50
C SER A 248 -14.10 -5.51 -17.70
N ASN A 249 -13.89 -4.46 -18.49
CA ASN A 249 -12.93 -4.54 -19.59
C ASN A 249 -11.49 -4.52 -19.09
N THR A 250 -10.74 -5.54 -19.50
CA THR A 250 -9.35 -5.67 -19.10
C THR A 250 -8.38 -4.73 -19.79
N GLU A 251 -8.77 -4.18 -20.92
CA GLU A 251 -7.92 -3.23 -21.61
C GLU A 251 -8.17 -1.84 -21.07
N ASP A 252 -9.40 -1.60 -20.64
CA ASP A 252 -9.75 -0.39 -19.92
C ASP A 252 -9.11 -0.36 -18.54
N PHE A 253 -8.88 -1.55 -17.97
CA PHE A 253 -8.30 -1.66 -16.64
C PHE A 253 -6.83 -1.30 -16.74
N ILE A 254 -6.19 -1.79 -17.79
CA ILE A 254 -4.81 -1.43 -18.07
C ILE A 254 -4.70 0.07 -18.26
N GLU A 255 -5.57 0.64 -19.08
CA GLU A 255 -5.58 2.09 -19.30
C GLU A 255 -5.73 2.93 -18.03
N ASP A 256 -6.56 2.47 -17.10
CA ASP A 256 -6.70 3.15 -15.82
C ASP A 256 -5.43 3.18 -15.00
N ILE A 257 -4.68 2.10 -15.10
CA ILE A 257 -3.45 1.95 -14.35
C ILE A 257 -2.34 2.85 -14.86
N VAL A 258 -2.06 2.76 -16.16
CA VAL A 258 -1.08 3.61 -16.83
C VAL A 258 -1.25 5.11 -16.55
N LYS A 259 -2.49 5.55 -16.36
CA LYS A 259 -2.74 6.97 -16.06
C LYS A 259 -2.28 7.33 -14.65
N LEU A 260 -2.38 6.38 -13.73
CA LEU A 260 -1.80 6.55 -12.40
C LEU A 260 -0.27 6.56 -12.44
N ILE A 261 0.30 5.57 -13.13
CA ILE A 261 1.74 5.37 -13.13
C ILE A 261 2.45 6.53 -13.81
N ASN A 262 1.80 7.06 -14.84
CA ASN A 262 2.34 8.17 -15.60
C ASN A 262 1.80 9.48 -15.10
N GLY A 263 0.95 9.40 -14.09
CA GLY A 263 0.41 10.60 -13.51
C GLY A 263 1.01 10.78 -12.13
N ARG A 264 0.24 10.46 -11.10
CA ARG A 264 0.70 10.66 -9.72
C ARG A 264 2.01 9.92 -9.40
N TYR A 265 2.25 8.76 -10.00
CA TYR A 265 3.44 7.96 -9.70
C TYR A 265 4.55 8.02 -10.74
N LYS A 266 4.65 9.13 -11.45
CA LYS A 266 5.66 9.26 -12.48
C LYS A 266 7.04 9.19 -11.84
N GLY A 267 7.92 8.34 -12.38
CA GLY A 267 9.24 8.13 -11.82
C GLY A 267 9.34 7.28 -10.55
N GLN A 268 8.24 7.09 -9.81
CA GLN A 268 8.31 6.40 -8.51
C GLN A 268 8.22 4.88 -8.62
N SER A 269 8.71 4.19 -7.59
CA SER A 269 8.74 2.72 -7.56
C SER A 269 7.44 2.16 -6.97
N GLY A 270 7.01 0.99 -7.43
CA GLY A 270 5.83 0.34 -6.88
C GLY A 270 5.62 -1.13 -7.24
N ILE A 271 4.56 -1.72 -6.69
CA ILE A 271 4.21 -3.12 -6.94
C ILE A 271 2.75 -3.26 -7.36
N ILE A 272 2.50 -4.13 -8.35
CA ILE A 272 1.16 -4.62 -8.66
C ILE A 272 0.96 -6.07 -8.29
N TYR A 273 0.08 -6.34 -7.34
CA TYR A 273 -0.24 -7.73 -6.97
C TYR A 273 -1.42 -8.36 -7.73
N CYS A 274 -1.17 -9.53 -8.30
CA CYS A 274 -2.13 -10.28 -9.11
C CYS A 274 -2.45 -11.62 -8.48
N PHE A 275 -3.66 -12.08 -8.74
CA PHE A 275 -4.14 -13.36 -8.27
C PHE A 275 -3.29 -14.54 -8.76
N SER A 276 -2.94 -14.55 -10.04
CA SER A 276 -2.24 -15.69 -10.63
C SER A 276 -0.99 -15.34 -11.41
N GLN A 277 -0.25 -16.35 -11.83
CA GLN A 277 0.91 -16.13 -12.68
C GLN A 277 0.57 -15.65 -14.07
N LYS A 278 -0.58 -16.09 -14.59
CA LYS A 278 -0.96 -15.71 -15.94
C LYS A 278 -1.37 -14.24 -15.92
N ASP A 279 -2.13 -13.88 -14.89
CA ASP A 279 -2.49 -12.50 -14.65
C ASP A 279 -1.25 -11.64 -14.65
N SER A 280 -0.21 -12.15 -14.02
CA SER A 280 0.99 -11.38 -13.89
C SER A 280 1.71 -11.23 -15.23
N GLU A 281 1.86 -12.33 -15.95
CA GLU A 281 2.49 -12.30 -17.27
C GLU A 281 1.72 -11.43 -18.26
N GLN A 282 0.40 -11.55 -18.26
CA GLN A 282 -0.45 -10.76 -19.14
C GLN A 282 -0.35 -9.28 -18.88
N VAL A 283 -0.57 -8.89 -17.64
CA VAL A 283 -0.56 -7.49 -17.29
C VAL A 283 0.80 -6.88 -17.59
N THR A 284 1.85 -7.64 -17.33
CA THR A 284 3.20 -7.17 -17.63
C THR A 284 3.33 -6.81 -19.10
N VAL A 285 3.19 -7.80 -19.96
CA VAL A 285 3.18 -7.60 -21.39
C VAL A 285 2.31 -6.40 -21.74
N SER A 286 1.07 -6.39 -21.30
CA SER A 286 0.14 -5.28 -21.53
C SER A 286 0.77 -3.93 -21.22
N LEU A 287 1.45 -3.82 -20.07
CA LEU A 287 2.07 -2.56 -19.68
C LEU A 287 3.34 -2.26 -20.46
N GLN A 288 4.10 -3.31 -20.75
CA GLN A 288 5.32 -3.19 -21.52
C GLN A 288 5.02 -2.54 -22.88
N ASN A 289 4.00 -3.06 -23.55
CA ASN A 289 3.56 -2.53 -24.82
C ASN A 289 3.19 -1.06 -24.76
N LEU A 290 2.73 -0.61 -23.58
CA LEU A 290 2.33 0.79 -23.41
C LEU A 290 3.42 1.70 -22.84
N GLY A 291 4.66 1.24 -22.84
CA GLY A 291 5.79 2.07 -22.46
C GLY A 291 6.36 1.79 -21.08
N ILE A 292 5.55 1.19 -20.20
CA ILE A 292 5.92 0.97 -18.81
C ILE A 292 7.01 -0.07 -18.70
N HIS A 293 8.01 0.24 -17.88
CA HIS A 293 9.05 -0.72 -17.56
C HIS A 293 8.54 -1.67 -16.48
N ALA A 294 7.76 -2.66 -16.90
CA ALA A 294 7.09 -3.58 -15.96
C ALA A 294 7.70 -4.98 -16.05
N GLY A 295 7.84 -5.66 -14.91
CA GLY A 295 8.40 -7.01 -14.88
C GLY A 295 7.58 -8.00 -14.06
N ALA A 296 7.56 -9.25 -14.51
CA ALA A 296 6.70 -10.29 -13.94
C ALA A 296 7.44 -11.21 -12.97
N TYR A 297 6.80 -11.53 -11.85
CA TYR A 297 7.38 -12.44 -10.84
C TYR A 297 6.36 -13.42 -10.23
N HIS A 298 6.49 -14.70 -10.58
CA HIS A 298 5.67 -15.75 -10.00
C HIS A 298 6.54 -16.95 -9.68
N ALA A 299 5.95 -17.95 -9.03
CA ALA A 299 6.74 -19.05 -8.50
C ALA A 299 7.35 -19.91 -9.59
N ASN A 300 6.63 -20.08 -10.70
CA ASN A 300 7.12 -20.97 -11.74
C ASN A 300 8.30 -20.39 -12.48
N LEU A 301 8.56 -19.10 -12.30
CA LEU A 301 9.65 -18.49 -13.03
C LEU A 301 10.97 -19.20 -12.74
N GLU A 302 11.76 -19.40 -13.78
CA GLU A 302 13.11 -19.90 -13.61
C GLU A 302 13.85 -18.91 -12.72
N PRO A 303 14.49 -19.40 -11.66
CA PRO A 303 15.03 -18.51 -10.62
C PRO A 303 16.07 -17.54 -11.15
N GLU A 304 16.68 -17.82 -12.30
CA GLU A 304 17.51 -16.81 -12.93
C GLU A 304 16.65 -15.57 -13.15
N ASP A 305 15.41 -15.72 -13.62
CA ASP A 305 14.56 -14.56 -13.90
C ASP A 305 13.90 -14.01 -12.65
N LYS A 306 13.67 -14.87 -11.67
CA LYS A 306 13.20 -14.39 -10.38
C LYS A 306 14.19 -13.39 -9.81
N THR A 307 15.47 -13.68 -9.95
CA THR A 307 16.53 -12.81 -9.45
C THR A 307 16.72 -11.56 -10.31
N THR A 308 16.77 -11.77 -11.62
CA THR A 308 16.89 -10.71 -12.61
C THR A 308 15.94 -9.56 -12.33
N VAL A 309 14.69 -9.90 -12.05
CA VAL A 309 13.65 -8.92 -11.81
C VAL A 309 13.90 -8.12 -10.51
N HIS A 310 14.22 -8.79 -9.41
CA HIS A 310 14.55 -8.08 -8.16
C HIS A 310 15.72 -7.10 -8.25
N ARG A 311 16.85 -7.53 -8.79
CA ARG A 311 17.99 -6.63 -8.97
C ARG A 311 17.60 -5.31 -9.64
N LYS A 312 17.07 -5.40 -10.86
CA LYS A 312 16.71 -4.22 -11.65
C LYS A 312 15.67 -3.31 -11.01
N TRP A 313 14.77 -3.90 -10.23
CA TRP A 313 13.69 -3.17 -9.57
C TRP A 313 14.25 -2.41 -8.38
N SER A 314 15.12 -3.07 -7.63
CA SER A 314 15.70 -2.50 -6.44
C SER A 314 16.61 -1.37 -6.88
N ALA A 315 17.26 -1.58 -8.03
CA ALA A 315 18.10 -0.55 -8.62
C ALA A 315 17.30 0.46 -9.46
N ASN A 316 15.97 0.42 -9.37
CA ASN A 316 15.11 1.40 -10.05
C ASN A 316 15.19 1.38 -11.58
N GLU A 317 15.73 0.30 -12.15
CA GLU A 317 15.69 0.14 -13.60
C GLU A 317 14.28 -0.24 -14.01
N ILE A 318 13.68 -1.18 -13.26
CA ILE A 318 12.26 -1.49 -13.37
C ILE A 318 11.44 -0.62 -12.42
N GLN A 319 10.37 -0.03 -12.91
CA GLN A 319 9.54 0.82 -12.07
C GLN A 319 8.56 -0.01 -11.25
N VAL A 320 8.07 -1.09 -11.85
CA VAL A 320 7.05 -1.92 -11.24
C VAL A 320 7.27 -3.42 -11.41
N VAL A 321 7.14 -4.14 -10.30
CA VAL A 321 7.06 -5.60 -10.35
C VAL A 321 5.60 -6.02 -10.38
N VAL A 322 5.24 -6.81 -11.38
CA VAL A 322 3.91 -7.36 -11.50
C VAL A 322 3.92 -8.81 -11.04
N ALA A 323 3.32 -9.10 -9.88
CA ALA A 323 3.63 -10.33 -9.18
C ALA A 323 2.46 -11.02 -8.47
N THR A 324 2.65 -12.32 -8.25
CA THR A 324 1.79 -13.11 -7.38
C THR A 324 2.43 -13.00 -6.01
N VAL A 325 1.73 -13.50 -5.02
CA VAL A 325 2.22 -13.54 -3.65
C VAL A 325 3.64 -14.11 -3.52
N ALA A 326 4.15 -14.76 -4.56
CA ALA A 326 5.52 -15.27 -4.56
C ALA A 326 6.56 -14.19 -4.43
N PHE A 327 6.21 -12.97 -4.78
CA PHE A 327 7.06 -11.83 -4.49
C PHE A 327 6.69 -11.23 -3.12
N GLY A 328 7.49 -11.51 -2.10
CA GLY A 328 7.17 -11.06 -0.76
C GLY A 328 8.22 -11.34 0.30
N MET A 329 8.64 -12.59 0.42
CA MET A 329 9.58 -13.03 1.44
C MET A 329 10.92 -12.32 1.27
N GLY A 330 11.23 -11.42 2.20
CA GLY A 330 12.51 -10.74 2.21
C GLY A 330 12.61 -9.47 1.37
N ILE A 331 11.46 -8.87 1.10
CA ILE A 331 11.39 -7.57 0.45
C ILE A 331 11.56 -6.51 1.52
N ASP A 332 12.58 -5.67 1.38
CA ASP A 332 12.77 -4.55 2.29
C ASP A 332 13.02 -3.20 1.62
N LYS A 333 12.76 -3.08 0.33
CA LYS A 333 12.96 -1.80 -0.39
C LYS A 333 12.19 -0.65 0.29
N PRO A 334 12.87 0.47 0.55
CA PRO A 334 12.27 1.52 1.39
C PRO A 334 11.39 2.51 0.66
N ASP A 335 11.62 2.73 -0.63
CA ASP A 335 10.94 3.80 -1.36
C ASP A 335 9.91 3.23 -2.31
N VAL A 336 9.17 2.25 -1.83
CA VAL A 336 8.05 1.75 -2.60
C VAL A 336 6.92 2.71 -2.33
N ARG A 337 6.55 3.49 -3.34
CA ARG A 337 5.58 4.56 -3.16
C ARG A 337 4.11 4.13 -3.40
N PHE A 338 3.91 3.09 -4.22
CA PHE A 338 2.57 2.49 -4.38
C PHE A 338 2.53 0.96 -4.42
N VAL A 339 1.55 0.36 -3.73
CA VAL A 339 1.13 -1.02 -3.98
C VAL A 339 -0.30 -1.10 -4.52
N ILE A 340 -0.43 -1.60 -5.74
CA ILE A 340 -1.74 -1.85 -6.36
C ILE A 340 -2.10 -3.32 -6.33
N HIS A 341 -3.29 -3.61 -5.85
CA HIS A 341 -3.88 -4.94 -5.96
C HIS A 341 -4.79 -5.09 -7.18
N HIS A 342 -4.24 -5.70 -8.21
CA HIS A 342 -4.97 -6.05 -9.42
C HIS A 342 -6.18 -6.95 -9.15
N SER A 343 -6.01 -7.92 -8.25
CA SER A 343 -7.13 -8.60 -7.62
C SER A 343 -6.96 -8.55 -6.10
N MET A 344 -8.06 -8.67 -5.36
CA MET A 344 -7.99 -8.83 -3.90
C MET A 344 -7.18 -10.04 -3.45
N SER A 345 -6.61 -9.92 -2.25
CA SER A 345 -5.91 -11.01 -1.57
C SER A 345 -6.82 -12.09 -1.01
N LYS A 346 -6.23 -13.15 -0.48
CA LYS A 346 -7.00 -14.23 0.14
C LYS A 346 -7.56 -13.91 1.51
N SER A 347 -6.96 -12.93 2.17
CA SER A 347 -7.30 -12.64 3.55
C SER A 347 -6.84 -11.26 3.90
N MET A 348 -7.43 -10.69 4.94
CA MET A 348 -7.00 -9.39 5.45
C MET A 348 -5.53 -9.42 5.85
N GLU A 349 -5.12 -10.55 6.37
CA GLU A 349 -3.76 -10.75 6.86
C GLU A 349 -2.81 -10.74 5.68
N ASN A 350 -3.20 -11.37 4.57
CA ASN A 350 -2.36 -11.30 3.39
C ASN A 350 -2.34 -9.90 2.81
N TYR A 351 -3.46 -9.19 2.85
CA TYR A 351 -3.48 -7.88 2.23
C TYR A 351 -2.54 -6.92 2.95
N TYR A 352 -2.75 -6.81 4.25
CA TYR A 352 -1.91 -5.99 5.11
C TYR A 352 -0.45 -6.20 4.87
N GLN A 353 -0.08 -7.47 4.78
CA GLN A 353 1.31 -7.84 4.69
C GLN A 353 1.79 -7.51 3.30
N GLU A 354 0.91 -7.69 2.32
CA GLU A 354 1.27 -7.45 0.94
C GLU A 354 1.36 -5.96 0.66
N SER A 355 0.38 -5.23 1.17
CA SER A 355 0.31 -3.79 1.02
C SER A 355 1.29 -3.08 1.93
N GLY A 356 1.68 -3.77 3.00
CA GLY A 356 2.58 -3.22 4.00
C GLY A 356 4.01 -3.08 3.51
N ARG A 357 4.30 -3.65 2.35
CA ARG A 357 5.58 -3.47 1.68
C ARG A 357 5.78 -2.09 1.06
N ALA A 358 4.72 -1.30 0.98
CA ALA A 358 4.80 0.11 0.58
C ALA A 358 5.32 1.05 1.66
N GLY A 359 6.14 2.03 1.26
CA GLY A 359 6.47 3.16 2.11
C GLY A 359 7.21 2.76 3.36
N ARG A 360 8.22 1.94 3.18
CA ARG A 360 9.04 1.49 4.28
C ARG A 360 10.05 2.57 4.64
N ASP A 361 10.04 3.67 3.89
CA ASP A 361 10.80 4.85 4.29
C ASP A 361 9.96 5.79 5.15
N ASP A 362 8.71 5.42 5.39
CA ASP A 362 7.82 6.16 6.28
C ASP A 362 7.31 7.47 5.67
N MET A 363 7.68 7.72 4.43
CA MET A 363 7.11 8.83 3.67
C MET A 363 5.82 8.40 3.00
N LYS A 364 4.96 9.36 2.63
CA LYS A 364 3.63 9.04 2.08
C LYS A 364 3.66 8.02 0.94
N ALA A 365 2.75 7.04 1.00
CA ALA A 365 2.64 6.03 -0.04
C ALA A 365 1.19 5.59 -0.22
N ASP A 366 0.87 5.08 -1.40
CA ASP A 366 -0.49 4.76 -1.77
C ASP A 366 -0.73 3.23 -1.82
N CYS A 367 -1.84 2.77 -1.28
CA CYS A 367 -2.23 1.37 -1.33
C CYS A 367 -3.59 1.13 -1.96
N ILE A 368 -3.63 0.73 -3.23
CA ILE A 368 -4.88 0.70 -4.00
C ILE A 368 -5.36 -0.67 -4.46
N LEU A 369 -6.52 -1.08 -3.96
CA LEU A 369 -7.07 -2.40 -4.28
C LEU A 369 -8.22 -2.29 -5.28
N TYR A 370 -8.10 -2.99 -6.41
CA TYR A 370 -9.21 -3.10 -7.37
C TYR A 370 -10.07 -4.32 -7.07
N TYR A 371 -11.26 -4.03 -6.58
CA TYR A 371 -12.26 -5.02 -6.24
C TYR A 371 -13.12 -5.38 -7.43
N GLY A 372 -13.06 -6.66 -7.83
CA GLY A 372 -13.89 -7.15 -8.92
C GLY A 372 -14.69 -8.36 -8.51
N PHE A 373 -16.01 -8.27 -8.64
CA PHE A 373 -16.90 -9.40 -8.42
C PHE A 373 -16.40 -10.79 -8.82
N GLY A 374 -15.91 -10.93 -10.04
CA GLY A 374 -15.50 -12.23 -10.51
C GLY A 374 -14.40 -12.81 -9.69
N ASP A 375 -13.64 -11.95 -9.04
CA ASP A 375 -12.43 -12.36 -8.36
C ASP A 375 -12.71 -13.15 -7.11
N ILE A 376 -13.83 -12.85 -6.48
CA ILE A 376 -14.28 -13.61 -5.34
C ILE A 376 -14.17 -15.09 -5.64
N PHE A 377 -14.70 -15.47 -6.77
CA PHE A 377 -14.94 -16.86 -7.09
C PHE A 377 -13.70 -17.51 -7.62
N ARG A 378 -12.87 -16.74 -8.30
CA ARG A 378 -11.57 -17.25 -8.69
C ARG A 378 -10.76 -17.58 -7.46
N ILE A 379 -10.86 -16.73 -6.46
CA ILE A 379 -10.15 -16.91 -5.19
C ILE A 379 -10.84 -17.96 -4.35
N SER A 380 -12.16 -17.86 -4.25
CA SER A 380 -12.97 -18.79 -3.47
C SER A 380 -12.69 -20.24 -3.86
N SER A 381 -12.70 -20.51 -5.15
CA SER A 381 -12.43 -21.85 -5.66
C SER A 381 -11.06 -22.40 -5.26
N MET A 382 -10.05 -21.55 -5.29
CA MET A 382 -8.69 -21.97 -5.01
C MET A 382 -8.35 -22.32 -3.56
N VAL A 383 -9.03 -21.70 -2.60
CA VAL A 383 -8.67 -21.90 -1.20
C VAL A 383 -9.66 -22.84 -0.56
N VAL A 384 -10.30 -23.59 -1.44
CA VAL A 384 -11.37 -24.49 -1.08
C VAL A 384 -10.79 -25.48 -0.11
N MET A 385 -9.55 -25.91 -0.38
CA MET A 385 -8.89 -26.86 0.48
C MET A 385 -8.46 -26.29 1.82
N GLU A 386 -8.65 -24.99 2.02
CA GLU A 386 -8.28 -24.43 3.30
C GLU A 386 -9.50 -24.43 4.19
N ASN A 387 -9.31 -24.97 5.39
CA ASN A 387 -10.29 -24.97 6.47
C ASN A 387 -11.13 -23.70 6.51
N VAL A 388 -10.50 -22.59 6.90
CA VAL A 388 -11.19 -21.32 7.04
C VAL A 388 -10.85 -20.32 5.92
N GLY A 389 -10.46 -20.87 4.77
CA GLY A 389 -10.16 -20.07 3.60
C GLY A 389 -11.28 -19.13 3.22
N GLN A 390 -12.48 -19.69 3.07
CA GLN A 390 -13.64 -18.92 2.67
C GLN A 390 -13.95 -17.85 3.66
N GLN A 391 -13.94 -18.21 4.93
CA GLN A 391 -14.22 -17.25 5.99
C GLN A 391 -13.27 -16.08 5.95
N LYS A 392 -12.04 -16.33 5.53
CA LYS A 392 -11.03 -15.29 5.49
C LYS A 392 -11.26 -14.41 4.28
N LEU A 393 -11.59 -15.06 3.17
CA LEU A 393 -11.99 -14.37 1.97
C LEU A 393 -13.18 -13.47 2.22
N TYR A 394 -14.20 -13.97 2.91
CA TYR A 394 -15.41 -13.19 3.10
C TYR A 394 -15.12 -11.97 3.97
N GLU A 395 -14.16 -12.10 4.86
CA GLU A 395 -13.72 -10.98 5.67
C GLU A 395 -13.08 -9.92 4.77
N MET A 396 -12.29 -10.39 3.81
CA MET A 396 -11.72 -9.51 2.79
C MET A 396 -12.75 -8.85 1.92
N VAL A 397 -13.76 -9.61 1.55
CA VAL A 397 -14.84 -9.08 0.77
C VAL A 397 -15.58 -8.01 1.56
N SER A 398 -15.79 -8.27 2.84
CA SER A 398 -16.51 -7.32 3.67
C SER A 398 -15.76 -6.03 3.84
N TYR A 399 -14.44 -6.11 3.73
CA TYR A 399 -13.62 -4.91 3.74
C TYR A 399 -13.88 -4.14 2.45
N CYS A 400 -13.76 -4.83 1.32
CA CYS A 400 -14.00 -4.22 0.01
C CYS A 400 -15.40 -3.61 -0.13
N GLN A 401 -16.37 -4.16 0.59
CA GLN A 401 -17.75 -3.68 0.47
C GLN A 401 -18.06 -2.41 1.28
N ASN A 402 -17.20 -2.06 2.22
CA ASN A 402 -17.44 -0.94 3.12
C ASN A 402 -17.17 0.42 2.47
N ILE A 403 -18.11 1.35 2.64
CA ILE A 403 -18.04 2.68 2.00
C ILE A 403 -18.04 3.83 3.00
N SER A 404 -18.37 3.55 4.25
CA SER A 404 -18.34 4.56 5.31
C SER A 404 -17.14 4.46 6.24
N LYS A 405 -16.92 3.27 6.75
CA LYS A 405 -15.94 3.08 7.81
C LYS A 405 -14.50 3.32 7.39
N CYS A 406 -13.77 3.93 8.31
CA CYS A 406 -12.36 4.17 8.14
C CYS A 406 -11.66 2.86 7.86
N ARG A 407 -10.78 2.85 6.87
CA ARG A 407 -10.10 1.63 6.47
C ARG A 407 -9.26 1.06 7.61
N ARG A 408 -8.63 1.96 8.35
CA ARG A 408 -7.84 1.58 9.53
C ARG A 408 -8.70 0.98 10.65
N VAL A 409 -9.89 1.54 10.83
CA VAL A 409 -10.87 1.04 11.80
C VAL A 409 -11.28 -0.40 11.51
N LEU A 410 -11.40 -0.73 10.24
CA LEU A 410 -11.81 -2.05 9.81
C LEU A 410 -10.72 -3.10 10.02
N MET A 411 -9.49 -2.74 9.69
CA MET A 411 -8.32 -3.56 9.99
C MET A 411 -8.08 -3.87 11.45
N ALA A 412 -8.13 -2.84 12.29
CA ALA A 412 -7.92 -3.00 13.71
C ALA A 412 -8.91 -4.00 14.31
N GLN A 413 -10.10 -4.06 13.74
CA GLN A 413 -11.13 -5.01 14.17
C GLN A 413 -10.67 -6.44 13.91
N HIS A 414 -9.78 -6.60 12.92
CA HIS A 414 -9.31 -7.92 12.49
C HIS A 414 -8.17 -8.40 13.35
N PHE A 415 -7.30 -7.49 13.75
CA PHE A 415 -6.21 -7.86 14.63
C PHE A 415 -6.74 -7.81 16.06
N ASP A 416 -7.97 -7.31 16.20
CA ASP A 416 -8.66 -7.21 17.48
C ASP A 416 -7.87 -6.27 18.36
N GLU A 417 -7.38 -5.20 17.76
CA GLU A 417 -6.60 -4.24 18.49
C GLU A 417 -7.32 -2.95 18.88
N VAL A 418 -6.96 -2.44 20.05
CA VAL A 418 -7.62 -1.31 20.67
C VAL A 418 -7.43 -0.10 19.75
N TRP A 419 -8.31 0.09 18.79
CA TRP A 419 -8.21 1.30 17.95
C TRP A 419 -8.87 2.52 18.61
N ALA A 423 -8.00 8.15 14.28
CA ALA A 423 -6.58 8.45 14.19
C ALA A 423 -6.02 8.17 12.80
N CYS A 424 -6.89 8.19 11.80
CA CYS A 424 -6.49 8.01 10.41
C CYS A 424 -5.97 9.31 9.79
N ASN A 425 -6.63 10.42 10.10
CA ASN A 425 -6.26 11.73 9.57
C ASN A 425 -6.34 11.78 8.06
N LYS A 426 -7.52 11.44 7.55
CA LYS A 426 -7.78 11.41 6.12
C LYS A 426 -6.72 10.64 5.34
N MET A 427 -6.39 9.44 5.80
CA MET A 427 -5.41 8.63 5.10
C MET A 427 -6.07 7.34 4.64
N CYS A 428 -7.33 7.47 4.29
CA CYS A 428 -8.02 6.40 3.60
C CYS A 428 -9.14 7.04 2.81
N ASP A 429 -9.58 6.38 1.75
CA ASP A 429 -10.61 6.91 0.88
C ASP A 429 -11.90 7.27 1.61
N ASN A 430 -12.29 6.48 2.60
CA ASN A 430 -13.56 6.69 3.28
C ASN A 430 -13.52 7.83 4.28
N CYS A 431 -12.33 8.16 4.76
CA CYS A 431 -12.17 9.26 5.69
C CYS A 431 -12.20 10.58 4.93
N CYS A 432 -11.81 10.52 3.66
CA CYS A 432 -11.79 11.68 2.76
C CYS A 432 -13.15 12.02 2.16
N LYS A 433 -14.08 11.09 2.21
CA LYS A 433 -15.42 11.33 1.68
C LYS A 433 -16.15 12.39 2.47
N ASP A 434 -16.96 13.20 1.78
CA ASP A 434 -17.80 14.19 2.45
C ASP A 434 -19.23 13.67 2.47
N SER A 435 -19.44 12.53 1.84
CA SER A 435 -20.77 11.96 1.66
C SER A 435 -21.45 11.59 2.98
N ALA A 436 -22.78 11.58 2.95
CA ALA A 436 -23.58 10.94 3.99
C ALA A 436 -24.04 9.58 3.48
N PHE A 437 -24.71 8.81 4.32
CA PHE A 437 -25.12 7.45 3.96
C PHE A 437 -26.49 7.11 4.53
N GLU A 438 -27.08 6.04 4.01
CA GLU A 438 -28.32 5.51 4.59
C GLU A 438 -28.49 4.00 4.36
N ARG A 439 -29.46 3.41 5.06
CA ARG A 439 -29.75 1.99 5.00
C ARG A 439 -30.81 1.64 3.96
N LYS A 440 -30.38 1.15 2.79
CA LYS A 440 -31.33 0.72 1.77
C LYS A 440 -31.83 -0.72 1.96
N ASN A 441 -33.16 -0.90 2.00
CA ASN A 441 -33.76 -2.24 2.06
C ASN A 441 -33.73 -2.98 0.74
N ILE A 442 -32.93 -4.03 0.67
CA ILE A 442 -32.77 -4.80 -0.56
C ILE A 442 -33.37 -6.20 -0.46
N THR A 443 -34.24 -6.41 0.53
CA THR A 443 -34.83 -7.73 0.79
C THR A 443 -35.48 -8.37 -0.45
N GLU A 444 -36.33 -7.63 -1.14
CA GLU A 444 -37.02 -8.16 -2.31
C GLU A 444 -36.09 -8.67 -3.38
N TYR A 445 -34.92 -8.06 -3.49
CA TYR A 445 -33.94 -8.54 -4.45
C TYR A 445 -33.48 -9.95 -4.08
N CYS A 446 -33.37 -10.22 -2.80
CA CYS A 446 -32.99 -11.54 -2.32
C CYS A 446 -34.05 -12.59 -2.56
N ARG A 447 -35.26 -12.25 -2.16
CA ARG A 447 -36.43 -13.06 -2.46
C ARG A 447 -36.44 -13.39 -3.95
N ASP A 448 -36.22 -12.39 -4.80
CA ASP A 448 -36.22 -12.59 -6.25
C ASP A 448 -35.12 -13.55 -6.70
N LEU A 449 -33.90 -13.41 -6.16
CA LEU A 449 -32.81 -14.30 -6.54
C LEU A 449 -33.00 -15.72 -6.05
N ILE A 450 -33.65 -15.84 -4.91
CA ILE A 450 -33.97 -17.13 -4.35
C ILE A 450 -35.07 -17.83 -5.12
N LYS A 451 -35.97 -17.07 -5.71
CA LYS A 451 -36.96 -17.63 -6.63
C LYS A 451 -36.28 -18.26 -7.84
N ILE A 452 -35.25 -17.60 -8.34
CA ILE A 452 -34.46 -18.11 -9.47
C ILE A 452 -33.68 -19.38 -9.18
N LEU A 453 -33.00 -19.40 -8.04
CA LEU A 453 -32.24 -20.58 -7.64
C LEU A 453 -33.12 -21.77 -7.31
N LYS A 454 -34.22 -21.53 -6.59
CA LYS A 454 -35.19 -22.59 -6.33
C LYS A 454 -35.64 -23.22 -7.62
N GLN A 455 -35.95 -22.39 -8.61
CA GLN A 455 -36.34 -22.89 -9.90
C GLN A 455 -35.23 -23.69 -10.56
N ALA A 456 -34.00 -23.19 -10.45
CA ALA A 456 -32.85 -23.85 -11.05
C ALA A 456 -32.63 -25.26 -10.55
N GLU A 457 -32.85 -25.48 -9.26
CA GLU A 457 -32.64 -26.79 -8.68
C GLU A 457 -33.82 -27.67 -9.00
N GLU A 458 -35.01 -27.09 -8.98
CA GLU A 458 -36.21 -27.78 -9.48
C GLU A 458 -36.03 -28.18 -10.93
N LEU A 459 -35.07 -27.57 -11.62
CA LEU A 459 -34.72 -27.95 -12.99
C LEU A 459 -33.42 -28.76 -13.09
N ASN A 460 -32.86 -29.11 -11.95
CA ASN A 460 -31.57 -29.79 -11.90
C ASN A 460 -30.50 -29.01 -12.67
N GLU A 461 -30.55 -27.70 -12.53
CA GLU A 461 -29.62 -26.82 -13.18
C GLU A 461 -28.73 -26.19 -12.13
N LYS A 462 -27.44 -26.18 -12.41
CA LYS A 462 -26.47 -25.52 -11.56
C LYS A 462 -26.23 -24.12 -12.12
N LEU A 463 -26.38 -23.10 -11.27
CA LEU A 463 -26.05 -21.70 -11.65
C LEU A 463 -24.70 -21.16 -11.17
N THR A 464 -23.76 -20.96 -12.09
CA THR A 464 -22.63 -20.07 -11.82
C THR A 464 -23.15 -18.66 -11.54
N PRO A 465 -22.38 -17.86 -10.80
CA PRO A 465 -22.75 -16.47 -10.47
C PRO A 465 -23.08 -15.61 -11.70
N LEU A 466 -22.36 -15.88 -12.77
CA LEU A 466 -22.65 -15.27 -14.05
C LEU A 466 -24.05 -15.54 -14.55
N LYS A 467 -24.45 -16.80 -14.44
CA LYS A 467 -25.78 -17.23 -14.88
C LYS A 467 -26.88 -16.62 -14.04
N LEU A 468 -26.62 -16.43 -12.75
CA LEU A 468 -27.59 -15.80 -11.88
C LEU A 468 -27.87 -14.37 -12.27
N ILE A 469 -26.82 -13.61 -12.52
CA ILE A 469 -26.97 -12.20 -12.81
C ILE A 469 -27.72 -11.99 -14.11
N ASP A 470 -27.33 -12.76 -15.12
CA ASP A 470 -28.00 -12.71 -16.39
C ASP A 470 -29.48 -12.95 -16.25
N SER A 471 -29.85 -13.96 -15.49
CA SER A 471 -31.26 -14.28 -15.34
C SER A 471 -31.98 -13.15 -14.64
N TRP A 472 -31.35 -12.65 -13.59
CA TRP A 472 -31.88 -11.55 -12.82
C TRP A 472 -32.09 -10.35 -13.74
N MET A 473 -31.15 -10.20 -14.66
CA MET A 473 -31.16 -9.08 -15.58
C MET A 473 -32.09 -9.33 -16.74
N GLY A 474 -32.67 -10.52 -16.79
CA GLY A 474 -33.59 -10.88 -17.85
C GLY A 474 -32.84 -11.33 -19.10
N LYS A 475 -31.61 -11.76 -18.91
CA LYS A 475 -30.78 -12.25 -20.00
C LYS A 475 -30.47 -13.72 -19.78
N GLY A 476 -29.53 -14.27 -20.54
CA GLY A 476 -29.19 -15.68 -20.43
C GLY A 476 -30.25 -16.60 -20.96
N ALA A 477 -30.07 -17.91 -20.77
CA ALA A 477 -31.01 -18.91 -21.27
C ALA A 477 -32.39 -18.69 -20.68
N ALA A 478 -33.41 -18.71 -21.53
CA ALA A 478 -34.76 -18.36 -21.11
C ALA A 478 -35.34 -19.32 -20.08
N LYS A 479 -34.90 -20.58 -20.08
CA LYS A 479 -35.37 -21.55 -19.08
C LYS A 479 -35.02 -21.09 -17.67
N LEU A 480 -33.90 -20.39 -17.53
CA LEU A 480 -33.37 -20.00 -16.23
C LEU A 480 -34.01 -18.72 -15.64
N ARG A 481 -34.96 -18.11 -16.35
CA ARG A 481 -35.62 -16.89 -15.90
C ARG A 481 -36.99 -17.08 -15.22
N VAL A 482 -37.32 -16.16 -14.31
CA VAL A 482 -38.53 -16.25 -13.49
C VAL A 482 -39.51 -15.09 -13.77
N ALA A 483 -40.73 -15.45 -14.13
CA ALA A 483 -41.73 -14.46 -14.49
C ALA A 483 -42.02 -13.45 -13.37
N GLY A 484 -42.06 -12.20 -13.75
CA GLY A 484 -42.40 -11.12 -12.83
C GLY A 484 -41.20 -10.68 -12.03
N VAL A 485 -40.04 -11.24 -12.34
CA VAL A 485 -38.80 -10.79 -11.72
C VAL A 485 -38.12 -9.80 -12.65
N VAL A 486 -38.13 -8.54 -12.24
CA VAL A 486 -37.44 -7.50 -12.95
C VAL A 486 -36.26 -7.02 -12.12
N ALA A 487 -35.07 -7.06 -12.69
CA ALA A 487 -33.95 -6.41 -12.04
C ALA A 487 -34.20 -4.91 -12.05
N PRO A 488 -33.60 -4.21 -11.09
CA PRO A 488 -33.70 -2.75 -11.06
C PRO A 488 -32.78 -2.19 -12.13
N THR A 489 -32.96 -0.93 -12.52
CA THR A 489 -32.11 -0.38 -13.56
C THR A 489 -30.79 0.17 -13.04
N LEU A 490 -30.23 -0.52 -12.05
CA LEU A 490 -28.92 -0.20 -11.50
C LEU A 490 -27.80 -0.77 -12.39
N PRO A 491 -26.61 -0.15 -12.36
CA PRO A 491 -25.54 -0.69 -13.21
C PRO A 491 -25.07 -2.03 -12.70
N ARG A 492 -24.35 -2.74 -13.55
CA ARG A 492 -24.05 -4.13 -13.30
C ARG A 492 -23.25 -4.25 -12.02
N GLU A 493 -22.32 -3.32 -11.82
CA GLU A 493 -21.43 -3.38 -10.68
C GLU A 493 -22.17 -3.26 -9.36
N ASP A 494 -23.33 -2.60 -9.40
CA ASP A 494 -24.19 -2.49 -8.23
C ASP A 494 -24.91 -3.79 -7.92
N LEU A 495 -25.25 -4.52 -8.97
CA LEU A 495 -25.91 -5.79 -8.81
C LEU A 495 -24.92 -6.81 -8.26
N GLU A 496 -23.73 -6.82 -8.84
CA GLU A 496 -22.62 -7.60 -8.32
C GLU A 496 -22.41 -7.40 -6.82
N LYS A 497 -22.57 -6.17 -6.36
CA LYS A 497 -22.39 -5.86 -4.95
C LYS A 497 -23.50 -6.38 -4.07
N ILE A 498 -24.72 -6.33 -4.59
CA ILE A 498 -25.87 -6.85 -3.88
C ILE A 498 -25.76 -8.35 -3.71
N ILE A 499 -25.22 -9.02 -4.69
CA ILE A 499 -25.07 -10.46 -4.64
C ILE A 499 -23.95 -10.87 -3.73
N ALA A 500 -22.83 -10.19 -3.86
CA ALA A 500 -21.74 -10.32 -2.93
C ALA A 500 -22.20 -10.12 -1.49
N HIS A 501 -23.11 -9.18 -1.28
CA HIS A 501 -23.62 -8.93 0.05
C HIS A 501 -24.35 -10.14 0.66
N PHE A 502 -25.28 -10.71 -0.09
CA PHE A 502 -26.02 -11.88 0.37
C PHE A 502 -25.19 -13.12 0.58
N LEU A 503 -24.17 -13.28 -0.23
CA LEU A 503 -23.27 -14.39 -0.08
C LEU A 503 -22.58 -14.42 1.28
N ILE A 504 -21.72 -13.45 1.54
CA ILE A 504 -21.01 -13.37 2.81
C ILE A 504 -21.93 -13.32 4.01
N GLN A 505 -23.15 -12.85 3.79
CA GLN A 505 -24.16 -12.89 4.84
C GLN A 505 -24.80 -14.25 4.92
N GLN A 506 -24.49 -15.05 3.93
CA GLN A 506 -24.84 -16.45 3.90
C GLN A 506 -26.31 -16.67 3.61
N TYR A 507 -27.02 -15.62 3.18
CA TYR A 507 -28.32 -15.82 2.57
C TYR A 507 -28.16 -16.66 1.30
N LEU A 508 -27.02 -16.45 0.64
CA LEU A 508 -26.57 -17.30 -0.47
C LEU A 508 -25.31 -17.98 -0.02
N LYS A 509 -24.91 -19.00 -0.73
CA LYS A 509 -23.70 -19.70 -0.39
C LYS A 509 -23.12 -20.19 -1.68
N GLU A 510 -21.84 -20.45 -1.67
CA GLU A 510 -21.20 -21.13 -2.77
C GLU A 510 -21.25 -22.63 -2.69
N ASP A 511 -21.17 -23.22 -3.87
CA ASP A 511 -21.21 -24.65 -4.07
C ASP A 511 -20.12 -24.93 -5.08
N TYR A 512 -19.16 -25.75 -4.70
CA TYR A 512 -18.05 -26.04 -5.60
C TYR A 512 -18.30 -27.35 -6.30
N SER A 513 -17.78 -27.42 -7.52
CA SER A 513 -17.79 -28.63 -8.29
C SER A 513 -16.37 -28.91 -8.72
N PHE A 514 -15.93 -30.14 -8.53
CA PHE A 514 -14.57 -30.52 -8.90
C PHE A 514 -14.66 -31.17 -10.26
N THR A 515 -13.86 -30.68 -11.19
CA THR A 515 -13.93 -31.11 -12.58
C THR A 515 -12.54 -31.57 -12.99
N ALA A 516 -12.45 -32.19 -14.16
CA ALA A 516 -11.21 -32.75 -14.65
C ALA A 516 -10.01 -31.91 -14.28
N TYR A 517 -10.11 -30.61 -14.58
CA TYR A 517 -8.98 -29.71 -14.44
C TYR A 517 -9.19 -28.59 -13.42
N ALA A 518 -10.44 -28.26 -13.08
CA ALA A 518 -10.72 -27.05 -12.29
C ALA A 518 -11.82 -27.21 -11.25
N THR A 519 -11.69 -26.43 -10.17
CA THR A 519 -12.76 -26.26 -9.20
C THR A 519 -13.53 -25.01 -9.55
N ILE A 520 -14.83 -25.15 -9.72
CA ILE A 520 -15.68 -24.03 -10.10
C ILE A 520 -16.73 -23.78 -9.05
N SER A 521 -17.21 -22.55 -8.96
CA SER A 521 -18.15 -22.17 -7.93
C SER A 521 -19.51 -21.92 -8.53
N TYR A 522 -20.53 -22.31 -7.77
CA TYR A 522 -21.91 -22.12 -8.13
C TYR A 522 -22.48 -21.52 -6.90
N LEU A 523 -23.58 -20.81 -7.04
CA LEU A 523 -24.22 -20.23 -5.89
C LEU A 523 -25.45 -21.02 -5.58
N LYS A 524 -25.82 -21.02 -4.31
CA LYS A 524 -26.98 -21.76 -3.87
C LYS A 524 -27.57 -20.96 -2.74
N ILE A 525 -28.78 -21.34 -2.36
CA ILE A 525 -29.44 -20.80 -1.19
C ILE A 525 -28.61 -21.17 0.03
N GLY A 526 -28.24 -20.16 0.83
CA GLY A 526 -27.42 -20.39 1.99
C GLY A 526 -28.18 -20.56 3.29
N PRO A 527 -27.46 -20.85 4.39
CA PRO A 527 -28.02 -21.21 5.69
C PRO A 527 -28.98 -20.17 6.26
N LYS A 528 -28.81 -18.92 5.88
CA LYS A 528 -29.56 -17.84 6.52
C LYS A 528 -30.84 -17.49 5.76
N ALA A 529 -31.08 -18.16 4.64
CA ALA A 529 -32.28 -17.92 3.84
C ALA A 529 -33.59 -18.21 4.58
N ASN A 530 -33.53 -19.01 5.65
CA ASN A 530 -34.71 -19.34 6.45
C ASN A 530 -35.21 -18.21 7.34
N LEU A 531 -34.40 -17.17 7.45
CA LEU A 531 -34.82 -15.95 8.10
C LEU A 531 -35.89 -15.18 7.32
N LEU A 532 -35.90 -15.37 6.01
CA LEU A 532 -36.88 -14.77 5.11
C LEU A 532 -38.25 -15.43 5.15
N ASN A 533 -38.34 -16.50 5.93
CA ASN A 533 -39.62 -17.10 6.24
C ASN A 533 -40.44 -16.11 7.05
N ASN A 534 -39.73 -15.29 7.81
CA ASN A 534 -40.33 -14.08 8.32
C ASN A 534 -40.59 -13.13 7.16
N GLU A 535 -41.85 -12.88 6.88
CA GLU A 535 -42.21 -12.00 5.78
C GLU A 535 -41.94 -10.54 6.17
N ALA A 536 -41.70 -10.30 7.46
CA ALA A 536 -41.29 -8.99 7.94
C ALA A 536 -39.77 -8.81 7.94
N HIS A 537 -39.04 -9.89 7.64
CA HIS A 537 -37.58 -9.83 7.60
C HIS A 537 -37.10 -8.72 6.71
N ALA A 538 -36.02 -8.06 7.12
CA ALA A 538 -35.46 -6.93 6.40
C ALA A 538 -33.97 -7.08 6.16
N ILE A 539 -33.56 -7.04 4.89
CA ILE A 539 -32.16 -6.92 4.52
C ILE A 539 -31.84 -5.50 4.07
N THR A 540 -30.86 -4.85 4.71
CA THR A 540 -30.47 -3.48 4.37
C THR A 540 -29.01 -3.37 4.01
N MET A 541 -28.68 -2.46 3.09
CA MET A 541 -27.29 -2.21 2.71
C MET A 541 -27.00 -0.71 2.74
N GLN A 542 -25.83 -0.34 3.28
CA GLN A 542 -25.47 1.07 3.35
C GLN A 542 -25.10 1.64 1.98
N VAL A 543 -25.70 2.79 1.68
CA VAL A 543 -25.49 3.52 0.45
C VAL A 543 -25.24 5.00 0.72
N THR A 544 -24.59 5.67 -0.22
CA THR A 544 -24.43 7.13 -0.18
C THR A 544 -25.78 7.85 -0.29
N LYS A 545 -25.97 8.90 0.51
CA LYS A 545 -27.14 9.79 0.37
C LYS A 545 -26.98 10.85 -0.73
N SER B 16 -25.75 52.48 -55.77
CA SER B 16 -25.15 52.91 -54.52
C SER B 16 -25.38 51.89 -53.40
N SER B 17 -24.61 52.03 -52.32
CA SER B 17 -24.61 51.09 -51.20
C SER B 17 -25.48 51.57 -50.00
N PRO B 18 -25.70 50.70 -49.00
CA PRO B 18 -26.37 51.07 -47.72
C PRO B 18 -25.76 52.24 -46.94
N ALA B 19 -24.44 52.35 -46.94
CA ALA B 19 -23.74 53.35 -46.14
C ALA B 19 -24.21 54.76 -46.45
N ALA B 20 -24.43 55.04 -47.74
CA ALA B 20 -24.94 56.33 -48.17
C ALA B 20 -26.32 56.61 -47.59
N TRP B 21 -26.95 55.59 -47.00
CA TRP B 21 -28.29 55.73 -46.45
C TRP B 21 -28.28 55.61 -44.92
N ASN B 22 -27.13 55.31 -44.34
CA ASN B 22 -26.97 55.38 -42.89
C ASN B 22 -26.73 56.86 -42.68
N LYS B 23 -27.82 57.61 -42.69
CA LYS B 23 -27.76 59.05 -42.52
C LYS B 23 -29.09 59.64 -42.04
N GLU B 24 -29.01 60.62 -41.15
CA GLU B 24 -30.20 61.21 -40.55
C GLU B 24 -30.18 62.64 -41.07
N ASP B 25 -29.79 62.75 -42.34
CA ASP B 25 -29.72 63.99 -43.09
C ASP B 25 -31.02 64.44 -43.77
N PHE B 26 -32.02 63.58 -43.84
CA PHE B 26 -33.14 63.78 -44.75
C PHE B 26 -34.26 64.65 -44.18
N PRO B 27 -35.08 65.25 -45.07
CA PRO B 27 -36.18 66.12 -44.65
C PRO B 27 -37.16 65.42 -43.72
N TRP B 28 -37.04 64.10 -43.62
CA TRP B 28 -37.88 63.36 -42.70
C TRP B 28 -37.08 62.61 -41.65
N SER B 29 -35.96 63.16 -41.19
CA SER B 29 -35.18 62.38 -40.26
C SER B 29 -35.68 62.68 -38.86
N GLY B 30 -36.48 63.74 -38.76
CA GLY B 30 -36.88 64.28 -37.48
C GLY B 30 -38.09 63.46 -37.13
N LYS B 31 -38.97 63.43 -38.13
CA LYS B 31 -40.24 62.74 -38.10
C LYS B 31 -40.06 61.24 -37.86
N VAL B 32 -38.87 60.75 -38.15
CA VAL B 32 -38.60 59.32 -38.05
C VAL B 32 -38.01 59.05 -36.68
N LYS B 33 -36.99 59.79 -36.28
CA LYS B 33 -36.30 59.48 -35.05
C LYS B 33 -37.41 59.59 -34.00
N ASP B 34 -38.27 60.59 -34.19
CA ASP B 34 -39.40 60.86 -33.32
C ASP B 34 -40.47 59.77 -33.25
N ILE B 35 -40.90 59.27 -34.40
CA ILE B 35 -41.87 58.19 -34.41
C ILE B 35 -41.28 56.95 -33.76
N LEU B 36 -39.99 56.70 -33.98
CA LEU B 36 -39.38 55.53 -33.38
C LEU B 36 -39.35 55.63 -31.89
N GLN B 37 -38.82 56.74 -31.41
CA GLN B 37 -38.74 56.98 -29.98
C GLN B 37 -40.09 57.06 -29.25
N ASN B 38 -41.14 57.63 -29.84
CA ASN B 38 -42.34 57.79 -29.05
C ASN B 38 -43.52 56.90 -29.45
N VAL B 39 -43.78 56.76 -30.74
CA VAL B 39 -44.82 55.85 -31.18
C VAL B 39 -44.52 54.34 -31.04
N PHE B 40 -43.29 53.95 -31.36
CA PHE B 40 -42.85 52.57 -31.19
C PHE B 40 -42.26 52.29 -29.84
N LYS B 41 -41.93 53.35 -29.13
CA LYS B 41 -41.17 53.28 -27.89
C LYS B 41 -39.79 52.61 -28.01
N LEU B 42 -39.15 52.76 -29.16
CA LEU B 42 -37.85 52.16 -29.37
C LEU B 42 -36.84 53.28 -29.26
N GLU B 43 -35.61 52.98 -28.88
CA GLU B 43 -34.61 54.03 -28.71
C GLU B 43 -33.67 54.26 -29.89
N LYS B 44 -33.21 53.19 -30.52
CA LYS B 44 -32.29 53.32 -31.63
C LYS B 44 -32.65 52.35 -32.75
N PHE B 45 -32.00 52.53 -33.90
CA PHE B 45 -32.22 51.67 -35.06
C PHE B 45 -31.28 50.49 -35.05
N ARG B 46 -31.80 49.32 -35.39
CA ARG B 46 -30.94 48.18 -35.61
C ARG B 46 -30.25 48.37 -36.96
N PRO B 47 -29.20 47.57 -37.24
CA PRO B 47 -28.52 47.71 -38.52
C PRO B 47 -29.43 47.63 -39.73
N LEU B 48 -29.13 48.48 -40.70
CA LEU B 48 -29.88 48.62 -41.94
C LEU B 48 -31.31 49.12 -41.75
N GLN B 49 -31.77 49.28 -40.52
CA GLN B 49 -33.16 49.72 -40.34
C GLN B 49 -33.24 51.17 -40.74
N LEU B 50 -32.21 51.93 -40.37
CA LEU B 50 -32.21 53.34 -40.69
C LEU B 50 -32.12 53.49 -42.20
N GLU B 51 -31.17 52.76 -42.79
CA GLU B 51 -30.91 52.83 -44.22
C GLU B 51 -32.10 52.48 -45.11
N THR B 52 -32.81 51.43 -44.74
CA THR B 52 -33.98 50.96 -45.48
C THR B 52 -35.17 51.90 -45.45
N ILE B 53 -35.43 52.48 -44.28
CA ILE B 53 -36.47 53.47 -44.13
C ILE B 53 -36.18 54.68 -45.01
N ASN B 54 -34.94 55.17 -44.97
CA ASN B 54 -34.51 56.25 -45.82
C ASN B 54 -34.78 56.00 -47.30
N VAL B 55 -34.48 54.80 -47.76
CA VAL B 55 -34.64 54.49 -49.17
C VAL B 55 -36.11 54.54 -49.52
N THR B 56 -36.94 53.96 -48.68
CA THR B 56 -38.36 53.89 -48.94
C THR B 56 -39.03 55.26 -48.81
N MET B 57 -38.61 56.02 -47.80
CA MET B 57 -39.05 57.41 -47.64
C MET B 57 -38.62 58.22 -48.85
N ALA B 58 -37.46 57.90 -49.39
CA ALA B 58 -36.99 58.49 -50.62
C ALA B 58 -37.81 57.97 -51.81
N GLY B 59 -38.75 57.07 -51.53
CA GLY B 59 -39.72 56.61 -52.52
C GLY B 59 -39.14 55.68 -53.55
N LYS B 60 -38.06 54.99 -53.18
CA LYS B 60 -37.40 54.03 -54.06
C LYS B 60 -37.69 52.57 -53.68
N GLU B 61 -37.43 51.69 -54.63
CA GLU B 61 -37.60 50.24 -54.44
C GLU B 61 -36.41 49.61 -53.72
N VAL B 62 -36.69 48.74 -52.75
CA VAL B 62 -35.63 48.08 -51.97
C VAL B 62 -36.05 46.67 -51.53
N PHE B 63 -35.14 45.70 -51.69
CA PHE B 63 -35.24 44.40 -51.04
C PHE B 63 -34.41 44.32 -49.76
N LEU B 64 -35.04 43.92 -48.64
CA LEU B 64 -34.34 43.69 -47.37
C LEU B 64 -34.20 42.22 -46.97
N VAL B 65 -32.96 41.75 -46.87
CA VAL B 65 -32.68 40.41 -46.35
C VAL B 65 -32.15 40.48 -44.93
N MET B 66 -32.91 39.93 -43.98
CA MET B 66 -32.59 40.06 -42.57
C MET B 66 -33.15 38.91 -41.74
N PRO B 67 -32.35 38.38 -40.80
CA PRO B 67 -32.78 37.25 -39.97
C PRO B 67 -34.16 37.43 -39.39
N THR B 68 -34.82 36.31 -39.14
CA THR B 68 -36.14 36.33 -38.54
C THR B 68 -36.05 36.89 -37.15
N GLY B 69 -37.04 37.69 -36.76
CA GLY B 69 -36.92 38.36 -35.49
C GLY B 69 -35.96 39.53 -35.49
N GLY B 70 -35.40 39.86 -36.66
CA GLY B 70 -34.44 40.95 -36.70
C GLY B 70 -35.07 42.33 -36.66
N GLY B 71 -36.37 42.39 -36.90
CA GLY B 71 -37.08 43.66 -36.90
C GLY B 71 -37.33 44.20 -38.30
N LYS B 72 -37.81 43.32 -39.18
CA LYS B 72 -38.15 43.74 -40.53
C LYS B 72 -39.42 44.59 -40.52
N SER B 73 -40.35 44.28 -39.62
CA SER B 73 -41.67 44.89 -39.65
C SER B 73 -41.62 46.40 -39.49
N LEU B 74 -40.75 46.86 -38.59
CA LEU B 74 -40.59 48.28 -38.35
C LEU B 74 -40.41 49.11 -39.62
N CYS B 75 -39.67 48.53 -40.56
CA CYS B 75 -39.19 49.23 -41.74
C CYS B 75 -40.24 49.67 -42.80
N TYR B 76 -41.48 49.20 -42.67
CA TYR B 76 -42.58 49.72 -43.47
C TYR B 76 -43.74 50.24 -42.65
N GLN B 77 -43.81 49.79 -41.39
CA GLN B 77 -44.84 50.28 -40.50
C GLN B 77 -44.55 51.72 -40.15
N LEU B 78 -43.27 52.07 -40.03
CA LEU B 78 -42.90 53.40 -39.61
C LEU B 78 -43.15 54.40 -40.75
N PRO B 79 -42.64 54.12 -41.96
CA PRO B 79 -43.05 54.92 -43.13
C PRO B 79 -44.57 55.13 -43.29
N ALA B 80 -45.36 54.08 -43.18
CA ALA B 80 -46.82 54.19 -43.22
C ALA B 80 -47.32 55.38 -42.43
N LEU B 81 -46.69 55.57 -41.28
CA LEU B 81 -47.05 56.60 -40.32
C LEU B 81 -46.52 57.99 -40.66
N CYS B 82 -45.46 58.06 -41.47
CA CYS B 82 -44.88 59.34 -41.87
C CYS B 82 -45.46 59.82 -43.19
N SER B 83 -46.57 59.22 -43.59
CA SER B 83 -47.21 59.55 -44.85
C SER B 83 -48.70 59.70 -44.66
N ASP B 84 -49.34 60.34 -45.63
CA ASP B 84 -50.79 60.48 -45.61
C ASP B 84 -51.38 59.16 -46.09
N GLY B 85 -52.48 58.75 -45.46
CA GLY B 85 -53.11 57.50 -45.83
C GLY B 85 -52.41 56.25 -45.30
N PHE B 86 -52.48 55.19 -46.09
CA PHE B 86 -51.98 53.89 -45.69
C PHE B 86 -50.90 53.28 -46.56
N THR B 87 -50.20 52.32 -45.94
CA THR B 87 -49.23 51.48 -46.61
C THR B 87 -49.95 50.15 -46.77
N LEU B 88 -49.92 49.62 -47.98
CA LEU B 88 -50.47 48.30 -48.25
C LEU B 88 -49.47 47.21 -47.95
N VAL B 89 -49.89 46.23 -47.15
CA VAL B 89 -49.02 45.13 -46.78
C VAL B 89 -49.54 43.77 -47.22
N ILE B 90 -48.73 43.10 -48.04
CA ILE B 90 -49.05 41.77 -48.52
C ILE B 90 -48.36 40.68 -47.71
N CYS B 91 -49.17 39.77 -47.17
CA CYS B 91 -48.70 38.79 -46.18
C CYS B 91 -49.46 37.48 -46.37
N PRO B 92 -48.74 36.34 -46.40
CA PRO B 92 -49.33 35.09 -46.86
C PRO B 92 -50.25 34.39 -45.83
N LEU B 93 -49.90 34.45 -44.55
CA LEU B 93 -50.66 33.79 -43.48
C LEU B 93 -51.43 34.77 -42.59
N ILE B 94 -52.65 34.38 -42.23
CA ILE B 94 -53.48 35.14 -41.32
C ILE B 94 -52.90 35.30 -39.92
N SER B 95 -52.11 34.32 -39.50
CA SER B 95 -51.48 34.36 -38.19
C SER B 95 -50.36 35.38 -38.09
N LEU B 96 -49.55 35.45 -39.15
CA LEU B 96 -48.53 36.49 -39.26
C LEU B 96 -49.12 37.89 -39.24
N MET B 97 -50.24 38.06 -39.92
CA MET B 97 -50.94 39.34 -39.91
C MET B 97 -51.47 39.65 -38.53
N GLU B 98 -52.14 38.68 -37.92
CA GLU B 98 -52.67 38.87 -36.58
C GLU B 98 -51.57 39.16 -35.58
N ASP B 99 -50.43 38.51 -35.73
CA ASP B 99 -49.25 38.85 -34.94
C ASP B 99 -48.98 40.35 -34.93
N GLN B 100 -48.90 40.93 -36.11
CA GLN B 100 -48.54 42.34 -36.25
C GLN B 100 -49.59 43.32 -35.71
N LEU B 101 -50.85 43.06 -36.03
CA LEU B 101 -51.92 43.99 -35.69
C LEU B 101 -52.13 44.10 -34.18
N MET B 102 -51.90 42.99 -33.47
CA MET B 102 -51.96 43.00 -32.02
C MET B 102 -50.95 44.02 -31.54
N VAL B 103 -49.74 43.91 -32.07
CA VAL B 103 -48.65 44.80 -31.70
C VAL B 103 -48.98 46.24 -32.06
N LEU B 104 -49.62 46.44 -33.20
CA LEU B 104 -49.94 47.78 -33.64
C LEU B 104 -51.11 48.36 -32.86
N LYS B 105 -52.15 47.56 -32.64
CA LYS B 105 -53.26 47.98 -31.77
C LYS B 105 -52.74 48.40 -30.40
N GLN B 106 -51.87 47.58 -29.84
CA GLN B 106 -51.26 47.87 -28.54
C GLN B 106 -50.45 49.18 -28.55
N LEU B 107 -49.82 49.50 -29.67
CA LEU B 107 -49.08 50.77 -29.81
C LEU B 107 -49.99 51.96 -30.11
N GLY B 108 -51.28 51.70 -30.34
CA GLY B 108 -52.23 52.75 -30.69
C GLY B 108 -52.29 53.15 -32.16
N ILE B 109 -51.69 52.33 -33.03
CA ILE B 109 -51.66 52.60 -34.46
C ILE B 109 -52.91 52.02 -35.14
N SER B 110 -53.55 52.81 -35.99
CA SER B 110 -54.70 52.30 -36.74
C SER B 110 -54.23 51.40 -37.87
N ALA B 111 -54.45 50.11 -37.68
CA ALA B 111 -54.18 49.13 -38.73
C ALA B 111 -55.39 48.23 -38.82
N THR B 112 -55.60 47.74 -40.03
CA THR B 112 -56.67 46.83 -40.36
C THR B 112 -56.14 45.83 -41.35
N MET B 113 -56.87 44.74 -41.52
CA MET B 113 -56.47 43.73 -42.46
C MET B 113 -57.75 43.19 -43.00
N LEU B 114 -57.64 42.34 -44.03
CA LEU B 114 -58.79 41.66 -44.53
C LEU B 114 -58.48 40.20 -44.71
N ASN B 115 -59.55 39.43 -44.59
CA ASN B 115 -59.53 37.99 -44.57
C ASN B 115 -60.36 37.30 -45.63
N ALA B 116 -60.29 35.97 -45.64
CA ALA B 116 -61.28 35.18 -46.31
C ALA B 116 -62.54 35.32 -45.48
N SER B 117 -62.41 35.03 -44.18
CA SER B 117 -63.56 35.02 -43.26
C SER B 117 -63.89 36.39 -42.69
N SER B 118 -63.57 37.45 -43.42
CA SER B 118 -63.77 38.81 -42.93
C SER B 118 -65.24 39.22 -42.92
N SER B 119 -65.63 40.02 -41.93
CA SER B 119 -67.03 40.42 -41.82
C SER B 119 -67.41 41.43 -42.91
N LYS B 120 -68.62 41.27 -43.41
CA LYS B 120 -69.21 42.19 -44.40
C LYS B 120 -69.19 43.63 -43.90
N GLU B 121 -69.44 43.79 -42.61
CA GLU B 121 -69.43 45.09 -41.98
C GLU B 121 -68.01 45.64 -41.98
N HIS B 122 -67.05 44.74 -41.78
CA HIS B 122 -65.66 45.14 -41.72
C HIS B 122 -65.12 45.48 -43.10
N VAL B 123 -65.41 44.65 -44.09
CA VAL B 123 -65.01 44.97 -45.46
C VAL B 123 -65.59 46.32 -45.93
N LYS B 124 -66.87 46.53 -45.65
CA LYS B 124 -67.53 47.78 -46.02
C LYS B 124 -66.82 48.97 -45.42
N TRP B 125 -66.48 48.85 -44.14
CA TRP B 125 -65.79 49.93 -43.44
C TRP B 125 -64.40 50.17 -44.01
N VAL B 126 -63.67 49.09 -44.31
CA VAL B 126 -62.34 49.22 -44.87
C VAL B 126 -62.42 49.98 -46.19
N HIS B 127 -63.30 49.54 -47.08
CA HIS B 127 -63.43 50.17 -48.38
C HIS B 127 -63.65 51.66 -48.23
N ALA B 128 -64.52 52.03 -47.28
CA ALA B 128 -64.76 53.42 -47.02
C ALA B 128 -63.49 54.13 -46.57
N GLU B 129 -62.74 53.50 -45.67
CA GLU B 129 -61.53 54.12 -45.11
C GLU B 129 -60.47 54.40 -46.18
N MET B 130 -60.34 53.48 -47.15
CA MET B 130 -59.30 53.60 -48.17
C MET B 130 -59.40 54.84 -49.02
N VAL B 131 -60.63 55.22 -49.32
CA VAL B 131 -60.90 56.40 -50.13
C VAL B 131 -61.35 57.54 -49.25
N ASN B 132 -61.76 57.20 -48.04
CA ASN B 132 -62.06 58.23 -47.08
C ASN B 132 -60.78 59.02 -46.86
N LYS B 133 -60.82 60.31 -47.18
CA LYS B 133 -59.64 61.14 -47.12
C LYS B 133 -59.28 61.36 -45.66
N ASN B 134 -60.26 61.10 -44.78
CA ASN B 134 -60.12 61.38 -43.35
C ASN B 134 -59.71 60.13 -42.57
N SER B 135 -59.49 59.04 -43.29
CA SER B 135 -59.13 57.79 -42.66
C SER B 135 -57.81 58.02 -41.95
N GLU B 136 -57.67 57.48 -40.74
CA GLU B 136 -56.40 57.46 -40.03
C GLU B 136 -55.79 56.05 -40.01
N LEU B 137 -56.48 55.14 -40.68
CA LEU B 137 -55.99 53.81 -40.97
C LEU B 137 -54.74 53.88 -41.82
N LYS B 138 -53.62 53.44 -41.26
CA LYS B 138 -52.30 53.67 -41.84
C LYS B 138 -51.64 52.44 -42.42
N LEU B 139 -52.16 51.28 -42.08
CA LEU B 139 -51.62 50.04 -42.62
C LEU B 139 -52.77 49.14 -42.91
N ILE B 140 -52.77 48.56 -44.11
CA ILE B 140 -53.74 47.56 -44.47
C ILE B 140 -53.06 46.27 -44.91
N TYR B 141 -53.35 45.20 -44.19
CA TYR B 141 -52.79 43.89 -44.48
C TYR B 141 -53.76 43.05 -45.28
N VAL B 142 -53.26 42.42 -46.34
CA VAL B 142 -54.08 41.52 -47.15
C VAL B 142 -53.27 40.31 -47.63
N THR B 143 -53.99 39.26 -48.03
CA THR B 143 -53.38 38.08 -48.61
C THR B 143 -53.23 38.23 -50.12
N PRO B 144 -52.34 37.45 -50.75
CA PRO B 144 -52.19 37.55 -52.21
C PRO B 144 -53.42 37.14 -53.04
N GLU B 145 -54.32 36.37 -52.43
CA GLU B 145 -55.58 36.01 -53.08
C GLU B 145 -56.43 37.23 -53.38
N LYS B 146 -56.36 38.20 -52.47
CA LYS B 146 -57.09 39.45 -52.60
C LYS B 146 -56.67 40.28 -53.80
N ILE B 147 -55.39 40.23 -54.12
CA ILE B 147 -54.88 40.92 -55.29
C ILE B 147 -55.35 40.25 -56.59
N ALA B 148 -55.32 38.92 -56.59
CA ALA B 148 -55.62 38.16 -57.80
C ALA B 148 -57.11 37.91 -58.02
N LYS B 149 -57.85 37.70 -56.95
CA LYS B 149 -59.25 37.31 -57.04
C LYS B 149 -60.20 38.29 -56.36
N SER B 150 -59.90 39.59 -56.44
CA SER B 150 -60.88 40.61 -56.07
C SER B 150 -60.84 41.86 -56.95
N LYS B 151 -61.84 41.97 -57.81
CA LYS B 151 -61.99 43.13 -58.68
C LYS B 151 -62.31 44.35 -57.83
N MET B 152 -63.21 44.17 -56.87
CA MET B 152 -63.61 45.23 -55.97
C MET B 152 -62.49 45.88 -55.23
N PHE B 153 -61.60 45.07 -54.69
CA PHE B 153 -60.50 45.60 -53.92
C PHE B 153 -59.52 46.33 -54.81
N MET B 154 -59.30 45.80 -55.99
CA MET B 154 -58.40 46.46 -56.92
C MET B 154 -58.93 47.83 -57.30
N SER B 155 -60.24 47.97 -57.37
CA SER B 155 -60.82 49.25 -57.75
C SER B 155 -60.70 50.31 -56.67
N ARG B 156 -60.90 49.90 -55.43
CA ARG B 156 -60.71 50.76 -54.27
C ARG B 156 -59.27 51.24 -54.11
N LEU B 157 -58.34 50.32 -54.33
CA LEU B 157 -56.92 50.64 -54.43
C LEU B 157 -56.61 51.66 -55.52
N GLU B 158 -57.29 51.52 -56.66
CA GLU B 158 -57.07 52.40 -57.78
C GLU B 158 -57.51 53.81 -57.45
N LYS B 159 -58.70 53.92 -56.86
CA LYS B 159 -59.24 55.19 -56.39
C LYS B 159 -58.33 55.84 -55.35
N ALA B 160 -57.95 55.08 -54.33
CA ALA B 160 -57.00 55.53 -53.32
C ALA B 160 -55.65 55.99 -53.90
N TYR B 161 -55.13 55.25 -54.88
CA TYR B 161 -53.88 55.65 -55.52
C TYR B 161 -54.05 56.98 -56.23
N GLU B 162 -55.22 57.16 -56.83
CA GLU B 162 -55.51 58.38 -57.56
C GLU B 162 -55.74 59.55 -56.62
N ALA B 163 -56.30 59.27 -55.44
CA ALA B 163 -56.46 60.28 -54.40
C ALA B 163 -55.19 60.53 -53.59
N ARG B 164 -54.09 59.95 -54.05
CA ARG B 164 -52.78 60.15 -53.43
C ARG B 164 -52.76 59.67 -51.96
N ARG B 165 -53.70 58.80 -51.60
CA ARG B 165 -53.78 58.25 -50.23
C ARG B 165 -53.00 56.96 -50.14
N PHE B 166 -52.52 56.47 -51.29
CA PHE B 166 -51.87 55.17 -51.38
C PHE B 166 -50.52 55.31 -52.07
N THR B 167 -49.47 55.38 -51.26
CA THR B 167 -48.13 55.75 -51.70
C THR B 167 -47.12 54.62 -51.55
N ARG B 168 -47.52 53.52 -50.91
CA ARG B 168 -46.56 52.49 -50.50
C ARG B 168 -47.10 51.06 -50.46
N ILE B 169 -46.30 50.16 -50.99
CA ILE B 169 -46.58 48.72 -50.99
C ILE B 169 -45.54 47.94 -50.20
N ALA B 170 -45.99 47.18 -49.20
CA ALA B 170 -45.10 46.21 -48.56
C ALA B 170 -45.48 44.77 -48.90
N VAL B 171 -44.52 44.02 -49.42
CA VAL B 171 -44.69 42.59 -49.65
C VAL B 171 -43.94 41.73 -48.65
N ASP B 172 -44.62 41.18 -47.63
CA ASP B 172 -43.92 40.31 -46.69
C ASP B 172 -43.66 38.93 -47.29
N GLU B 173 -42.52 38.34 -46.93
CA GLU B 173 -42.14 36.99 -47.39
C GLU B 173 -41.95 36.88 -48.91
N VAL B 174 -41.27 37.86 -49.48
CA VAL B 174 -41.19 38.00 -50.92
C VAL B 174 -40.61 36.72 -51.62
N HIS B 175 -39.88 35.89 -50.88
CA HIS B 175 -39.32 34.64 -51.41
C HIS B 175 -40.32 33.61 -51.91
N CYS B 176 -41.55 33.68 -51.43
CA CYS B 176 -42.61 32.81 -51.90
C CYS B 176 -42.88 32.98 -53.39
N CYS B 177 -42.42 34.07 -53.97
CA CYS B 177 -42.57 34.25 -55.41
C CYS B 177 -41.89 33.14 -56.23
N SER B 178 -40.75 32.65 -55.77
CA SER B 178 -39.89 31.85 -56.65
C SER B 178 -40.09 30.33 -56.54
N GLN B 179 -39.65 29.61 -57.58
CA GLN B 179 -39.74 28.15 -57.63
C GLN B 179 -38.48 27.53 -57.07
N TRP B 180 -37.72 28.33 -56.33
CA TRP B 180 -36.55 27.86 -55.62
C TRP B 180 -36.86 28.12 -54.16
N GLY B 181 -37.76 29.07 -53.93
CA GLY B 181 -38.05 29.58 -52.60
C GLY B 181 -38.83 28.54 -51.84
N HIS B 182 -38.24 27.98 -50.79
CA HIS B 182 -38.88 26.86 -50.11
C HIS B 182 -40.09 27.30 -49.28
N ASP B 183 -40.90 28.20 -49.82
CA ASP B 183 -42.24 28.48 -49.30
C ASP B 183 -43.12 29.06 -50.41
N PHE B 184 -42.87 28.64 -51.64
CA PHE B 184 -43.55 29.20 -52.81
C PHE B 184 -45.09 29.17 -52.74
N ARG B 185 -45.71 30.22 -53.29
CA ARG B 185 -47.17 30.35 -53.31
C ARG B 185 -47.60 30.90 -54.68
N PRO B 186 -48.50 30.17 -55.38
CA PRO B 186 -48.86 30.54 -56.77
C PRO B 186 -49.32 31.99 -56.90
N ASP B 187 -50.18 32.39 -55.96
CA ASP B 187 -50.76 33.72 -55.92
C ASP B 187 -49.75 34.86 -55.86
N TYR B 188 -48.53 34.56 -55.44
CA TYR B 188 -47.45 35.55 -55.42
C TYR B 188 -46.98 35.97 -56.82
N LYS B 189 -47.35 35.18 -57.82
CA LYS B 189 -47.02 35.52 -59.22
C LYS B 189 -47.89 36.62 -59.82
N ALA B 190 -49.12 36.75 -59.35
CA ALA B 190 -50.01 37.83 -59.77
C ALA B 190 -49.59 39.22 -59.32
N LEU B 191 -48.72 39.30 -58.32
CA LEU B 191 -48.44 40.54 -57.62
C LEU B 191 -47.64 41.56 -58.43
N GLY B 192 -47.03 41.09 -59.51
CA GLY B 192 -46.43 41.98 -60.50
C GLY B 192 -47.34 43.08 -61.02
N ILE B 193 -48.64 42.89 -60.88
CA ILE B 193 -49.61 43.89 -61.29
C ILE B 193 -49.52 45.18 -60.52
N LEU B 194 -48.97 45.12 -59.33
CA LEU B 194 -48.97 46.27 -58.46
C LEU B 194 -48.12 47.43 -58.96
N LYS B 195 -46.87 47.17 -59.30
CA LYS B 195 -46.01 48.20 -59.85
C LYS B 195 -46.35 48.53 -61.29
N ARG B 196 -47.12 47.65 -61.91
CA ARG B 196 -47.57 47.92 -63.26
C ARG B 196 -48.67 48.97 -63.18
N GLN B 197 -49.62 48.75 -62.29
CA GLN B 197 -50.71 49.70 -62.09
C GLN B 197 -50.35 50.91 -61.25
N PHE B 198 -49.43 50.74 -60.30
CA PHE B 198 -49.13 51.77 -59.32
C PHE B 198 -47.65 52.11 -59.32
N PRO B 199 -47.14 52.60 -60.47
CA PRO B 199 -45.72 52.88 -60.64
C PRO B 199 -45.18 53.94 -59.69
N ASN B 200 -46.05 54.78 -59.17
CA ASN B 200 -45.64 55.83 -58.23
C ASN B 200 -45.83 55.45 -56.75
N ALA B 201 -46.38 54.26 -56.51
CA ALA B 201 -46.31 53.64 -55.19
C ALA B 201 -44.98 52.95 -55.04
N SER B 202 -44.24 53.30 -53.99
CA SER B 202 -42.98 52.61 -53.76
C SER B 202 -43.23 51.24 -53.16
N LEU B 203 -42.34 50.31 -53.47
CA LEU B 203 -42.44 48.93 -53.00
C LEU B 203 -41.27 48.48 -52.11
N ILE B 204 -41.58 47.83 -50.99
CA ILE B 204 -40.56 47.19 -50.15
C ILE B 204 -40.81 45.67 -50.06
N GLY B 205 -39.79 44.86 -50.36
CA GLY B 205 -39.85 43.41 -50.20
C GLY B 205 -39.06 42.96 -48.99
N LEU B 206 -39.68 42.14 -48.13
CA LEU B 206 -39.01 41.62 -46.92
C LEU B 206 -38.90 40.09 -46.84
N THR B 207 -37.74 39.61 -46.40
CA THR B 207 -37.50 38.19 -46.19
C THR B 207 -36.26 37.89 -45.32
N ALA B 208 -36.23 36.71 -44.69
CA ALA B 208 -35.00 36.22 -44.07
C ALA B 208 -34.28 35.24 -45.02
N THR B 209 -35.05 34.56 -45.86
CA THR B 209 -34.61 33.38 -46.61
C THR B 209 -34.43 33.74 -48.09
N ALA B 210 -33.29 34.33 -48.42
CA ALA B 210 -33.08 34.98 -49.71
C ALA B 210 -31.78 34.60 -50.38
N THR B 211 -31.90 33.80 -51.43
CA THR B 211 -30.76 33.56 -52.30
C THR B 211 -30.82 34.57 -53.42
N ASN B 212 -29.65 34.93 -53.91
CA ASN B 212 -29.48 35.93 -54.95
C ASN B 212 -30.34 35.67 -56.16
N HIS B 213 -30.60 34.39 -56.43
CA HIS B 213 -31.38 33.99 -57.59
C HIS B 213 -32.86 33.90 -57.26
N VAL B 214 -33.18 33.89 -55.97
CA VAL B 214 -34.57 34.06 -55.52
C VAL B 214 -35.01 35.52 -55.51
N LEU B 215 -34.08 36.41 -55.21
CA LEU B 215 -34.35 37.84 -55.22
C LEU B 215 -34.45 38.34 -56.63
N THR B 216 -33.51 37.91 -57.46
CA THR B 216 -33.51 38.25 -58.86
C THR B 216 -34.83 37.82 -59.51
N ASP B 217 -35.42 36.74 -59.03
CA ASP B 217 -36.69 36.26 -59.58
C ASP B 217 -37.87 37.04 -59.03
N ALA B 218 -37.86 37.32 -57.72
CA ALA B 218 -38.90 38.13 -57.13
C ALA B 218 -38.92 39.52 -57.75
N GLN B 219 -37.74 40.05 -58.03
CA GLN B 219 -37.63 41.32 -58.75
C GLN B 219 -38.27 41.27 -60.12
N LYS B 220 -38.17 40.13 -60.80
CA LYS B 220 -38.85 39.92 -62.08
C LYS B 220 -40.35 39.73 -61.95
N ILE B 221 -40.77 38.88 -61.03
CA ILE B 221 -42.19 38.58 -60.82
C ILE B 221 -42.95 39.84 -60.49
N LEU B 222 -42.31 40.69 -59.71
CA LEU B 222 -42.93 41.90 -59.22
C LEU B 222 -42.82 43.05 -60.22
N CYS B 223 -42.09 42.80 -61.30
CA CYS B 223 -41.92 43.77 -62.38
C CYS B 223 -41.16 45.01 -61.90
N ILE B 224 -40.04 44.76 -61.22
CA ILE B 224 -39.17 45.80 -60.69
C ILE B 224 -37.82 45.89 -61.41
N GLU B 225 -37.42 47.12 -61.77
CA GLU B 225 -36.02 47.49 -61.98
C GLU B 225 -35.96 48.99 -62.22
N LYS B 226 -35.17 49.75 -61.46
CA LYS B 226 -34.10 49.25 -60.61
C LYS B 226 -34.53 48.98 -59.18
N CYS B 227 -33.59 48.46 -58.39
CA CYS B 227 -33.88 47.95 -57.07
C CYS B 227 -32.61 48.01 -56.21
N PHE B 228 -32.77 48.34 -54.94
CA PHE B 228 -31.70 48.13 -53.96
C PHE B 228 -31.83 46.77 -53.29
N THR B 229 -30.70 46.15 -52.98
CA THR B 229 -30.69 44.97 -52.12
C THR B 229 -29.78 45.18 -50.91
N PHE B 230 -30.41 45.24 -49.73
CA PHE B 230 -29.75 45.36 -48.45
C PHE B 230 -29.81 44.02 -47.69
N THR B 231 -28.65 43.51 -47.29
CA THR B 231 -28.57 42.24 -46.57
C THR B 231 -28.05 42.53 -45.17
N ALA B 232 -28.88 42.25 -44.17
CA ALA B 232 -28.49 42.27 -42.77
C ALA B 232 -27.74 41.03 -42.33
N SER B 233 -26.78 41.23 -41.42
CA SER B 233 -26.01 40.12 -40.89
C SER B 233 -26.80 39.18 -40.00
N PHE B 234 -26.41 37.92 -40.07
CA PHE B 234 -27.03 36.84 -39.32
C PHE B 234 -26.85 36.95 -37.81
N ASN B 235 -25.71 37.50 -37.41
CA ASN B 235 -25.27 37.48 -36.02
C ASN B 235 -26.23 37.92 -34.93
N ARG B 236 -26.34 37.07 -33.91
CA ARG B 236 -27.10 37.35 -32.69
C ARG B 236 -26.13 37.31 -31.48
N PRO B 237 -25.46 38.43 -31.17
CA PRO B 237 -24.33 38.46 -30.22
C PRO B 237 -24.54 37.85 -28.83
N ASN B 238 -25.77 37.79 -28.33
CA ASN B 238 -26.02 37.22 -27.00
C ASN B 238 -26.13 35.69 -26.96
N LEU B 239 -25.98 35.05 -28.10
CA LEU B 239 -26.18 33.60 -28.21
C LEU B 239 -24.90 32.78 -28.06
N TYR B 240 -24.91 31.80 -27.15
CA TYR B 240 -23.79 30.87 -27.02
C TYR B 240 -24.00 29.63 -27.86
N TYR B 241 -23.08 29.38 -28.77
CA TYR B 241 -23.17 28.23 -29.66
C TYR B 241 -22.22 27.09 -29.28
N GLU B 242 -22.78 25.92 -29.02
CA GLU B 242 -22.00 24.74 -28.65
C GLU B 242 -22.49 23.50 -29.35
N VAL B 243 -21.55 22.64 -29.74
CA VAL B 243 -21.84 21.29 -30.17
C VAL B 243 -21.23 20.26 -29.23
N ARG B 244 -22.09 19.44 -28.61
CA ARG B 244 -21.62 18.31 -27.81
C ARG B 244 -21.80 16.96 -28.49
N GLN B 245 -21.00 16.00 -28.07
CA GLN B 245 -21.17 14.63 -28.51
C GLN B 245 -22.50 14.13 -27.97
N LYS B 246 -23.30 13.50 -28.83
CA LYS B 246 -24.54 12.87 -28.40
C LYS B 246 -24.24 11.50 -27.82
N PRO B 247 -24.78 11.17 -26.64
CA PRO B 247 -24.46 9.85 -26.06
C PRO B 247 -25.16 8.71 -26.77
N SER B 248 -24.49 7.57 -26.85
CA SER B 248 -25.09 6.37 -27.44
C SER B 248 -26.28 5.87 -26.63
N ASN B 249 -26.12 5.83 -25.32
CA ASN B 249 -27.22 5.49 -24.43
C ASN B 249 -28.23 6.61 -24.32
N THR B 250 -29.49 6.27 -24.59
CA THR B 250 -30.59 7.22 -24.55
C THR B 250 -31.01 7.62 -23.14
N GLU B 251 -30.68 6.81 -22.14
CA GLU B 251 -31.03 7.18 -20.77
C GLU B 251 -29.95 8.05 -20.15
N ASP B 252 -28.71 7.82 -20.56
CA ASP B 252 -27.59 8.68 -20.21
C ASP B 252 -27.72 10.05 -20.86
N PHE B 253 -28.38 10.07 -22.01
CA PHE B 253 -28.56 11.30 -22.75
C PHE B 253 -29.60 12.12 -22.00
N ILE B 254 -30.65 11.45 -21.55
CA ILE B 254 -31.66 12.08 -20.71
C ILE B 254 -31.05 12.63 -19.41
N GLU B 255 -30.28 11.80 -18.73
CA GLU B 255 -29.60 12.20 -17.49
C GLU B 255 -28.72 13.45 -17.66
N ASP B 256 -28.03 13.54 -18.78
CA ASP B 256 -27.22 14.72 -19.07
C ASP B 256 -28.03 15.99 -19.20
N ILE B 257 -29.23 15.85 -19.76
CA ILE B 257 -30.12 16.98 -20.02
C ILE B 257 -30.75 17.57 -18.76
N VAL B 258 -31.37 16.71 -17.96
CA VAL B 258 -31.95 17.09 -16.69
C VAL B 258 -30.97 17.84 -15.80
N LYS B 259 -29.70 17.52 -15.91
CA LYS B 259 -28.67 18.18 -15.14
C LYS B 259 -28.40 19.62 -15.60
N LEU B 260 -28.56 19.88 -16.89
CA LEU B 260 -28.52 21.24 -17.41
C LEU B 260 -29.73 22.06 -16.98
N ILE B 261 -30.91 21.48 -17.15
CA ILE B 261 -32.16 22.19 -16.91
C ILE B 261 -32.29 22.53 -15.44
N ASN B 262 -31.79 21.63 -14.60
CA ASN B 262 -31.86 21.78 -13.16
C ASN B 262 -30.60 22.39 -12.58
N GLY B 263 -29.63 22.69 -13.43
CA GLY B 263 -28.41 23.31 -12.99
C GLY B 263 -28.41 24.73 -13.53
N ARG B 264 -27.64 24.99 -14.58
CA ARG B 264 -27.53 26.34 -15.13
C ARG B 264 -28.88 26.93 -15.55
N TYR B 265 -29.82 26.11 -16.02
CA TYR B 265 -31.12 26.62 -16.50
C TYR B 265 -32.29 26.45 -15.55
N LYS B 266 -32.02 26.41 -14.26
CA LYS B 266 -33.08 26.19 -13.28
C LYS B 266 -34.08 27.34 -13.33
N GLY B 267 -35.37 27.02 -13.41
CA GLY B 267 -36.42 28.02 -13.55
C GLY B 267 -36.61 28.69 -14.91
N GLN B 268 -35.62 28.63 -15.78
CA GLN B 268 -35.66 29.36 -17.05
C GLN B 268 -36.41 28.62 -18.14
N SER B 269 -36.88 29.36 -19.15
CA SER B 269 -37.65 28.80 -20.25
C SER B 269 -36.69 28.35 -21.39
N GLY B 270 -37.04 27.29 -22.11
CA GLY B 270 -36.24 26.85 -23.25
C GLY B 270 -36.91 25.85 -24.20
N ILE B 271 -36.20 25.47 -25.28
CA ILE B 271 -36.73 24.52 -26.27
C ILE B 271 -35.76 23.36 -26.56
N ILE B 272 -36.33 22.16 -26.68
CA ILE B 272 -35.64 21.00 -27.27
C ILE B 272 -36.17 20.56 -28.64
N TYR B 273 -35.36 20.68 -29.69
CA TYR B 273 -35.74 20.20 -31.03
C TYR B 273 -35.35 18.74 -31.35
N CYS B 274 -36.34 17.97 -31.81
CA CYS B 274 -36.20 16.54 -32.11
C CYS B 274 -36.43 16.21 -33.58
N PHE B 275 -35.78 15.14 -34.03
CA PHE B 275 -35.90 14.64 -35.39
C PHE B 275 -37.31 14.23 -35.83
N SER B 276 -38.03 13.49 -34.98
CA SER B 276 -39.34 12.95 -35.37
C SER B 276 -40.39 13.25 -34.30
N GLN B 277 -41.64 12.92 -34.62
CA GLN B 277 -42.73 13.04 -33.64
C GLN B 277 -42.56 12.01 -32.54
N LYS B 278 -41.98 10.87 -32.87
CA LYS B 278 -41.81 9.81 -31.89
C LYS B 278 -40.75 10.20 -30.89
N ASP B 279 -39.66 10.77 -31.42
CA ASP B 279 -38.60 11.34 -30.62
C ASP B 279 -39.15 12.32 -29.61
N SER B 280 -40.10 13.14 -30.02
CA SER B 280 -40.64 14.16 -29.15
C SER B 280 -41.50 13.56 -28.03
N GLU B 281 -42.38 12.64 -28.40
CA GLU B 281 -43.22 11.92 -27.43
C GLU B 281 -42.40 11.11 -26.41
N GLN B 282 -41.38 10.42 -26.88
CA GLN B 282 -40.52 9.63 -26.00
C GLN B 282 -39.78 10.51 -25.00
N VAL B 283 -39.08 11.51 -25.52
CA VAL B 283 -38.27 12.40 -24.68
C VAL B 283 -39.11 13.17 -23.68
N THR B 284 -40.30 13.59 -24.08
CA THR B 284 -41.21 14.29 -23.19
C THR B 284 -41.50 13.45 -21.96
N VAL B 285 -42.13 12.31 -22.20
CA VAL B 285 -42.39 11.33 -21.15
C VAL B 285 -41.18 11.12 -20.26
N SER B 286 -40.05 10.78 -20.88
CA SER B 286 -38.78 10.58 -20.17
C SER B 286 -38.46 11.70 -19.17
N LEU B 287 -38.63 12.95 -19.59
CA LEU B 287 -38.34 14.12 -18.73
C LEU B 287 -39.43 14.34 -17.69
N GLN B 288 -40.67 14.10 -18.09
CA GLN B 288 -41.81 14.23 -17.19
C GLN B 288 -41.60 13.33 -15.97
N ASN B 289 -41.22 12.08 -16.22
CA ASN B 289 -40.93 11.14 -15.14
C ASN B 289 -39.82 11.62 -14.20
N LEU B 290 -38.89 12.42 -14.71
CA LEU B 290 -37.78 12.93 -13.89
C LEU B 290 -38.01 14.32 -13.29
N GLY B 291 -39.26 14.80 -13.28
CA GLY B 291 -39.60 16.03 -12.59
C GLY B 291 -39.83 17.26 -13.46
N ILE B 292 -39.28 17.24 -14.67
CA ILE B 292 -39.30 18.39 -15.58
C ILE B 292 -40.70 18.69 -16.14
N HIS B 293 -41.07 19.96 -16.14
CA HIS B 293 -42.29 20.41 -16.77
C HIS B 293 -42.11 20.55 -18.27
N ALA B 294 -42.18 19.41 -18.97
CA ALA B 294 -41.91 19.34 -20.40
C ALA B 294 -43.18 19.06 -21.23
N GLY B 295 -43.29 19.69 -22.40
CA GLY B 295 -44.44 19.48 -23.29
C GLY B 295 -44.10 19.25 -24.76
N ALA B 296 -44.90 18.41 -25.44
CA ALA B 296 -44.61 17.96 -26.82
C ALA B 296 -45.38 18.68 -27.97
N TYR B 297 -44.68 19.00 -29.07
CA TYR B 297 -45.33 19.67 -30.23
C TYR B 297 -44.87 19.16 -31.61
N HIS B 298 -45.75 18.45 -32.31
CA HIS B 298 -45.49 18.01 -33.68
C HIS B 298 -46.77 18.19 -34.50
N ALA B 299 -46.68 17.96 -35.81
CA ALA B 299 -47.78 18.29 -36.70
C ALA B 299 -49.02 17.42 -36.50
N ASN B 300 -48.83 16.15 -36.15
CA ASN B 300 -49.96 15.24 -36.02
C ASN B 300 -50.81 15.55 -34.82
N LEU B 301 -50.27 16.38 -33.94
CA LEU B 301 -50.96 16.73 -32.71
C LEU B 301 -52.32 17.33 -32.97
N GLU B 302 -53.30 16.94 -32.18
CA GLU B 302 -54.59 17.59 -32.21
C GLU B 302 -54.36 19.06 -31.92
N PRO B 303 -54.85 19.97 -32.78
CA PRO B 303 -54.48 21.38 -32.69
C PRO B 303 -54.89 21.99 -31.36
N GLU B 304 -55.85 21.36 -30.70
CA GLU B 304 -56.20 21.71 -29.33
C GLU B 304 -54.94 21.61 -28.50
N ASP B 305 -54.19 20.53 -28.71
CA ASP B 305 -53.00 20.29 -27.93
C ASP B 305 -51.83 21.13 -28.42
N LYS B 306 -51.83 21.49 -29.70
CA LYS B 306 -50.85 22.43 -30.19
C LYS B 306 -50.92 23.76 -29.45
N THR B 307 -52.14 24.23 -29.19
CA THR B 307 -52.37 25.49 -28.50
C THR B 307 -52.12 25.45 -26.99
N THR B 308 -52.64 24.41 -26.36
CA THR B 308 -52.46 24.15 -24.93
C THR B 308 -51.00 24.33 -24.52
N VAL B 309 -50.11 23.75 -25.32
CA VAL B 309 -48.68 23.77 -25.06
C VAL B 309 -48.07 25.18 -25.17
N HIS B 310 -48.35 25.91 -26.24
CA HIS B 310 -47.88 27.30 -26.38
C HIS B 310 -48.34 28.19 -25.23
N ARG B 311 -49.62 28.16 -24.91
CA ARG B 311 -50.14 28.93 -23.79
C ARG B 311 -49.34 28.73 -22.50
N LYS B 312 -49.28 27.48 -22.03
CA LYS B 312 -48.61 27.16 -20.77
C LYS B 312 -47.11 27.48 -20.76
N TRP B 313 -46.48 27.38 -21.93
CA TRP B 313 -45.04 27.64 -22.10
C TRP B 313 -44.75 29.13 -22.13
N SER B 314 -45.60 29.87 -22.81
CA SER B 314 -45.42 31.30 -22.93
C SER B 314 -45.64 31.86 -21.54
N ALA B 315 -46.58 31.27 -20.81
CA ALA B 315 -46.84 31.65 -19.42
C ALA B 315 -45.91 31.00 -18.38
N ASN B 316 -44.87 30.30 -18.82
CA ASN B 316 -43.87 29.74 -17.90
C ASN B 316 -44.40 28.67 -16.95
N GLU B 317 -45.57 28.11 -17.24
CA GLU B 317 -46.05 26.99 -16.45
C GLU B 317 -45.28 25.75 -16.85
N ILE B 318 -45.10 25.59 -18.15
CA ILE B 318 -44.20 24.61 -18.70
C ILE B 318 -42.83 25.26 -18.87
N GLN B 319 -41.79 24.56 -18.44
CA GLN B 319 -40.44 25.11 -18.55
C GLN B 319 -39.85 24.86 -19.95
N VAL B 320 -40.18 23.72 -20.55
CA VAL B 320 -39.59 23.30 -21.84
C VAL B 320 -40.59 22.70 -22.83
N VAL B 321 -40.55 23.17 -24.08
CA VAL B 321 -41.25 22.51 -25.18
C VAL B 321 -40.34 21.56 -25.94
N VAL B 322 -40.76 20.30 -26.05
CA VAL B 322 -40.04 19.28 -26.81
C VAL B 322 -40.74 19.07 -28.15
N ALA B 323 -40.14 19.52 -29.25
CA ALA B 323 -40.89 19.74 -30.48
C ALA B 323 -40.15 19.36 -31.78
N THR B 324 -40.93 19.12 -32.84
CA THR B 324 -40.39 18.99 -34.18
C THR B 324 -40.39 20.38 -34.78
N VAL B 325 -39.75 20.52 -35.94
CA VAL B 325 -39.73 21.76 -36.68
C VAL B 325 -41.11 22.42 -36.89
N ALA B 326 -42.18 21.66 -36.67
CA ALA B 326 -43.55 22.18 -36.75
C ALA B 326 -43.81 23.26 -35.71
N PHE B 327 -43.01 23.26 -34.66
CA PHE B 327 -43.00 24.38 -33.72
C PHE B 327 -41.99 25.41 -34.15
N GLY B 328 -42.49 26.49 -34.72
CA GLY B 328 -41.61 27.51 -35.27
C GLY B 328 -42.36 28.73 -35.79
N MET B 329 -43.33 28.49 -36.65
CA MET B 329 -44.06 29.58 -37.29
C MET B 329 -44.83 30.42 -36.27
N GLY B 330 -44.35 31.65 -36.07
CA GLY B 330 -45.01 32.61 -35.20
C GLY B 330 -44.64 32.53 -33.74
N ILE B 331 -43.48 31.92 -33.46
CA ILE B 331 -42.94 31.92 -32.11
C ILE B 331 -42.18 33.22 -31.91
N ASP B 332 -42.59 34.01 -30.91
CA ASP B 332 -41.87 35.22 -30.57
C ASP B 332 -41.58 35.38 -29.08
N LYS B 333 -41.72 34.31 -28.30
CA LYS B 333 -41.43 34.39 -26.87
C LYS B 333 -40.00 34.92 -26.66
N PRO B 334 -39.84 35.95 -25.82
CA PRO B 334 -38.57 36.68 -25.71
C PRO B 334 -37.55 36.08 -24.75
N ASP B 335 -37.98 35.33 -23.74
CA ASP B 335 -37.08 34.88 -22.67
C ASP B 335 -36.79 33.39 -22.78
N VAL B 336 -36.54 32.94 -24.00
CA VAL B 336 -36.10 31.58 -24.20
C VAL B 336 -34.60 31.58 -23.93
N ARG B 337 -34.18 30.95 -22.84
CA ARG B 337 -32.78 31.04 -22.43
C ARG B 337 -31.92 29.94 -23.03
N PHE B 338 -32.54 28.81 -23.36
CA PHE B 338 -31.86 27.75 -24.09
C PHE B 338 -32.66 27.09 -25.22
N VAL B 339 -31.99 26.86 -26.34
CA VAL B 339 -32.44 25.92 -27.35
C VAL B 339 -31.48 24.74 -27.51
N ILE B 340 -31.98 23.54 -27.18
CA ILE B 340 -31.22 22.31 -27.38
C ILE B 340 -31.68 21.54 -28.60
N HIS B 341 -30.72 21.17 -29.43
CA HIS B 341 -30.98 20.24 -30.52
C HIS B 341 -30.65 18.79 -30.14
N HIS B 342 -31.71 18.05 -29.81
CA HIS B 342 -31.64 16.61 -29.55
C HIS B 342 -31.08 15.80 -30.70
N SER B 343 -31.46 16.16 -31.92
CA SER B 343 -30.76 15.76 -33.13
C SER B 343 -30.42 17.03 -33.93
N MET B 344 -29.40 16.95 -34.77
CA MET B 344 -29.10 18.04 -35.72
C MET B 344 -30.27 18.33 -36.68
N SER B 345 -30.32 19.57 -37.16
CA SER B 345 -31.29 19.97 -38.17
C SER B 345 -30.95 19.41 -39.54
N LYS B 346 -31.83 19.63 -40.50
CA LYS B 346 -31.59 19.18 -41.86
C LYS B 346 -30.58 20.04 -42.58
N SER B 347 -30.41 21.26 -42.10
CA SER B 347 -29.61 22.24 -42.78
C SER B 347 -29.21 23.38 -41.87
N MET B 348 -28.15 24.08 -42.23
CA MET B 348 -27.74 25.27 -41.50
C MET B 348 -28.85 26.29 -41.42
N GLU B 349 -29.63 26.37 -42.49
CA GLU B 349 -30.66 27.37 -42.56
C GLU B 349 -31.71 27.02 -41.55
N ASN B 350 -32.05 25.74 -41.45
CA ASN B 350 -32.98 25.36 -40.41
C ASN B 350 -32.35 25.53 -39.03
N TYR B 351 -31.06 25.20 -38.91
CA TYR B 351 -30.47 25.28 -37.59
C TYR B 351 -30.45 26.71 -37.11
N TYR B 352 -29.88 27.57 -37.93
CA TYR B 352 -29.84 28.99 -37.64
C TYR B 352 -31.21 29.47 -37.21
N GLN B 353 -32.21 29.05 -37.97
CA GLN B 353 -33.57 29.52 -37.80
C GLN B 353 -34.19 28.91 -36.57
N GLU B 354 -33.83 27.67 -36.29
CA GLU B 354 -34.40 26.94 -35.17
C GLU B 354 -33.81 27.44 -33.86
N SER B 355 -32.51 27.66 -33.86
CA SER B 355 -31.79 28.14 -32.69
C SER B 355 -31.98 29.63 -32.41
N GLY B 356 -32.35 30.38 -33.45
CA GLY B 356 -32.53 31.82 -33.32
C GLY B 356 -33.75 32.25 -32.53
N ARG B 357 -34.61 31.29 -32.22
CA ARG B 357 -35.74 31.54 -31.33
C ARG B 357 -35.35 31.73 -29.85
N ALA B 358 -34.10 31.41 -29.54
CA ALA B 358 -33.51 31.69 -28.23
C ALA B 358 -33.11 33.15 -28.04
N GLY B 359 -33.35 33.67 -26.84
CA GLY B 359 -32.75 34.93 -26.43
C GLY B 359 -33.22 36.09 -27.27
N ARG B 360 -34.53 36.15 -27.46
CA ARG B 360 -35.14 37.22 -28.21
C ARG B 360 -35.28 38.45 -27.31
N ASP B 361 -34.87 38.32 -26.05
CA ASP B 361 -34.74 39.47 -25.15
C ASP B 361 -33.35 40.10 -25.19
N ASP B 362 -32.48 39.53 -26.01
CA ASP B 362 -31.14 40.05 -26.29
C ASP B 362 -30.19 39.82 -25.11
N MET B 363 -30.68 39.13 -24.08
CA MET B 363 -29.84 38.68 -23.00
C MET B 363 -29.22 37.33 -23.32
N LYS B 364 -28.13 37.02 -22.64
CA LYS B 364 -27.36 35.81 -22.91
C LYS B 364 -28.26 34.57 -22.94
N ALA B 365 -28.07 33.71 -23.95
CA ALA B 365 -28.84 32.47 -24.06
C ALA B 365 -27.99 31.37 -24.70
N ASP B 366 -28.32 30.12 -24.43
CA ASP B 366 -27.48 29.00 -24.85
C ASP B 366 -28.12 28.21 -26.01
N CYS B 367 -27.31 27.85 -27.01
CA CYS B 367 -27.72 27.02 -28.16
C CYS B 367 -26.88 25.75 -28.32
N ILE B 368 -27.40 24.63 -27.86
CA ILE B 368 -26.61 23.40 -27.75
C ILE B 368 -27.07 22.24 -28.64
N LEU B 369 -26.21 21.85 -29.58
CA LEU B 369 -26.53 20.80 -30.53
C LEU B 369 -25.84 19.49 -30.16
N TYR B 370 -26.62 18.42 -29.97
CA TYR B 370 -26.08 17.07 -29.79
C TYR B 370 -25.92 16.30 -31.08
N TYR B 371 -24.66 16.12 -31.46
CA TYR B 371 -24.28 15.42 -32.66
C TYR B 371 -24.13 13.91 -32.46
N GLY B 372 -24.96 13.14 -33.18
CA GLY B 372 -24.89 11.69 -33.15
C GLY B 372 -24.76 11.11 -34.56
N PHE B 373 -23.70 10.35 -34.76
CA PHE B 373 -23.47 9.59 -35.99
C PHE B 373 -24.71 9.02 -36.67
N GLY B 374 -25.54 8.33 -35.90
CA GLY B 374 -26.70 7.66 -36.45
C GLY B 374 -27.68 8.60 -37.10
N ASP B 375 -27.65 9.85 -36.66
CA ASP B 375 -28.66 10.80 -37.06
C ASP B 375 -28.50 11.21 -38.51
N ILE B 376 -27.27 11.19 -39.00
CA ILE B 376 -26.99 11.43 -40.41
C ILE B 376 -27.94 10.63 -41.28
N PHE B 377 -28.04 9.35 -40.99
CA PHE B 377 -28.64 8.41 -41.90
C PHE B 377 -30.15 8.43 -41.75
N ARG B 378 -30.64 8.70 -40.55
CA ARG B 378 -32.07 8.90 -40.39
C ARG B 378 -32.54 10.10 -41.22
N ILE B 379 -31.74 11.16 -41.21
CA ILE B 379 -32.06 12.38 -41.97
C ILE B 379 -31.79 12.23 -43.45
N SER B 380 -30.62 11.69 -43.78
CA SER B 380 -30.23 11.49 -45.16
C SER B 380 -31.32 10.72 -45.85
N SER B 381 -31.74 9.63 -45.22
CA SER B 381 -32.80 8.81 -45.76
C SER B 381 -34.06 9.63 -45.97
N MET B 382 -34.37 10.49 -45.02
CA MET B 382 -35.59 11.28 -45.07
C MET B 382 -35.65 12.37 -46.14
N VAL B 383 -34.52 12.95 -46.48
CA VAL B 383 -34.51 14.09 -47.39
C VAL B 383 -34.06 13.63 -48.74
N VAL B 384 -34.21 12.33 -48.94
CA VAL B 384 -33.71 11.69 -50.12
C VAL B 384 -34.39 12.32 -51.32
N MET B 385 -35.69 12.61 -51.18
CA MET B 385 -36.42 13.24 -52.26
C MET B 385 -36.08 14.69 -52.51
N GLU B 386 -35.21 15.26 -51.69
CA GLU B 386 -34.83 16.63 -51.92
C GLU B 386 -33.58 16.68 -52.77
N ASN B 387 -33.66 17.47 -53.84
CA ASN B 387 -32.56 17.78 -54.74
C ASN B 387 -31.23 17.85 -54.00
N VAL B 388 -31.07 18.89 -53.20
CA VAL B 388 -29.83 19.12 -52.48
C VAL B 388 -30.03 18.80 -51.00
N GLY B 389 -30.99 17.93 -50.71
CA GLY B 389 -31.26 17.51 -49.34
C GLY B 389 -29.97 17.00 -48.73
N GLN B 390 -29.35 16.06 -49.41
CA GLN B 390 -28.13 15.46 -48.92
C GLN B 390 -27.05 16.48 -48.79
N GLN B 391 -26.90 17.32 -49.81
CA GLN B 391 -25.88 18.35 -49.80
C GLN B 391 -26.04 19.30 -48.64
N LYS B 392 -27.28 19.52 -48.24
CA LYS B 392 -27.54 20.45 -47.15
C LYS B 392 -27.21 19.78 -45.83
N LEU B 393 -27.62 18.52 -45.70
CA LEU B 393 -27.25 17.71 -44.55
C LEU B 393 -25.76 17.62 -44.32
N TYR B 394 -25.01 17.37 -45.39
CA TYR B 394 -23.59 17.17 -45.26
C TYR B 394 -22.89 18.45 -44.79
N GLU B 395 -23.44 19.61 -45.15
CA GLU B 395 -22.91 20.89 -44.69
C GLU B 395 -23.07 21.03 -43.16
N MET B 396 -24.22 20.60 -42.66
CA MET B 396 -24.51 20.55 -41.21
C MET B 396 -23.60 19.60 -40.45
N VAL B 397 -23.31 18.47 -41.05
CA VAL B 397 -22.41 17.53 -40.44
C VAL B 397 -21.03 18.14 -40.31
N SER B 398 -20.60 18.87 -41.33
CA SER B 398 -19.27 19.47 -41.31
C SER B 398 -19.13 20.55 -40.25
N TYR B 399 -20.26 21.15 -39.88
CA TYR B 399 -20.30 22.10 -38.78
C TYR B 399 -20.06 21.35 -37.50
N CYS B 400 -20.84 20.30 -37.32
CA CYS B 400 -20.72 19.45 -36.14
C CYS B 400 -19.32 18.85 -36.00
N GLN B 401 -18.63 18.65 -37.12
CA GLN B 401 -17.32 18.03 -37.07
C GLN B 401 -16.20 19.01 -36.72
N ASN B 402 -16.48 20.31 -36.83
CA ASN B 402 -15.46 21.34 -36.63
C ASN B 402 -15.16 21.60 -35.16
N ILE B 403 -13.87 21.64 -34.83
CA ILE B 403 -13.42 21.79 -33.44
C ILE B 403 -12.53 23.01 -33.21
N SER B 404 -12.05 23.62 -34.29
CA SER B 404 -11.26 24.84 -34.19
C SER B 404 -12.00 26.08 -34.55
N LYS B 405 -12.66 26.07 -35.71
CA LYS B 405 -13.19 27.30 -36.23
C LYS B 405 -14.32 27.81 -35.36
N CYS B 406 -14.34 29.12 -35.20
CA CYS B 406 -15.39 29.81 -34.48
C CYS B 406 -16.71 29.46 -35.14
N ARG B 407 -17.71 29.17 -34.33
CA ARG B 407 -19.00 28.73 -34.84
C ARG B 407 -19.65 29.79 -35.73
N ARG B 408 -19.50 31.05 -35.34
CA ARG B 408 -19.97 32.21 -36.09
C ARG B 408 -19.24 32.38 -37.43
N VAL B 409 -17.94 32.11 -37.44
CA VAL B 409 -17.12 32.13 -38.65
C VAL B 409 -17.65 31.15 -39.67
N LEU B 410 -18.12 30.01 -39.18
CA LEU B 410 -18.63 28.95 -40.01
C LEU B 410 -20.00 29.29 -40.62
N MET B 411 -20.88 29.89 -39.82
CA MET B 411 -22.15 30.41 -40.31
C MET B 411 -22.01 31.48 -41.38
N ALA B 412 -21.15 32.46 -41.15
CA ALA B 412 -20.92 33.53 -42.11
C ALA B 412 -20.46 33.01 -43.47
N GLN B 413 -19.75 31.88 -43.47
CA GLN B 413 -19.31 31.24 -44.72
C GLN B 413 -20.51 30.73 -45.53
N HIS B 414 -21.61 30.47 -44.84
CA HIS B 414 -22.82 29.92 -45.46
C HIS B 414 -23.67 30.99 -46.08
N PHE B 415 -23.72 32.13 -45.42
CA PHE B 415 -24.45 33.25 -45.94
C PHE B 415 -23.58 34.04 -46.91
N ASP B 416 -22.31 33.64 -47.02
CA ASP B 416 -21.37 34.27 -47.93
C ASP B 416 -21.22 35.68 -47.44
N GLU B 417 -21.13 35.81 -46.12
CA GLU B 417 -21.02 37.12 -45.50
C GLU B 417 -19.65 37.55 -45.04
N VAL B 418 -19.42 38.85 -45.17
CA VAL B 418 -18.13 39.47 -44.92
C VAL B 418 -17.86 39.27 -43.43
N TRP B 419 -17.33 38.12 -43.02
CA TRP B 419 -16.99 37.97 -41.61
C TRP B 419 -15.64 38.64 -41.32
N ALA B 423 -14.67 38.52 -33.91
CA ALA B 423 -15.76 39.33 -33.36
C ALA B 423 -16.81 38.48 -32.65
N CYS B 424 -16.40 37.29 -32.22
CA CYS B 424 -17.26 36.38 -31.47
C CYS B 424 -17.30 36.72 -29.99
N ASN B 425 -16.13 37.07 -29.48
CA ASN B 425 -15.93 37.41 -28.08
C ASN B 425 -16.29 36.26 -27.16
N LYS B 426 -15.66 35.12 -27.43
CA LYS B 426 -15.88 33.90 -26.68
C LYS B 426 -17.35 33.52 -26.48
N MET B 427 -18.14 33.53 -27.56
CA MET B 427 -19.55 33.16 -27.43
C MET B 427 -19.85 31.92 -28.27
N CYS B 428 -18.88 31.03 -28.37
CA CYS B 428 -19.08 29.71 -28.92
C CYS B 428 -18.01 28.81 -28.31
N ASP B 429 -18.28 27.51 -28.27
CA ASP B 429 -17.36 26.57 -27.65
C ASP B 429 -15.93 26.59 -28.22
N ASN B 430 -15.76 26.79 -29.52
CA ASN B 430 -14.42 26.70 -30.10
C ASN B 430 -13.53 27.90 -29.85
N CYS B 431 -14.13 29.04 -29.57
CA CYS B 431 -13.38 30.23 -29.27
C CYS B 431 -12.88 30.20 -27.82
N CYS B 432 -13.61 29.49 -26.98
CA CYS B 432 -13.26 29.34 -25.56
C CYS B 432 -12.19 28.29 -25.30
N LYS B 433 -11.96 27.42 -26.28
CA LYS B 433 -10.94 26.40 -26.13
C LYS B 433 -9.57 27.04 -26.05
N ASP B 434 -8.68 26.45 -25.25
CA ASP B 434 -7.30 26.90 -25.16
C ASP B 434 -6.42 25.91 -25.93
N SER B 435 -7.06 24.87 -26.46
CA SER B 435 -6.37 23.76 -27.13
C SER B 435 -5.65 24.22 -28.39
N ALA B 436 -4.61 23.49 -28.77
CA ALA B 436 -4.02 23.56 -30.10
C ALA B 436 -4.51 22.39 -30.93
N PHE B 437 -4.14 22.35 -32.21
CA PHE B 437 -4.63 21.32 -33.12
C PHE B 437 -3.54 20.90 -34.11
N GLU B 438 -3.75 19.76 -34.77
CA GLU B 438 -2.90 19.34 -35.88
C GLU B 438 -3.63 18.45 -36.89
N ARG B 439 -3.00 18.23 -38.05
CA ARG B 439 -3.56 17.43 -39.15
C ARG B 439 -3.16 15.97 -39.04
N LYS B 440 -4.07 15.14 -38.56
CA LYS B 440 -3.84 13.70 -38.49
C LYS B 440 -4.16 13.01 -39.81
N ASN B 441 -3.19 12.26 -40.33
CA ASN B 441 -3.39 11.44 -41.54
C ASN B 441 -4.18 10.16 -41.30
N ILE B 442 -5.40 10.13 -41.83
CA ILE B 442 -6.29 9.00 -41.63
C ILE B 442 -6.52 8.19 -42.91
N THR B 443 -5.64 8.36 -43.87
CA THR B 443 -5.81 7.72 -45.17
C THR B 443 -6.00 6.21 -45.09
N GLU B 444 -5.11 5.52 -44.37
CA GLU B 444 -5.19 4.06 -44.26
C GLU B 444 -6.50 3.52 -43.70
N TYR B 445 -7.14 4.27 -42.82
CA TYR B 445 -8.44 3.84 -42.31
C TYR B 445 -9.43 3.82 -43.46
N CYS B 446 -9.29 4.77 -44.37
CA CYS B 446 -10.16 4.81 -45.53
C CYS B 446 -9.88 3.67 -46.50
N ARG B 447 -8.61 3.50 -46.84
CA ARG B 447 -8.16 2.35 -47.62
C ARG B 447 -8.71 1.07 -47.00
N ASP B 448 -8.59 0.97 -45.68
CA ASP B 448 -9.07 -0.20 -44.97
C ASP B 448 -10.59 -0.38 -45.11
N LEU B 449 -11.35 0.71 -45.00
CA LEU B 449 -12.80 0.64 -45.13
C LEU B 449 -13.27 0.31 -46.56
N ILE B 450 -12.50 0.77 -47.53
CA ILE B 450 -12.80 0.47 -48.91
C ILE B 450 -12.48 -0.98 -49.26
N LYS B 451 -11.50 -1.55 -48.58
CA LYS B 451 -11.22 -2.99 -48.70
C LYS B 451 -12.43 -3.80 -48.23
N ILE B 452 -13.06 -3.34 -47.15
CA ILE B 452 -14.26 -3.98 -46.61
C ILE B 452 -15.46 -3.90 -47.55
N LEU B 453 -15.70 -2.71 -48.09
CA LEU B 453 -16.80 -2.51 -49.03
C LEU B 453 -16.59 -3.25 -50.35
N LYS B 454 -15.38 -3.19 -50.88
CA LYS B 454 -15.04 -3.97 -52.08
C LYS B 454 -15.36 -5.44 -51.90
N GLN B 455 -14.99 -6.01 -50.76
CA GLN B 455 -15.28 -7.40 -50.48
C GLN B 455 -16.77 -7.66 -50.45
N ALA B 456 -17.51 -6.73 -49.84
CA ALA B 456 -18.96 -6.86 -49.69
C ALA B 456 -19.73 -6.96 -51.01
N GLU B 457 -19.31 -6.22 -52.03
CA GLU B 457 -20.03 -6.26 -53.30
C GLU B 457 -19.62 -7.52 -54.04
N GLU B 458 -18.35 -7.87 -53.93
CA GLU B 458 -17.90 -9.15 -54.45
C GLU B 458 -18.66 -10.27 -53.79
N LEU B 459 -19.30 -9.97 -52.66
CA LEU B 459 -20.16 -10.93 -52.01
C LEU B 459 -21.64 -10.58 -52.19
N ASN B 460 -21.91 -9.55 -52.99
CA ASN B 460 -23.27 -9.07 -53.17
C ASN B 460 -23.95 -8.74 -51.84
N GLU B 461 -23.19 -8.14 -50.93
CA GLU B 461 -23.70 -7.78 -49.61
C GLU B 461 -23.82 -6.28 -49.45
N LYS B 462 -24.95 -5.87 -48.90
CA LYS B 462 -25.19 -4.48 -48.57
C LYS B 462 -24.83 -4.21 -47.12
N LEU B 463 -23.98 -3.21 -46.90
CA LEU B 463 -23.60 -2.73 -45.56
C LEU B 463 -24.30 -1.45 -45.09
N THR B 464 -25.21 -1.58 -44.12
CA THR B 464 -25.60 -0.43 -43.32
C THR B 464 -24.36 0.13 -42.62
N PRO B 465 -24.38 1.42 -42.26
CA PRO B 465 -23.24 2.03 -41.58
C PRO B 465 -22.82 1.27 -40.32
N LEU B 466 -23.79 0.71 -39.63
CA LEU B 466 -23.55 -0.17 -38.52
C LEU B 466 -22.71 -1.39 -38.85
N LYS B 467 -23.03 -2.04 -39.95
CA LYS B 467 -22.31 -3.23 -40.38
C LYS B 467 -20.87 -2.94 -40.76
N LEU B 468 -20.62 -1.77 -41.32
CA LEU B 468 -19.27 -1.37 -41.67
C LEU B 468 -18.39 -1.20 -40.43
N ILE B 469 -18.91 -0.50 -39.44
CA ILE B 469 -18.14 -0.21 -38.24
C ILE B 469 -17.81 -1.49 -37.50
N ASP B 470 -18.80 -2.35 -37.37
CA ASP B 470 -18.60 -3.65 -36.74
C ASP B 470 -17.49 -4.44 -37.41
N SER B 471 -17.48 -4.47 -38.74
CA SER B 471 -16.49 -5.24 -39.49
C SER B 471 -15.11 -4.64 -39.24
N TRP B 472 -15.04 -3.32 -39.29
CA TRP B 472 -13.80 -2.59 -39.03
C TRP B 472 -13.23 -2.91 -37.67
N MET B 473 -14.12 -3.05 -36.70
CA MET B 473 -13.76 -3.30 -35.32
C MET B 473 -13.46 -4.77 -35.11
N GLY B 474 -13.67 -5.57 -36.15
CA GLY B 474 -13.42 -6.98 -36.04
C GLY B 474 -14.61 -7.66 -35.40
N LYS B 475 -15.76 -7.01 -35.50
CA LYS B 475 -16.99 -7.55 -34.97
C LYS B 475 -17.92 -7.79 -36.15
N GLY B 476 -19.21 -8.04 -35.88
CA GLY B 476 -20.17 -8.33 -36.93
C GLY B 476 -19.96 -9.69 -37.57
N ALA B 477 -20.72 -9.97 -38.63
CA ALA B 477 -20.66 -11.26 -39.32
C ALA B 477 -19.26 -11.48 -39.87
N ALA B 478 -18.72 -12.66 -39.63
CA ALA B 478 -17.34 -12.94 -39.97
C ALA B 478 -17.07 -12.88 -41.47
N LYS B 479 -18.09 -13.16 -42.28
CA LYS B 479 -17.92 -13.07 -43.73
C LYS B 479 -17.54 -11.65 -44.15
N LEU B 480 -18.03 -10.66 -43.41
CA LEU B 480 -17.88 -9.25 -43.78
C LEU B 480 -16.54 -8.64 -43.34
N ARG B 481 -15.69 -9.42 -42.68
CA ARG B 481 -14.40 -8.94 -42.22
C ARG B 481 -13.26 -9.26 -43.16
N VAL B 482 -12.27 -8.38 -43.13
CA VAL B 482 -11.14 -8.44 -44.04
C VAL B 482 -9.85 -8.69 -43.26
N ALA B 483 -9.17 -9.75 -43.63
CA ALA B 483 -7.95 -10.14 -42.93
C ALA B 483 -6.90 -9.03 -42.95
N GLY B 484 -6.31 -8.79 -41.79
CA GLY B 484 -5.23 -7.82 -41.63
C GLY B 484 -5.68 -6.38 -41.45
N VAL B 485 -6.99 -6.19 -41.36
CA VAL B 485 -7.56 -4.88 -41.05
C VAL B 485 -7.84 -4.82 -39.55
N VAL B 486 -7.05 -4.02 -38.84
CA VAL B 486 -7.29 -3.78 -37.43
C VAL B 486 -7.75 -2.38 -37.18
N ALA B 487 -8.90 -2.25 -36.52
CA ALA B 487 -9.30 -0.95 -36.02
C ALA B 487 -8.34 -0.53 -34.93
N PRO B 488 -8.21 0.78 -34.74
CA PRO B 488 -7.38 1.33 -33.67
C PRO B 488 -8.14 1.22 -32.36
N THR B 489 -7.45 1.34 -31.23
CA THR B 489 -8.14 1.22 -29.96
C THR B 489 -8.75 2.55 -29.54
N LEU B 490 -9.27 3.30 -30.52
CA LEU B 490 -9.99 4.55 -30.29
C LEU B 490 -11.44 4.28 -29.86
N PRO B 491 -12.06 5.21 -29.11
CA PRO B 491 -13.46 4.97 -28.72
C PRO B 491 -14.39 5.03 -29.91
N ARG B 492 -15.60 4.52 -29.76
CA ARG B 492 -16.46 4.30 -30.89
C ARG B 492 -16.78 5.60 -31.59
N GLU B 493 -16.98 6.63 -30.78
CA GLU B 493 -17.39 7.93 -31.29
C GLU B 493 -16.33 8.52 -32.21
N ASP B 494 -15.08 8.12 -32.00
CA ASP B 494 -14.00 8.53 -32.87
C ASP B 494 -14.07 7.80 -34.19
N LEU B 495 -14.52 6.56 -34.17
CA LEU B 495 -14.66 5.82 -35.40
C LEU B 495 -15.81 6.38 -36.20
N GLU B 496 -16.92 6.61 -35.53
CA GLU B 496 -18.04 7.31 -36.14
C GLU B 496 -17.66 8.63 -36.81
N LYS B 497 -16.75 9.38 -36.20
CA LYS B 497 -16.32 10.65 -36.79
C LYS B 497 -15.44 10.46 -38.01
N ILE B 498 -14.61 9.43 -37.97
CA ILE B 498 -13.76 9.12 -39.11
C ILE B 498 -14.56 8.69 -40.32
N ILE B 499 -15.65 7.97 -40.10
CA ILE B 499 -16.49 7.50 -41.19
C ILE B 499 -17.37 8.59 -41.77
N ALA B 500 -17.97 9.37 -40.88
CA ALA B 500 -18.66 10.58 -41.29
C ALA B 500 -17.78 11.47 -42.14
N HIS B 501 -16.51 11.55 -41.79
CA HIS B 501 -15.58 12.36 -42.54
C HIS B 501 -15.43 11.91 -43.99
N PHE B 502 -15.17 10.62 -44.18
CA PHE B 502 -15.02 10.09 -45.53
C PHE B 502 -16.29 10.20 -46.34
N LEU B 503 -17.42 10.09 -45.69
CA LEU B 503 -18.70 10.24 -46.35
C LEU B 503 -18.85 11.60 -47.02
N ILE B 504 -18.93 12.64 -46.20
CA ILE B 504 -19.07 14.00 -46.67
C ILE B 504 -17.96 14.41 -47.61
N GLN B 505 -16.82 13.74 -47.49
CA GLN B 505 -15.76 13.95 -48.45
C GLN B 505 -15.99 13.14 -49.71
N GLN B 506 -16.97 12.25 -49.63
CA GLN B 506 -17.48 11.49 -50.77
C GLN B 506 -16.49 10.42 -51.21
N TYR B 507 -15.49 10.16 -50.39
CA TYR B 507 -14.70 8.97 -50.55
C TYR B 507 -15.59 7.75 -50.37
N LEU B 508 -16.56 7.94 -49.49
CA LEU B 508 -17.67 7.03 -49.31
C LEU B 508 -18.89 7.78 -49.74
N LYS B 509 -19.98 7.09 -49.96
CA LYS B 509 -21.20 7.76 -50.36
C LYS B 509 -22.31 6.94 -49.80
N GLU B 510 -23.47 7.56 -49.63
CA GLU B 510 -24.63 6.78 -49.29
C GLU B 510 -25.32 6.25 -50.51
N ASP B 511 -26.00 5.14 -50.28
CA ASP B 511 -26.75 4.42 -51.29
C ASP B 511 -28.02 4.11 -50.53
N TYR B 512 -29.15 4.59 -51.03
CA TYR B 512 -30.40 4.36 -50.33
C TYR B 512 -31.14 3.20 -50.94
N SER B 513 -31.89 2.54 -50.09
CA SER B 513 -32.77 1.48 -50.50
C SER B 513 -34.15 1.80 -49.98
N PHE B 514 -35.14 1.71 -50.87
CA PHE B 514 -36.52 1.99 -50.53
C PHE B 514 -37.23 0.69 -50.22
N THR B 515 -37.86 0.60 -49.06
CA THR B 515 -38.45 -0.64 -48.60
C THR B 515 -39.90 -0.35 -48.26
N ALA B 516 -40.66 -1.41 -48.03
CA ALA B 516 -42.10 -1.32 -47.78
C ALA B 516 -42.50 -0.08 -46.97
N TYR B 517 -41.82 0.14 -45.85
CA TYR B 517 -42.21 1.18 -44.90
C TYR B 517 -41.18 2.30 -44.70
N ALA B 518 -39.90 2.03 -45.01
CA ALA B 518 -38.82 2.93 -44.64
C ALA B 518 -37.74 3.09 -45.72
N THR B 519 -37.10 4.26 -45.74
CA THR B 519 -35.89 4.47 -46.52
C THR B 519 -34.69 4.23 -45.62
N ILE B 520 -33.80 3.35 -46.05
CA ILE B 520 -32.61 3.01 -45.27
C ILE B 520 -31.35 3.34 -46.04
N SER B 521 -30.27 3.58 -45.30
CA SER B 521 -29.03 4.00 -45.89
C SER B 521 -27.97 2.94 -45.81
N TYR B 522 -27.18 2.86 -46.87
CA TYR B 522 -26.08 1.93 -46.95
C TYR B 522 -24.94 2.79 -47.42
N LEU B 523 -23.73 2.33 -47.16
CA LEU B 523 -22.55 3.05 -47.58
C LEU B 523 -21.91 2.32 -48.74
N LYS B 524 -21.23 3.07 -49.59
CA LYS B 524 -20.57 2.49 -50.75
C LYS B 524 -19.33 3.31 -50.98
N ILE B 525 -18.47 2.80 -51.84
CA ILE B 525 -17.32 3.54 -52.30
C ILE B 525 -17.86 4.75 -53.01
N GLY B 526 -17.41 5.92 -52.58
CA GLY B 526 -17.91 7.13 -53.18
C GLY B 526 -17.01 7.62 -54.30
N PRO B 527 -17.45 8.70 -54.96
CA PRO B 527 -16.80 9.22 -56.17
C PRO B 527 -15.34 9.58 -56.02
N LYS B 528 -14.92 9.92 -54.82
CA LYS B 528 -13.59 10.46 -54.65
C LYS B 528 -12.60 9.37 -54.28
N ALA B 529 -13.08 8.14 -54.15
CA ALA B 529 -12.23 7.00 -53.81
C ALA B 529 -11.14 6.74 -54.84
N ASN B 530 -11.34 7.23 -56.06
CA ASN B 530 -10.36 7.09 -57.13
C ASN B 530 -9.13 7.98 -56.97
N LEU B 531 -9.19 8.94 -56.07
CA LEU B 531 -8.02 9.71 -55.69
C LEU B 531 -6.99 8.89 -54.94
N LEU B 532 -7.47 7.84 -54.27
CA LEU B 532 -6.63 6.91 -53.54
C LEU B 532 -5.86 5.96 -54.43
N ASN B 533 -6.14 6.05 -55.73
CA ASN B 533 -5.34 5.35 -56.71
C ASN B 533 -3.93 5.92 -56.71
N ASN B 534 -3.84 7.20 -56.39
CA ASN B 534 -2.58 7.79 -55.98
C ASN B 534 -2.14 7.21 -54.64
N GLU B 535 -1.05 6.46 -54.65
CA GLU B 535 -0.57 5.85 -53.42
C GLU B 535 0.10 6.86 -52.49
N ALA B 536 0.39 8.05 -53.01
CA ALA B 536 0.91 9.15 -52.20
C ALA B 536 -0.21 10.02 -51.63
N HIS B 537 -1.44 9.74 -52.05
CA HIS B 537 -2.60 10.49 -51.59
C HIS B 537 -2.71 10.52 -50.06
N ALA B 538 -3.14 11.67 -49.54
CA ALA B 538 -3.23 11.87 -48.09
C ALA B 538 -4.60 12.42 -47.65
N ILE B 539 -5.25 11.68 -46.77
CA ILE B 539 -6.44 12.20 -46.08
C ILE B 539 -6.09 12.60 -44.66
N THR B 540 -6.36 13.85 -44.31
CA THR B 540 -6.06 14.35 -42.98
C THR B 540 -7.29 14.88 -42.25
N MET B 541 -7.30 14.72 -40.92
CA MET B 541 -8.38 15.25 -40.10
C MET B 541 -7.79 16.01 -38.95
N GLN B 542 -8.38 17.16 -38.65
CA GLN B 542 -7.90 17.97 -37.55
C GLN B 542 -8.26 17.32 -36.21
N VAL B 543 -7.26 17.23 -35.35
CA VAL B 543 -7.39 16.67 -34.01
C VAL B 543 -6.74 17.61 -33.01
N THR B 544 -7.16 17.54 -31.75
CA THR B 544 -6.49 18.28 -30.68
C THR B 544 -5.05 17.81 -30.46
N LYS B 545 -4.14 18.76 -30.25
CA LYS B 545 -2.76 18.46 -29.83
C LYS B 545 -2.61 18.20 -28.33
N SER C 16 1.69 38.47 14.32
CA SER C 16 1.53 37.12 14.86
C SER C 16 2.89 36.42 15.01
N SER C 17 2.90 35.32 15.78
CA SER C 17 4.14 34.61 16.11
C SER C 17 4.33 33.40 15.19
N PRO C 18 5.51 32.74 15.24
CA PRO C 18 5.68 31.49 14.50
C PRO C 18 4.64 30.42 14.83
N ALA C 19 4.22 30.36 16.08
CA ALA C 19 3.29 29.33 16.52
C ALA C 19 2.01 29.38 15.70
N ALA C 20 1.52 30.59 15.42
CA ALA C 20 0.33 30.76 14.60
C ALA C 20 0.52 30.20 13.19
N TRP C 21 1.77 29.92 12.81
CA TRP C 21 2.11 29.48 11.46
C TRP C 21 2.63 28.04 11.44
N ASN C 22 2.74 27.44 12.62
CA ASN C 22 3.15 26.05 12.75
C ASN C 22 1.85 25.25 12.56
N LYS C 23 1.48 25.07 11.30
CA LYS C 23 0.13 24.64 10.92
C LYS C 23 0.13 24.09 9.49
N GLU C 24 -0.64 23.03 9.24
CA GLU C 24 -0.81 22.52 7.87
C GLU C 24 -2.28 22.66 7.45
N ASP C 25 -2.86 23.78 7.81
CA ASP C 25 -4.26 24.08 7.57
C ASP C 25 -4.51 24.67 6.20
N PHE C 26 -3.44 25.06 5.53
CA PHE C 26 -3.57 25.93 4.38
C PHE C 26 -3.87 25.13 3.11
N PRO C 27 -4.46 25.78 2.10
CA PRO C 27 -4.85 25.15 0.84
C PRO C 27 -3.70 24.47 0.10
N TRP C 28 -2.48 24.75 0.55
CA TRP C 28 -1.26 24.28 -0.08
C TRP C 28 -0.58 23.21 0.74
N SER C 29 -1.07 23.01 1.96
CA SER C 29 -0.39 22.15 2.93
C SER C 29 -0.27 20.74 2.36
N GLY C 30 -1.31 20.30 1.68
CA GLY C 30 -1.32 18.98 1.07
C GLY C 30 -0.24 18.89 0.00
N LYS C 31 -0.19 19.90 -0.86
CA LYS C 31 0.82 20.01 -1.89
C LYS C 31 2.24 20.13 -1.33
N VAL C 32 2.36 20.83 -0.21
CA VAL C 32 3.65 21.05 0.43
C VAL C 32 4.27 19.79 1.02
N LYS C 33 3.49 19.06 1.79
CA LYS C 33 3.94 17.83 2.41
C LYS C 33 4.38 16.84 1.32
N ASP C 34 3.69 16.87 0.19
CA ASP C 34 3.94 15.89 -0.86
C ASP C 34 5.25 16.17 -1.57
N ILE C 35 5.54 17.44 -1.82
CA ILE C 35 6.81 17.84 -2.43
C ILE C 35 8.00 17.61 -1.51
N LEU C 36 7.81 17.85 -0.22
CA LEU C 36 8.84 17.57 0.76
C LEU C 36 9.25 16.11 0.62
N GLN C 37 8.26 15.23 0.71
CA GLN C 37 8.51 13.81 0.82
C GLN C 37 8.86 13.14 -0.49
N ASN C 38 8.27 13.61 -1.58
CA ASN C 38 8.41 12.91 -2.84
C ASN C 38 9.32 13.58 -3.86
N VAL C 39 9.59 14.86 -3.70
CA VAL C 39 10.58 15.53 -4.52
C VAL C 39 11.89 15.73 -3.77
N PHE C 40 11.78 16.29 -2.56
CA PHE C 40 12.95 16.54 -1.73
C PHE C 40 13.42 15.32 -0.97
N LYS C 41 12.58 14.29 -0.92
CA LYS C 41 12.93 13.06 -0.24
C LYS C 41 13.24 13.30 1.22
N LEU C 42 12.56 14.26 1.83
CA LEU C 42 12.71 14.56 3.24
C LEU C 42 11.44 14.14 3.93
N GLU C 43 11.53 13.82 5.20
CA GLU C 43 10.39 13.22 5.88
C GLU C 43 9.63 14.23 6.72
N LYS C 44 10.37 15.06 7.43
CA LYS C 44 9.75 16.06 8.27
C LYS C 44 10.48 17.39 8.17
N PHE C 45 9.84 18.40 8.72
CA PHE C 45 10.37 19.75 8.74
C PHE C 45 11.18 20.00 9.99
N ARG C 46 12.30 20.68 9.85
CA ARG C 46 13.03 21.12 11.01
C ARG C 46 12.27 22.29 11.59
N PRO C 47 12.60 22.70 12.83
CA PRO C 47 11.88 23.83 13.43
C PRO C 47 11.88 25.08 12.55
N LEU C 48 10.75 25.78 12.55
CA LEU C 48 10.51 26.98 11.75
C LEU C 48 10.50 26.76 10.24
N GLN C 49 10.79 25.56 9.75
CA GLN C 49 10.84 25.38 8.32
C GLN C 49 9.41 25.43 7.83
N LEU C 50 8.51 24.83 8.59
CA LEU C 50 7.11 24.83 8.20
C LEU C 50 6.55 26.24 8.29
N GLU C 51 6.81 26.88 9.44
CA GLU C 51 6.29 28.21 9.72
C GLU C 51 6.72 29.22 8.67
N THR C 52 7.98 29.16 8.28
CA THR C 52 8.51 30.07 7.28
C THR C 52 7.91 29.85 5.90
N ILE C 53 7.76 28.59 5.52
CA ILE C 53 7.12 28.23 4.26
C ILE C 53 5.66 28.70 4.19
N ASN C 54 4.88 28.48 5.24
CA ASN C 54 3.51 28.98 5.29
C ASN C 54 3.40 30.48 5.04
N VAL C 55 4.31 31.24 5.64
CA VAL C 55 4.27 32.69 5.54
C VAL C 55 4.55 33.13 4.10
N THR C 56 5.54 32.51 3.47
CA THR C 56 5.93 32.92 2.13
C THR C 56 4.87 32.51 1.13
N MET C 57 4.32 31.33 1.34
CA MET C 57 3.18 30.87 0.57
C MET C 57 2.01 31.81 0.75
N ALA C 58 1.86 32.35 1.96
CA ALA C 58 0.83 33.37 2.19
C ALA C 58 1.19 34.70 1.52
N GLY C 59 2.35 34.76 0.88
CA GLY C 59 2.73 35.93 0.10
C GLY C 59 3.14 37.11 0.95
N LYS C 60 3.58 36.82 2.16
CA LYS C 60 4.11 37.85 3.04
C LYS C 60 5.63 37.86 3.12
N GLU C 61 6.16 39.00 3.56
CA GLU C 61 7.59 39.21 3.72
C GLU C 61 8.09 38.58 5.02
N VAL C 62 9.22 37.89 4.97
CA VAL C 62 9.77 37.23 6.17
C VAL C 62 11.29 37.18 6.18
N PHE C 63 11.86 37.50 7.33
CA PHE C 63 13.25 37.19 7.63
C PHE C 63 13.39 35.89 8.45
N LEU C 64 14.22 34.96 7.98
CA LEU C 64 14.55 33.74 8.71
C LEU C 64 15.97 33.75 9.27
N VAL C 65 16.10 33.67 10.59
CA VAL C 65 17.40 33.53 11.23
C VAL C 65 17.59 32.10 11.72
N MET C 66 18.55 31.39 11.14
CA MET C 66 18.71 29.97 11.46
C MET C 66 20.14 29.52 11.25
N PRO C 67 20.66 28.71 12.19
CA PRO C 67 22.04 28.23 12.11
C PRO C 67 22.41 27.70 10.73
N THR C 68 23.68 27.78 10.37
CA THR C 68 24.14 27.25 9.09
C THR C 68 24.00 25.72 9.07
N GLY C 69 23.58 25.15 7.95
CA GLY C 69 23.27 23.74 7.92
C GLY C 69 21.96 23.36 8.59
N GLY C 70 21.21 24.37 9.04
CA GLY C 70 19.95 24.12 9.71
C GLY C 70 18.87 23.79 8.71
N GLY C 71 19.14 24.08 7.44
CA GLY C 71 18.18 23.84 6.39
C GLY C 71 17.46 25.10 5.96
N LYS C 72 18.20 26.18 5.75
CA LYS C 72 17.58 27.41 5.29
C LYS C 72 17.12 27.30 3.84
N SER C 73 17.87 26.56 3.03
CA SER C 73 17.62 26.57 1.61
C SER C 73 16.23 26.07 1.27
N LEU C 74 15.80 25.02 1.95
CA LEU C 74 14.48 24.45 1.74
C LEU C 74 13.36 25.47 1.76
N CYS C 75 13.47 26.44 2.66
CA CYS C 75 12.38 27.36 2.95
C CYS C 75 12.03 28.29 1.80
N TYR C 76 12.86 28.31 0.76
CA TYR C 76 12.50 29.00 -0.45
C TYR C 76 12.55 28.08 -1.65
N GLN C 77 13.28 26.99 -1.55
CA GLN C 77 13.31 26.03 -2.64
C GLN C 77 11.98 25.29 -2.76
N LEU C 78 11.34 24.99 -1.64
CA LEU C 78 10.11 24.20 -1.67
C LEU C 78 8.91 25.01 -2.21
N PRO C 79 8.65 26.20 -1.66
CA PRO C 79 7.69 27.13 -2.27
C PRO C 79 7.78 27.38 -3.78
N ALA C 80 8.98 27.63 -4.31
CA ALA C 80 9.18 27.77 -5.75
C ALA C 80 8.40 26.72 -6.53
N LEU C 81 8.38 25.50 -6.00
CA LEU C 81 7.75 24.37 -6.65
C LEU C 81 6.24 24.33 -6.47
N CYS C 82 5.75 24.99 -5.43
CA CYS C 82 4.32 25.05 -5.17
C CYS C 82 3.68 26.27 -5.77
N SER C 83 4.42 26.92 -6.68
CA SER C 83 3.95 28.14 -7.30
C SER C 83 4.18 28.08 -8.82
N ASP C 84 3.48 28.96 -9.53
CA ASP C 84 3.62 29.11 -10.97
C ASP C 84 4.85 29.94 -11.31
N GLY C 85 5.57 29.53 -12.36
CA GLY C 85 6.77 30.25 -12.75
C GLY C 85 7.97 29.98 -11.88
N PHE C 86 8.82 30.99 -11.72
CA PHE C 86 10.08 30.84 -11.00
C PHE C 86 10.21 31.76 -9.78
N THR C 87 11.11 31.37 -8.89
CA THR C 87 11.53 32.17 -7.74
C THR C 87 12.92 32.74 -8.01
N LEU C 88 13.09 34.03 -7.79
CA LEU C 88 14.41 34.67 -7.91
C LEU C 88 15.27 34.59 -6.66
N VAL C 89 16.51 34.12 -6.82
CA VAL C 89 17.43 33.99 -5.69
C VAL C 89 18.70 34.82 -5.84
N ILE C 90 18.88 35.74 -4.92
CA ILE C 90 20.07 36.59 -4.88
C ILE C 90 21.09 36.03 -3.88
N CYS C 91 22.30 35.78 -4.36
CA CYS C 91 23.33 35.05 -3.60
C CYS C 91 24.72 35.60 -3.90
N PRO C 92 25.52 35.86 -2.88
CA PRO C 92 26.73 36.65 -3.08
C PRO C 92 27.89 35.85 -3.74
N LEU C 93 28.05 34.56 -3.43
CA LEU C 93 29.15 33.77 -4.01
C LEU C 93 28.68 32.73 -5.03
N ILE C 94 29.45 32.60 -6.11
CA ILE C 94 29.18 31.59 -7.13
C ILE C 94 29.28 30.17 -6.61
N SER C 95 30.13 29.97 -5.61
CA SER C 95 30.30 28.65 -5.04
C SER C 95 29.07 28.24 -4.24
N LEU C 96 28.52 29.18 -3.48
CA LEU C 96 27.26 28.96 -2.79
C LEU C 96 26.12 28.65 -3.74
N MET C 97 26.08 29.35 -4.86
CA MET C 97 25.10 29.06 -5.88
C MET C 97 25.37 27.69 -6.45
N GLU C 98 26.63 27.45 -6.77
CA GLU C 98 27.05 26.19 -7.32
C GLU C 98 26.77 25.06 -6.34
N ASP C 99 26.97 25.32 -5.05
CA ASP C 99 26.53 24.40 -4.00
C ASP C 99 25.07 23.92 -4.18
N GLN C 100 24.17 24.89 -4.33
CA GLN C 100 22.73 24.61 -4.40
C GLN C 100 22.24 23.86 -5.64
N LEU C 101 22.73 24.28 -6.80
CA LEU C 101 22.25 23.74 -8.08
C LEU C 101 22.59 22.26 -8.26
N MET C 102 23.72 21.86 -7.72
CA MET C 102 24.11 20.45 -7.73
C MET C 102 23.03 19.60 -7.06
N VAL C 103 22.61 20.04 -5.87
CA VAL C 103 21.61 19.35 -5.09
C VAL C 103 20.25 19.27 -5.79
N LEU C 104 19.89 20.35 -6.47
CA LEU C 104 18.61 20.46 -7.15
C LEU C 104 18.50 19.63 -8.43
N LYS C 105 19.55 19.65 -9.25
CA LYS C 105 19.62 18.79 -10.42
C LYS C 105 19.41 17.32 -10.05
N GLN C 106 20.09 16.86 -8.99
CA GLN C 106 19.97 15.49 -8.51
C GLN C 106 18.54 15.12 -8.08
N LEU C 107 17.81 16.09 -7.58
CA LEU C 107 16.42 15.91 -7.20
C LEU C 107 15.47 15.97 -8.40
N GLY C 108 16.03 16.29 -9.57
CA GLY C 108 15.23 16.43 -10.78
C GLY C 108 14.58 17.79 -10.97
N ILE C 109 15.02 18.77 -10.18
CA ILE C 109 14.46 20.12 -10.21
C ILE C 109 15.14 21.04 -11.23
N SER C 110 14.35 21.75 -12.04
CA SER C 110 14.87 22.76 -12.96
C SER C 110 15.24 24.07 -12.28
N ALA C 111 16.54 24.32 -12.16
CA ALA C 111 17.07 25.56 -11.62
C ALA C 111 18.28 26.00 -12.43
N THR C 112 18.61 27.29 -12.37
CA THR C 112 19.78 27.79 -13.10
C THR C 112 20.39 28.99 -12.40
N MET C 113 21.55 29.43 -12.91
CA MET C 113 22.16 30.66 -12.42
C MET C 113 22.65 31.50 -13.58
N LEU C 114 22.79 32.80 -13.35
CA LEU C 114 23.52 33.70 -14.24
C LEU C 114 24.68 34.36 -13.53
N ASN C 115 25.71 34.66 -14.30
CA ASN C 115 27.04 34.83 -13.77
C ASN C 115 27.81 35.89 -14.51
N ALA C 116 29.00 36.20 -14.02
CA ALA C 116 29.93 37.02 -14.77
C ALA C 116 30.44 36.26 -15.98
N SER C 117 31.03 35.10 -15.72
CA SER C 117 31.58 34.28 -16.79
C SER C 117 30.54 33.42 -17.51
N SER C 118 29.31 33.93 -17.59
CA SER C 118 28.23 33.13 -18.15
C SER C 118 28.22 33.26 -19.67
N SER C 119 27.91 32.17 -20.36
CA SER C 119 27.98 32.13 -21.80
C SER C 119 26.88 32.95 -22.47
N LYS C 120 27.23 33.57 -23.59
CA LYS C 120 26.27 34.31 -24.40
C LYS C 120 25.08 33.43 -24.81
N GLU C 121 25.37 32.16 -25.12
CA GLU C 121 24.35 31.19 -25.50
C GLU C 121 23.45 30.88 -24.31
N HIS C 122 24.07 30.83 -23.12
CA HIS C 122 23.36 30.52 -21.90
C HIS C 122 22.50 31.68 -21.42
N VAL C 123 23.04 32.89 -21.44
CA VAL C 123 22.25 34.08 -21.11
C VAL C 123 21.01 34.22 -22.00
N LYS C 124 21.18 34.01 -23.30
CA LYS C 124 20.08 34.09 -24.24
C LYS C 124 18.93 33.14 -23.88
N TRP C 125 19.27 31.91 -23.55
CA TRP C 125 18.26 30.92 -23.20
C TRP C 125 17.49 31.24 -21.93
N VAL C 126 18.19 31.72 -20.93
CA VAL C 126 17.57 32.08 -19.68
C VAL C 126 16.53 33.15 -19.99
N HIS C 127 16.95 34.18 -20.72
CA HIS C 127 16.06 35.28 -21.04
C HIS C 127 14.78 34.74 -21.67
N ALA C 128 14.93 33.80 -22.57
CA ALA C 128 13.77 33.17 -23.19
C ALA C 128 12.86 32.46 -22.19
N GLU C 129 13.47 31.72 -21.29
CA GLU C 129 12.72 30.91 -20.31
C GLU C 129 11.85 31.74 -19.38
N MET C 130 12.36 32.91 -19.00
CA MET C 130 11.71 33.79 -18.04
C MET C 130 10.32 34.28 -18.46
N VAL C 131 10.15 34.52 -19.76
CA VAL C 131 8.88 34.99 -20.32
C VAL C 131 8.11 33.87 -20.99
N ASN C 132 8.79 32.77 -21.28
CA ASN C 132 8.14 31.57 -21.76
C ASN C 132 7.11 31.05 -20.77
N LYS C 133 5.85 31.03 -21.20
CA LYS C 133 4.75 30.66 -20.31
C LYS C 133 4.75 29.18 -19.95
N ASN C 134 5.43 28.38 -20.77
CA ASN C 134 5.41 26.93 -20.60
C ASN C 134 6.65 26.43 -19.85
N SER C 135 7.50 27.36 -19.43
CA SER C 135 8.74 27.03 -18.74
C SER C 135 8.48 26.30 -17.43
N GLU C 136 9.30 25.29 -17.18
CA GLU C 136 9.30 24.60 -15.90
C GLU C 136 10.50 24.98 -15.06
N LEU C 137 11.31 25.89 -15.57
CA LEU C 137 12.39 26.49 -14.80
C LEU C 137 11.82 27.25 -13.61
N LYS C 138 12.12 26.77 -12.41
CA LYS C 138 11.45 27.23 -11.20
C LYS C 138 12.35 28.06 -10.27
N LEU C 139 13.66 28.03 -10.48
CA LEU C 139 14.59 28.82 -9.68
C LEU C 139 15.72 29.41 -10.50
N ILE C 140 15.96 30.70 -10.33
CA ILE C 140 17.09 31.38 -10.93
C ILE C 140 18.01 32.08 -9.92
N TYR C 141 19.28 31.69 -9.88
CA TYR C 141 20.27 32.29 -8.97
C TYR C 141 21.10 33.37 -9.66
N VAL C 142 21.26 34.51 -9.01
CA VAL C 142 22.09 35.60 -9.54
C VAL C 142 22.87 36.32 -8.45
N THR C 143 23.91 37.04 -8.86
CA THR C 143 24.69 37.87 -7.93
C THR C 143 24.06 39.26 -7.84
N PRO C 144 24.34 40.00 -6.76
CA PRO C 144 23.78 41.36 -6.66
C PRO C 144 24.26 42.34 -7.72
N GLU C 145 25.38 42.05 -8.35
CA GLU C 145 25.89 42.86 -9.46
C GLU C 145 24.91 42.88 -10.64
N LYS C 146 24.25 41.74 -10.85
CA LYS C 146 23.26 41.59 -11.91
C LYS C 146 22.03 42.49 -11.76
N ILE C 147 21.60 42.74 -10.53
CA ILE C 147 20.47 43.64 -10.27
C ILE C 147 20.82 45.09 -10.57
N ALA C 148 22.03 45.49 -10.19
CA ALA C 148 22.45 46.88 -10.28
C ALA C 148 23.01 47.26 -11.65
N LYS C 149 23.69 46.32 -12.31
CA LYS C 149 24.39 46.62 -13.55
C LYS C 149 23.91 45.78 -14.74
N SER C 150 22.61 45.50 -14.81
CA SER C 150 22.03 44.95 -16.04
C SER C 150 20.63 45.46 -16.34
N LYS C 151 20.55 46.33 -17.34
CA LYS C 151 19.29 46.88 -17.82
C LYS C 151 18.48 45.79 -18.50
N MET C 152 19.15 44.98 -19.32
CA MET C 152 18.50 43.88 -20.03
C MET C 152 17.79 42.90 -19.13
N PHE C 153 18.45 42.51 -18.05
CA PHE C 153 17.87 41.53 -17.14
C PHE C 153 16.69 42.07 -16.36
N MET C 154 16.77 43.32 -15.96
CA MET C 154 15.68 43.94 -15.22
C MET C 154 14.43 44.04 -16.08
N SER C 155 14.61 44.21 -17.39
CA SER C 155 13.46 44.31 -18.27
C SER C 155 12.74 42.98 -18.46
N ARG C 156 13.50 41.91 -18.55
CA ARG C 156 12.93 40.57 -18.62
C ARG C 156 12.15 40.18 -17.37
N LEU C 157 12.69 40.51 -16.21
CA LEU C 157 11.95 40.36 -14.94
C LEU C 157 10.64 41.09 -14.90
N GLU C 158 10.66 42.29 -15.47
CA GLU C 158 9.47 43.12 -15.47
C GLU C 158 8.43 42.44 -16.35
N LYS C 159 8.88 41.99 -17.50
CA LYS C 159 8.03 41.23 -18.41
C LYS C 159 7.50 39.96 -17.75
N ALA C 160 8.40 39.18 -17.17
CA ALA C 160 8.00 38.02 -16.42
C ALA C 160 7.05 38.32 -15.27
N TYR C 161 7.31 39.40 -14.54
CA TYR C 161 6.44 39.80 -13.46
C TYR C 161 5.07 40.20 -13.99
N GLU C 162 5.05 40.84 -15.15
CA GLU C 162 3.80 41.28 -15.74
C GLU C 162 3.04 40.08 -16.27
N ALA C 163 3.79 39.08 -16.75
CA ALA C 163 3.18 37.84 -17.18
C ALA C 163 2.84 36.92 -16.01
N ARG C 164 2.97 37.46 -14.80
CA ARG C 164 2.64 36.74 -13.56
C ARG C 164 3.45 35.46 -13.36
N ARG C 165 4.60 35.35 -14.03
CA ARG C 165 5.45 34.18 -13.90
C ARG C 165 6.51 34.37 -12.80
N PHE C 166 6.55 35.57 -12.22
CA PHE C 166 7.59 35.93 -11.27
C PHE C 166 6.91 36.44 -10.01
N THR C 167 6.80 35.55 -9.05
CA THR C 167 5.96 35.76 -7.87
C THR C 167 6.72 35.84 -6.53
N ARG C 168 8.01 35.52 -6.55
CA ARG C 168 8.77 35.32 -5.31
C ARG C 168 10.26 35.66 -5.42
N ILE C 169 10.76 36.36 -4.41
CA ILE C 169 12.17 36.73 -4.28
C ILE C 169 12.84 36.13 -3.05
N ALA C 170 13.93 35.38 -3.23
CA ALA C 170 14.76 35.00 -2.08
C ALA C 170 16.12 35.71 -2.08
N VAL C 171 16.43 36.39 -0.96
CA VAL C 171 17.74 37.00 -0.75
C VAL C 171 18.63 36.24 0.26
N ASP C 172 19.58 35.46 -0.21
CA ASP C 172 20.47 34.76 0.70
C ASP C 172 21.50 35.71 1.31
N GLU C 173 21.85 35.46 2.56
CA GLU C 173 22.87 36.23 3.28
C GLU C 173 22.47 37.68 3.49
N VAL C 174 21.23 37.90 3.89
CA VAL C 174 20.66 39.23 3.94
C VAL C 174 21.45 40.19 4.84
N HIS C 175 22.23 39.65 5.78
CA HIS C 175 23.05 40.45 6.68
C HIS C 175 24.11 41.29 5.97
N CYS C 176 24.47 40.86 4.77
CA CYS C 176 25.39 41.63 3.96
C CYS C 176 24.83 43.01 3.67
N CYS C 177 23.53 43.21 3.85
CA CYS C 177 22.97 44.54 3.69
C CYS C 177 23.59 45.51 4.64
N SER C 178 23.91 45.05 5.84
CA SER C 178 24.19 46.01 6.90
C SER C 178 25.66 46.34 7.07
N GLN C 179 25.90 47.48 7.69
CA GLN C 179 27.25 47.94 7.97
C GLN C 179 27.66 47.43 9.34
N TRP C 180 26.96 46.41 9.82
CA TRP C 180 27.33 45.73 11.06
C TRP C 180 27.56 44.26 10.74
N GLY C 181 26.96 43.79 9.64
CA GLY C 181 27.08 42.42 9.25
C GLY C 181 28.43 42.20 8.59
N HIS C 182 29.28 41.45 9.27
CA HIS C 182 30.67 41.30 8.87
C HIS C 182 30.88 40.48 7.59
N ASP C 183 30.01 40.70 6.62
CA ASP C 183 30.21 40.16 5.29
C ASP C 183 29.55 41.12 4.32
N PHE C 184 29.53 42.39 4.70
CA PHE C 184 28.84 43.44 3.97
C PHE C 184 29.23 43.53 2.51
N ARG C 185 28.27 43.85 1.65
CA ARG C 185 28.52 43.95 0.23
C ARG C 185 27.81 45.17 -0.35
N PRO C 186 28.56 46.06 -1.00
CA PRO C 186 27.99 47.33 -1.46
C PRO C 186 26.77 47.14 -2.33
N ASP C 187 26.89 46.18 -3.24
CA ASP C 187 25.85 45.87 -4.21
C ASP C 187 24.53 45.47 -3.55
N TYR C 188 24.60 45.05 -2.29
CA TYR C 188 23.41 44.71 -1.52
C TYR C 188 22.60 45.97 -1.21
N LYS C 189 23.22 47.13 -1.39
CA LYS C 189 22.50 48.40 -1.19
C LYS C 189 21.54 48.76 -2.32
N ALA C 190 21.84 48.32 -3.54
CA ALA C 190 20.94 48.50 -4.68
C ALA C 190 19.66 47.68 -4.63
N LEU C 191 19.61 46.67 -3.78
CA LEU C 191 18.55 45.67 -3.85
C LEU C 191 17.18 46.17 -3.38
N GLY C 192 17.15 47.30 -2.69
CA GLY C 192 15.88 47.96 -2.41
C GLY C 192 14.97 48.20 -3.60
N ILE C 193 15.51 48.20 -4.80
CA ILE C 193 14.70 48.36 -6.01
C ILE C 193 13.71 47.24 -6.27
N LEU C 194 13.97 46.08 -5.72
CA LEU C 194 13.16 44.91 -6.02
C LEU C 194 11.73 45.05 -5.51
N LYS C 195 11.56 45.36 -4.22
CA LYS C 195 10.22 45.58 -3.70
C LYS C 195 9.65 46.90 -4.15
N ARG C 196 10.50 47.78 -4.67
CA ARG C 196 9.99 49.05 -5.18
C ARG C 196 9.33 48.80 -6.52
N GLN C 197 10.01 48.06 -7.41
CA GLN C 197 9.47 47.72 -8.71
C GLN C 197 8.47 46.57 -8.67
N PHE C 198 8.65 45.63 -7.75
CA PHE C 198 7.87 44.39 -7.72
C PHE C 198 7.18 44.14 -6.36
N PRO C 199 6.29 45.04 -5.96
CA PRO C 199 5.63 44.97 -4.65
C PRO C 199 4.76 43.74 -4.37
N ASN C 200 4.28 43.06 -5.41
CA ASN C 200 3.46 41.87 -5.24
C ASN C 200 4.23 40.54 -5.30
N ALA C 201 5.53 40.62 -5.55
CA ALA C 201 6.44 39.51 -5.30
C ALA C 201 6.79 39.48 -3.81
N SER C 202 6.57 38.34 -3.16
CA SER C 202 6.94 38.25 -1.76
C SER C 202 8.44 38.06 -1.61
N LEU C 203 8.99 38.57 -0.52
CA LEU C 203 10.42 38.50 -0.27
C LEU C 203 10.79 37.70 0.97
N ILE C 204 11.77 36.82 0.80
CA ILE C 204 12.36 36.09 1.93
C ILE C 204 13.86 36.39 2.08
N GLY C 205 14.27 36.80 3.27
CA GLY C 205 15.68 37.01 3.60
C GLY C 205 16.24 35.90 4.48
N LEU C 206 17.38 35.33 4.10
CA LEU C 206 17.99 34.25 4.88
C LEU C 206 19.40 34.59 5.40
N THR C 207 19.65 34.22 6.65
CA THR C 207 20.97 34.37 7.27
C THR C 207 21.10 33.54 8.52
N ALA C 208 22.33 33.24 8.87
CA ALA C 208 22.65 32.69 10.18
C ALA C 208 23.09 33.84 11.09
N THR C 209 23.67 34.87 10.49
CA THR C 209 24.44 35.88 11.21
C THR C 209 23.67 37.21 11.29
N ALA C 210 22.75 37.30 12.25
CA ALA C 210 21.76 38.37 12.28
C ALA C 210 21.62 39.00 13.64
N THR C 211 22.13 40.22 13.75
CA THR C 211 21.87 41.06 14.89
C THR C 211 20.66 41.88 14.53
N ASN C 212 19.89 42.24 15.55
CA ASN C 212 18.65 42.98 15.39
C ASN C 212 18.88 44.24 14.57
N HIS C 213 20.07 44.79 14.68
CA HIS C 213 20.42 46.02 13.98
C HIS C 213 21.01 45.73 12.61
N VAL C 214 21.38 44.48 12.37
CA VAL C 214 21.70 44.03 11.01
C VAL C 214 20.45 43.75 10.22
N LEU C 215 19.42 43.27 10.88
CA LEU C 215 18.17 42.99 10.21
C LEU C 215 17.42 44.29 9.91
N THR C 216 17.37 45.15 10.92
CA THR C 216 16.75 46.45 10.80
C THR C 216 17.39 47.26 9.67
N ASP C 217 18.67 47.03 9.42
CA ASP C 217 19.37 47.74 8.35
C ASP C 217 19.04 47.12 7.00
N ALA C 218 19.04 45.80 6.94
CA ALA C 218 18.66 45.13 5.72
C ALA C 218 17.23 45.48 5.33
N GLN C 219 16.36 45.58 6.33
CA GLN C 219 14.99 46.03 6.11
C GLN C 219 14.84 47.42 5.51
N LYS C 220 15.72 48.35 5.89
CA LYS C 220 15.73 49.66 5.23
C LYS C 220 16.27 49.56 3.83
N ILE C 221 17.39 48.87 3.67
CA ILE C 221 18.01 48.73 2.37
C ILE C 221 17.09 48.08 1.37
N LEU C 222 16.35 47.09 1.83
CA LEU C 222 15.49 46.33 0.94
C LEU C 222 14.13 46.98 0.75
N CYS C 223 13.90 48.05 1.50
CA CYS C 223 12.68 48.83 1.37
C CYS C 223 11.47 47.98 1.75
N ILE C 224 11.59 47.29 2.87
CA ILE C 224 10.52 46.45 3.39
C ILE C 224 9.90 47.05 4.64
N GLU C 225 8.57 47.10 4.67
CA GLU C 225 7.82 47.09 5.93
C GLU C 225 6.33 46.96 5.60
N LYS C 226 5.61 45.97 6.15
CA LYS C 226 6.01 45.15 7.30
C LYS C 226 6.70 43.83 6.97
N CYS C 227 7.11 43.12 8.02
CA CYS C 227 7.97 41.93 7.90
C CYS C 227 7.80 41.00 9.12
N PHE C 228 7.83 39.68 8.91
CA PHE C 228 8.01 38.73 10.03
C PHE C 228 9.50 38.42 10.24
N THR C 229 9.91 38.22 11.49
CA THR C 229 11.24 37.69 11.78
C THR C 229 11.18 36.40 12.61
N PHE C 230 11.59 35.31 11.98
CA PHE C 230 11.68 34.01 12.62
C PHE C 230 13.13 33.61 12.91
N THR C 231 13.38 33.30 14.18
CA THR C 231 14.69 32.89 14.66
C THR C 231 14.61 31.45 15.11
N ALA C 232 15.35 30.59 14.45
CA ALA C 232 15.51 29.23 14.91
C ALA C 232 16.49 29.19 16.04
N SER C 233 16.21 28.28 16.97
CA SER C 233 17.07 28.11 18.10
C SER C 233 18.40 27.54 17.66
N PHE C 234 19.42 27.96 18.39
CA PHE C 234 20.76 27.53 18.14
C PHE C 234 20.92 26.04 18.37
N ASN C 235 20.15 25.52 19.33
CA ASN C 235 20.35 24.15 19.81
C ASN C 235 20.41 23.01 18.79
N ARG C 236 21.47 22.21 18.95
CA ARG C 236 21.69 20.97 18.20
C ARG C 236 21.74 19.85 19.23
N PRO C 237 20.58 19.28 19.61
CA PRO C 237 20.49 18.38 20.77
C PRO C 237 21.50 17.23 20.75
N ASN C 238 21.96 16.83 19.57
CA ASN C 238 22.91 15.73 19.45
C ASN C 238 24.39 16.05 19.67
N LEU C 239 24.70 17.32 19.96
CA LEU C 239 26.09 17.77 20.10
C LEU C 239 26.58 17.73 21.56
N TYR C 240 27.71 17.07 21.78
CA TYR C 240 28.36 17.05 23.10
C TYR C 240 29.40 18.17 23.20
N TYR C 241 29.24 19.06 24.18
CA TYR C 241 30.16 20.19 24.38
C TYR C 241 31.14 20.02 25.56
N GLU C 242 32.44 20.09 25.27
CA GLU C 242 33.49 19.97 26.29
C GLU C 242 34.65 20.96 26.14
N VAL C 243 35.14 21.43 27.28
CA VAL C 243 36.41 22.15 27.36
C VAL C 243 37.44 21.39 28.20
N ARG C 244 38.55 20.99 27.59
CA ARG C 244 39.67 20.41 28.33
C ARG C 244 40.81 21.42 28.49
N GLN C 245 41.64 21.20 29.50
CA GLN C 245 42.85 21.98 29.69
C GLN C 245 43.78 21.64 28.52
N LYS C 246 44.34 22.66 27.88
CA LYS C 246 45.32 22.46 26.82
C LYS C 246 46.69 22.21 27.44
N PRO C 247 47.40 21.16 26.98
CA PRO C 247 48.72 20.89 27.58
C PRO C 247 49.82 21.86 27.17
N SER C 248 50.72 22.13 28.12
CA SER C 248 51.87 23.00 27.84
C SER C 248 52.79 22.37 26.80
N ASN C 249 53.09 21.09 26.96
CA ASN C 249 53.84 20.34 25.96
C ASN C 249 53.02 20.04 24.72
N THR C 250 53.53 20.44 23.57
CA THR C 250 52.87 20.24 22.28
C THR C 250 52.91 18.79 21.77
N GLU C 251 53.86 18.01 22.27
CA GLU C 251 53.97 16.60 21.89
C GLU C 251 53.07 15.73 22.76
N ASP C 252 52.88 16.16 24.00
CA ASP C 252 51.91 15.56 24.90
C ASP C 252 50.48 15.81 24.43
N PHE C 253 50.31 16.93 23.74
CA PHE C 253 49.01 17.33 23.25
C PHE C 253 48.64 16.45 22.05
N ILE C 254 49.60 16.20 21.17
CA ILE C 254 49.41 15.29 20.04
C ILE C 254 49.05 13.87 20.48
N GLU C 255 49.82 13.33 21.41
CA GLU C 255 49.58 12.00 21.95
C GLU C 255 48.17 11.87 22.51
N ASP C 256 47.69 12.92 23.18
CA ASP C 256 46.32 12.92 23.67
C ASP C 256 45.30 12.87 22.55
N ILE C 257 45.61 13.53 21.45
CA ILE C 257 44.70 13.61 20.33
C ILE C 257 44.61 12.28 19.58
N VAL C 258 45.76 11.77 19.18
CA VAL C 258 45.85 10.48 18.53
C VAL C 258 45.14 9.39 19.32
N LYS C 259 45.13 9.52 20.65
CA LYS C 259 44.45 8.54 21.50
C LYS C 259 42.93 8.62 21.40
N LEU C 260 42.40 9.81 21.19
CA LEU C 260 40.99 9.94 20.90
C LEU C 260 40.66 9.38 19.52
N ILE C 261 41.45 9.79 18.53
CA ILE C 261 41.17 9.47 17.13
C ILE C 261 41.28 7.97 16.90
N ASN C 262 42.21 7.35 17.61
CA ASN C 262 42.44 5.93 17.48
C ASN C 262 41.67 5.19 18.56
N GLY C 263 40.97 5.94 19.41
CA GLY C 263 40.17 5.32 20.44
C GLY C 263 38.70 5.53 20.10
N ARG C 264 38.06 6.46 20.79
CA ARG C 264 36.64 6.70 20.61
C ARG C 264 36.24 7.04 19.16
N TYR C 265 37.11 7.73 18.43
CA TYR C 265 36.80 8.18 17.06
C TYR C 265 37.48 7.34 16.01
N LYS C 266 37.75 6.08 16.32
CA LYS C 266 38.45 5.24 15.37
C LYS C 266 37.57 5.06 14.15
N GLY C 267 38.16 5.30 12.98
CA GLY C 267 37.42 5.26 11.74
C GLY C 267 36.50 6.43 11.44
N GLN C 268 36.12 7.20 12.46
CA GLN C 268 35.13 8.23 12.24
C GLN C 268 35.76 9.51 11.73
N SER C 269 34.95 10.34 11.07
CA SER C 269 35.40 11.58 10.46
C SER C 269 35.31 12.73 11.44
N GLY C 270 36.24 13.67 11.32
CA GLY C 270 36.21 14.85 12.16
C GLY C 270 37.08 15.97 11.64
N ILE C 271 37.07 17.09 12.35
CA ILE C 271 37.85 18.26 11.99
C ILE C 271 38.65 18.75 13.17
N ILE C 272 39.90 19.13 12.91
CA ILE C 272 40.68 19.92 13.84
C ILE C 272 40.88 21.37 13.34
N TYR C 273 40.31 22.32 14.08
CA TYR C 273 40.49 23.75 13.78
C TYR C 273 41.68 24.37 14.51
N CYS C 274 42.54 25.05 13.74
CA CYS C 274 43.77 25.64 14.25
C CYS C 274 43.76 27.16 14.13
N PHE C 275 44.48 27.80 15.04
CA PHE C 275 44.63 29.24 15.07
C PHE C 275 45.25 29.78 13.78
N SER C 276 46.32 29.15 13.31
CA SER C 276 47.04 29.66 12.15
C SER C 276 47.28 28.56 11.13
N GLN C 277 47.79 28.96 9.97
CA GLN C 277 48.16 27.98 8.96
C GLN C 277 49.38 27.14 9.40
N LYS C 278 50.28 27.73 10.19
CA LYS C 278 51.47 27.01 10.61
C LYS C 278 51.07 25.95 11.63
N ASP C 279 50.19 26.34 12.55
CA ASP C 279 49.60 25.39 13.48
C ASP C 279 49.02 24.23 12.69
N SER C 280 48.36 24.55 11.59
CA SER C 280 47.70 23.52 10.79
C SER C 280 48.77 22.65 10.09
N GLU C 281 49.77 23.29 9.49
CA GLU C 281 50.88 22.57 8.86
C GLU C 281 51.66 21.70 9.84
N GLN C 282 51.91 22.24 11.02
CA GLN C 282 52.62 21.52 12.07
C GLN C 282 51.88 20.27 12.55
N VAL C 283 50.63 20.47 12.96
CA VAL C 283 49.81 19.40 13.51
C VAL C 283 49.54 18.25 12.54
N THR C 284 49.34 18.59 11.28
CA THR C 284 49.12 17.59 10.22
C THR C 284 50.26 16.58 10.13
N VAL C 285 51.44 17.09 9.81
CA VAL C 285 52.66 16.30 9.79
C VAL C 285 52.79 15.38 11.01
N SER C 286 52.69 15.97 12.19
CA SER C 286 52.75 15.24 13.46
C SER C 286 51.88 14.00 13.53
N LEU C 287 50.62 14.12 13.09
CA LEU C 287 49.69 13.01 13.12
C LEU C 287 49.97 11.98 12.03
N GLN C 288 50.36 12.47 10.86
CA GLN C 288 50.68 11.61 9.73
C GLN C 288 51.76 10.66 10.16
N ASN C 289 52.78 11.23 10.77
CA ASN C 289 53.89 10.46 11.30
C ASN C 289 53.44 9.40 12.31
N LEU C 290 52.34 9.67 13.01
CA LEU C 290 51.83 8.75 14.01
C LEU C 290 50.76 7.80 13.46
N GLY C 291 50.65 7.72 12.14
CA GLY C 291 49.78 6.75 11.50
C GLY C 291 48.49 7.31 10.94
N ILE C 292 48.09 8.47 11.45
CA ILE C 292 46.81 9.08 11.11
C ILE C 292 46.77 9.62 9.68
N HIS C 293 45.68 9.34 8.97
CA HIS C 293 45.44 9.91 7.65
C HIS C 293 44.88 11.34 7.74
N ALA C 294 45.77 12.30 7.95
CA ALA C 294 45.41 13.70 8.20
C ALA C 294 45.80 14.61 7.04
N GLY C 295 44.94 15.59 6.75
CA GLY C 295 45.17 16.55 5.69
C GLY C 295 44.92 18.00 6.13
N ALA C 296 45.72 18.90 5.57
CA ALA C 296 45.74 20.32 5.95
C ALA C 296 44.96 21.22 4.99
N TYR C 297 44.20 22.18 5.52
CA TYR C 297 43.44 23.10 4.68
C TYR C 297 43.51 24.52 5.27
N HIS C 298 44.23 25.40 4.60
CA HIS C 298 44.32 26.82 4.95
C HIS C 298 44.25 27.66 3.69
N ALA C 299 44.19 28.97 3.84
CA ALA C 299 43.91 29.85 2.71
C ALA C 299 45.05 29.87 1.68
N ASN C 300 46.29 29.76 2.14
CA ASN C 300 47.44 29.85 1.24
C ASN C 300 47.62 28.65 0.33
N LEU C 301 46.90 27.57 0.63
CA LEU C 301 47.02 26.33 -0.13
C LEU C 301 46.76 26.55 -1.62
N GLU C 302 47.56 25.90 -2.46
CA GLU C 302 47.31 25.88 -3.89
C GLU C 302 45.91 25.31 -4.10
N PRO C 303 45.07 26.02 -4.85
CA PRO C 303 43.66 25.62 -4.87
C PRO C 303 43.49 24.22 -5.42
N GLU C 304 44.49 23.77 -6.18
CA GLU C 304 44.56 22.38 -6.59
C GLU C 304 44.57 21.52 -5.35
N ASP C 305 45.38 21.94 -4.38
CA ASP C 305 45.55 21.21 -3.14
C ASP C 305 44.39 21.51 -2.20
N LYS C 306 43.80 22.69 -2.34
CA LYS C 306 42.57 23.02 -1.62
C LYS C 306 41.46 22.04 -1.95
N THR C 307 41.35 21.67 -3.21
CA THR C 307 40.33 20.74 -3.66
C THR C 307 40.64 19.30 -3.26
N THR C 308 41.88 18.90 -3.51
CA THR C 308 42.39 17.58 -3.15
C THR C 308 42.07 17.11 -1.74
N VAL C 309 42.30 17.98 -0.78
CA VAL C 309 42.09 17.66 0.62
C VAL C 309 40.60 17.49 0.89
N HIS C 310 39.80 18.44 0.43
CA HIS C 310 38.35 18.33 0.56
C HIS C 310 37.83 17.06 -0.09
N ARG C 311 38.22 16.84 -1.35
CA ARG C 311 37.85 15.63 -2.07
C ARG C 311 38.15 14.41 -1.20
N LYS C 312 39.41 14.26 -0.83
CA LYS C 312 39.84 13.11 -0.03
C LYS C 312 39.19 13.00 1.35
N TRP C 313 38.86 14.14 1.95
CA TRP C 313 38.25 14.13 3.28
C TRP C 313 36.76 13.77 3.25
N SER C 314 36.06 14.33 2.27
CA SER C 314 34.64 14.13 2.12
C SER C 314 34.39 12.68 1.72
N ALA C 315 35.30 12.12 0.93
CA ALA C 315 35.26 10.72 0.53
C ALA C 315 35.85 9.74 1.56
N ASN C 316 36.16 10.23 2.76
CA ASN C 316 36.64 9.41 3.88
C ASN C 316 37.98 8.70 3.67
N GLU C 317 38.77 9.14 2.69
CA GLU C 317 40.14 8.64 2.53
C GLU C 317 41.00 9.28 3.61
N ILE C 318 40.80 10.59 3.78
CA ILE C 318 41.35 11.33 4.91
C ILE C 318 40.31 11.28 6.02
N GLN C 319 40.75 10.98 7.23
CA GLN C 319 39.84 10.88 8.37
C GLN C 319 39.56 12.27 8.98
N VAL C 320 40.57 13.14 8.95
CA VAL C 320 40.49 14.46 9.58
C VAL C 320 41.07 15.60 8.75
N VAL C 321 40.34 16.70 8.65
CA VAL C 321 40.92 17.93 8.11
C VAL C 321 41.44 18.77 9.26
N VAL C 322 42.72 19.13 9.18
CA VAL C 322 43.33 20.01 10.15
C VAL C 322 43.43 21.37 9.49
N ALA C 323 42.62 22.32 9.96
CA ALA C 323 42.35 23.50 9.13
C ALA C 323 42.25 24.79 9.90
N THR C 324 42.46 25.88 9.18
CA THR C 324 42.16 27.21 9.65
C THR C 324 40.71 27.43 9.25
N VAL C 325 40.11 28.51 9.74
CA VAL C 325 38.75 28.88 9.37
C VAL C 325 38.48 28.88 7.86
N ALA C 326 39.53 28.84 7.05
CA ALA C 326 39.40 28.77 5.59
C ALA C 326 38.70 27.49 5.08
N PHE C 327 38.70 26.44 5.90
CA PHE C 327 37.88 25.26 5.62
C PHE C 327 36.50 25.40 6.28
N GLY C 328 35.50 25.73 5.46
CA GLY C 328 34.17 25.99 6.00
C GLY C 328 33.06 26.26 4.99
N MET C 329 33.29 27.21 4.10
CA MET C 329 32.26 27.62 3.15
C MET C 329 31.86 26.48 2.23
N GLY C 330 30.64 25.99 2.44
CA GLY C 330 30.05 24.97 1.62
C GLY C 330 30.44 23.59 2.09
N ILE C 331 30.86 23.49 3.35
CA ILE C 331 31.10 22.18 3.95
C ILE C 331 29.76 21.70 4.43
N ASP C 332 29.34 20.57 3.90
CA ASP C 332 28.12 19.91 4.33
C ASP C 332 28.23 18.41 4.63
N LYS C 333 29.45 17.90 4.78
CA LYS C 333 29.63 16.48 5.08
C LYS C 333 28.84 16.07 6.34
N PRO C 334 28.03 15.01 6.28
CA PRO C 334 27.08 14.70 7.36
C PRO C 334 27.62 13.87 8.54
N ASP C 335 28.67 13.05 8.33
CA ASP C 335 29.09 12.11 9.38
C ASP C 335 30.41 12.57 9.98
N VAL C 336 30.50 13.87 10.22
CA VAL C 336 31.65 14.39 10.94
C VAL C 336 31.28 14.14 12.39
N ARG C 337 31.98 13.22 13.01
CA ARG C 337 31.63 12.76 14.34
C ARG C 337 32.30 13.57 15.45
N PHE C 338 33.44 14.18 15.13
CA PHE C 338 34.09 15.12 16.06
C PHE C 338 34.63 16.41 15.40
N VAL C 339 34.43 17.53 16.07
CA VAL C 339 35.19 18.74 15.81
C VAL C 339 36.05 19.10 17.03
N ILE C 340 37.37 19.06 16.86
CA ILE C 340 38.30 19.48 17.91
C ILE C 340 38.88 20.87 17.66
N HIS C 341 38.80 21.72 18.68
CA HIS C 341 39.48 23.00 18.69
C HIS C 341 40.85 23.03 19.39
N HIS C 342 41.89 22.97 18.58
CA HIS C 342 43.28 23.10 19.02
C HIS C 342 43.60 24.38 19.77
N SER C 343 43.03 25.48 19.31
CA SER C 343 42.93 26.70 20.11
C SER C 343 41.47 27.16 20.14
N MET C 344 41.10 27.93 21.16
CA MET C 344 39.79 28.58 21.21
C MET C 344 39.53 29.49 20.01
N SER C 345 38.26 29.68 19.67
CA SER C 345 37.83 30.64 18.63
C SER C 345 37.91 32.09 19.08
N LYS C 346 37.65 33.00 18.16
CA LYS C 346 37.66 34.42 18.48
C LYS C 346 36.42 34.85 19.24
N SER C 347 35.36 34.09 19.11
CA SER C 347 34.09 34.49 19.66
C SER C 347 33.16 33.31 19.77
N MET C 348 32.16 33.42 20.63
CA MET C 348 31.14 32.40 20.74
C MET C 348 30.45 32.16 19.40
N GLU C 349 30.29 33.22 18.64
CA GLU C 349 29.58 33.13 17.38
C GLU C 349 30.40 32.33 16.40
N ASN C 350 31.70 32.55 16.38
CA ASN C 350 32.54 31.73 15.52
C ASN C 350 32.61 30.29 16.00
N TYR C 351 32.64 30.09 17.31
CA TYR C 351 32.79 28.74 17.82
C TYR C 351 31.57 27.92 17.46
N TYR C 352 30.41 28.46 17.83
CA TYR C 352 29.12 27.85 17.52
C TYR C 352 29.02 27.42 16.07
N GLN C 353 29.45 28.30 15.19
CA GLN C 353 29.31 28.11 13.76
C GLN C 353 30.30 27.08 13.32
N GLU C 354 31.45 27.11 13.97
CA GLU C 354 32.55 26.24 13.65
C GLU C 354 32.27 24.84 14.18
N SER C 355 31.75 24.78 15.39
CA SER C 355 31.43 23.50 16.02
C SER C 355 30.14 22.89 15.46
N GLY C 356 29.28 23.74 14.89
CA GLY C 356 28.00 23.30 14.36
C GLY C 356 28.08 22.50 13.07
N ARG C 357 29.26 22.47 12.47
CA ARG C 357 29.52 21.61 11.32
C ARG C 357 29.60 20.13 11.70
N ALA C 358 29.67 19.84 13.00
CA ALA C 358 29.57 18.48 13.53
C ALA C 358 28.14 17.95 13.56
N GLY C 359 27.98 16.68 13.21
CA GLY C 359 26.74 15.94 13.48
C GLY C 359 25.56 16.51 12.73
N ARG C 360 25.75 16.76 11.44
CA ARG C 360 24.69 17.27 10.60
C ARG C 360 23.77 16.14 10.14
N ASP C 361 24.10 14.92 10.54
CA ASP C 361 23.18 13.81 10.37
C ASP C 361 22.29 13.64 11.58
N ASP C 362 22.51 14.51 12.57
CA ASP C 362 21.66 14.59 13.77
C ASP C 362 21.93 13.45 14.74
N MET C 363 22.89 12.60 14.41
CA MET C 363 23.35 11.57 15.33
C MET C 363 24.43 12.15 16.25
N LYS C 364 24.65 11.50 17.39
CA LYS C 364 25.58 12.00 18.42
C LYS C 364 26.96 12.36 17.87
N ALA C 365 27.48 13.53 18.28
CA ALA C 365 28.81 13.97 17.88
C ALA C 365 29.49 14.79 19.00
N ASP C 366 30.82 14.82 18.99
CA ASP C 366 31.58 15.43 20.07
C ASP C 366 32.21 16.77 19.63
N CYS C 367 32.12 17.77 20.51
CA CYS C 367 32.74 19.09 20.32
C CYS C 367 33.69 19.49 21.45
N ILE C 368 34.99 19.33 21.23
CA ILE C 368 35.99 19.44 22.28
C ILE C 368 36.99 20.60 22.08
N LEU C 369 36.94 21.56 22.99
CA LEU C 369 37.78 22.75 22.90
C LEU C 369 38.96 22.66 23.87
N TYR C 370 40.16 22.78 23.35
CA TYR C 370 41.36 22.90 24.20
C TYR C 370 41.72 24.33 24.53
N TYR C 371 41.50 24.64 25.80
CA TYR C 371 41.77 25.95 26.36
C TYR C 371 43.20 26.04 26.85
N GLY C 372 43.97 26.93 26.24
CA GLY C 372 45.34 27.20 26.65
C GLY C 372 45.57 28.67 26.91
N PHE C 373 46.01 28.99 28.12
CA PHE C 373 46.41 30.34 28.46
C PHE C 373 47.08 31.13 27.35
N GLY C 374 48.09 30.54 26.71
CA GLY C 374 48.83 31.27 25.70
C GLY C 374 47.97 31.70 24.54
N ASP C 375 46.89 30.98 24.30
CA ASP C 375 46.08 31.21 23.11
C ASP C 375 45.28 32.50 23.17
N ILE C 376 44.90 32.91 24.38
CA ILE C 376 44.24 34.19 24.59
C ILE C 376 44.93 35.32 23.85
N PHE C 377 46.23 35.40 24.07
CA PHE C 377 47.03 36.55 23.73
C PHE C 377 47.45 36.51 22.27
N ARG C 378 47.61 35.31 21.75
CA ARG C 378 47.84 35.15 20.33
C ARG C 378 46.66 35.69 19.56
N ILE C 379 45.47 35.44 20.08
CA ILE C 379 44.25 35.91 19.45
C ILE C 379 44.04 37.40 19.69
N SER C 380 44.21 37.82 20.95
CA SER C 380 44.02 39.22 21.30
C SER C 380 44.82 40.15 20.42
N SER C 381 46.10 39.88 20.23
CA SER C 381 46.92 40.72 19.38
C SER C 381 46.40 40.83 17.94
N MET C 382 45.92 39.71 17.39
CA MET C 382 45.47 39.70 15.99
C MET C 382 44.19 40.46 15.70
N VAL C 383 43.31 40.53 16.68
CA VAL C 383 42.00 41.12 16.44
C VAL C 383 41.98 42.52 17.01
N VAL C 384 43.19 43.05 17.17
CA VAL C 384 43.37 44.32 17.80
C VAL C 384 42.64 45.39 16.97
N MET C 385 42.71 45.28 15.65
CA MET C 385 42.05 46.23 14.76
C MET C 385 40.52 46.13 14.69
N GLU C 386 39.94 45.16 15.39
CA GLU C 386 38.49 45.04 15.41
C GLU C 386 37.97 45.79 16.61
N ASN C 387 36.99 46.65 16.37
CA ASN C 387 36.28 47.37 17.41
C ASN C 387 36.14 46.58 18.71
N VAL C 388 35.31 45.54 18.69
CA VAL C 388 35.03 44.72 19.87
C VAL C 388 35.69 43.35 19.81
N GLY C 389 36.80 43.27 19.07
CA GLY C 389 37.56 42.04 18.96
C GLY C 389 37.88 41.51 20.35
N GLN C 390 38.47 42.34 21.20
CA GLN C 390 38.86 41.91 22.53
C GLN C 390 37.64 41.47 23.35
N GLN C 391 36.57 42.26 23.34
CA GLN C 391 35.37 41.93 24.10
C GLN C 391 34.76 40.58 23.71
N LYS C 392 34.90 40.19 22.45
CA LYS C 392 34.34 38.93 21.97
C LYS C 392 35.22 37.77 22.42
N LEU C 393 36.53 37.99 22.32
CA LEU C 393 37.50 37.04 22.84
C LEU C 393 37.32 36.75 24.31
N TYR C 394 37.15 37.81 25.10
CA TYR C 394 37.06 37.65 26.54
C TYR C 394 35.81 36.87 26.90
N GLU C 395 34.76 37.02 26.08
CA GLU C 395 33.52 36.25 26.24
C GLU C 395 33.78 34.76 26.01
N MET C 396 34.59 34.45 25.01
CA MET C 396 35.02 33.08 24.73
C MET C 396 35.85 32.49 25.87
N VAL C 397 36.74 33.29 26.45
CA VAL C 397 37.53 32.84 27.58
C VAL C 397 36.71 32.51 28.83
N SER C 398 35.73 33.33 29.15
CA SER C 398 34.92 33.11 30.34
C SER C 398 34.13 31.84 30.24
N TYR C 399 33.87 31.45 29.00
CA TYR C 399 33.22 30.19 28.73
C TYR C 399 34.21 29.10 29.09
N CYS C 400 35.43 29.20 28.56
CA CYS C 400 36.47 28.24 28.87
C CYS C 400 36.76 28.15 30.36
N GLN C 401 36.55 29.25 31.08
CA GLN C 401 36.83 29.31 32.50
C GLN C 401 35.72 28.71 33.33
N ASN C 402 34.56 28.53 32.72
CA ASN C 402 33.39 28.07 33.44
C ASN C 402 33.45 26.58 33.69
N ILE C 403 33.17 26.19 34.93
CA ILE C 403 33.27 24.79 35.36
C ILE C 403 31.94 24.26 35.90
N SER C 404 30.99 25.15 36.16
CA SER C 404 29.65 24.75 36.61
C SER C 404 28.50 24.84 35.58
N LYS C 405 28.33 25.97 34.91
CA LYS C 405 27.13 26.20 34.07
C LYS C 405 27.04 25.29 32.84
N CYS C 406 25.82 24.86 32.54
CA CYS C 406 25.55 24.05 31.35
C CYS C 406 26.04 24.83 30.13
N ARG C 407 26.74 24.15 29.24
CA ARG C 407 27.35 24.77 28.07
C ARG C 407 26.29 25.40 27.17
N ARG C 408 25.17 24.70 27.03
CA ARG C 408 24.04 25.19 26.27
C ARG C 408 23.41 26.42 26.90
N VAL C 409 23.35 26.42 28.23
CA VAL C 409 22.87 27.56 28.99
C VAL C 409 23.73 28.78 28.74
N LEU C 410 25.03 28.58 28.61
CA LEU C 410 25.97 29.67 28.39
C LEU C 410 25.87 30.23 26.98
N MET C 411 25.77 29.36 26.00
CA MET C 411 25.50 29.77 24.63
C MET C 411 24.20 30.52 24.46
N ALA C 412 23.11 29.99 25.02
CA ALA C 412 21.81 30.64 24.94
C ALA C 412 21.86 32.04 25.51
N GLN C 413 22.73 32.25 26.48
CA GLN C 413 22.93 33.57 27.02
C GLN C 413 23.52 34.51 25.98
N HIS C 414 24.26 33.94 25.02
CA HIS C 414 24.94 34.75 24.00
C HIS C 414 24.02 35.09 22.85
N PHE C 415 23.20 34.14 22.46
CA PHE C 415 22.24 34.39 21.42
C PHE C 415 21.01 35.01 22.06
N ASP C 416 21.00 35.04 23.38
CA ASP C 416 19.90 35.64 24.12
C ASP C 416 18.61 34.88 23.87
N GLU C 417 18.68 33.56 23.84
CA GLU C 417 17.49 32.77 23.57
C GLU C 417 16.79 32.12 24.74
N VAL C 418 15.47 32.08 24.60
CA VAL C 418 14.57 31.62 25.64
C VAL C 418 14.92 30.16 25.87
N TRP C 419 15.94 29.93 26.68
CA TRP C 419 16.29 28.57 27.02
C TRP C 419 15.43 27.95 28.14
N ASN C 420 15.06 26.69 27.96
CA ASN C 420 14.47 25.89 29.03
C ASN C 420 15.60 25.10 29.68
N SER C 421 15.83 25.35 30.97
CA SER C 421 17.17 25.20 31.57
C SER C 421 17.67 23.76 31.66
N GLU C 422 16.74 22.82 31.79
CA GLU C 422 17.10 21.42 31.86
C GLU C 422 16.59 20.72 30.61
N ALA C 423 17.04 21.20 29.47
CA ALA C 423 16.75 20.56 28.20
C ALA C 423 18.05 20.17 27.52
N CYS C 424 19.13 20.12 28.30
CA CYS C 424 20.41 19.70 27.79
C CYS C 424 20.48 18.19 27.79
N ASN C 425 19.98 17.60 28.86
CA ASN C 425 19.97 16.17 29.04
C ASN C 425 21.37 15.58 29.04
N LYS C 426 22.21 16.08 29.92
CA LYS C 426 23.60 15.63 30.01
C LYS C 426 24.31 15.58 28.66
N MET C 427 24.24 16.66 27.91
CA MET C 427 24.94 16.72 26.62
C MET C 427 25.98 17.84 26.60
N CYS C 428 26.59 18.04 27.76
CA CYS C 428 27.76 18.88 27.87
C CYS C 428 28.56 18.41 29.09
N ASP C 429 29.86 18.69 29.13
CA ASP C 429 30.73 18.22 30.22
C ASP C 429 30.26 18.63 31.61
N ASN C 430 29.73 19.86 31.74
CA ASN C 430 29.35 20.38 33.05
C ASN C 430 28.03 19.82 33.59
N CYS C 431 27.16 19.34 32.70
CA CYS C 431 25.91 18.75 33.14
C CYS C 431 26.20 17.34 33.63
N CYS C 432 27.27 16.73 33.12
CA CYS C 432 27.67 15.38 33.53
C CYS C 432 28.46 15.36 34.83
N LYS C 433 29.01 16.49 35.24
CA LYS C 433 29.74 16.52 36.49
C LYS C 433 28.82 16.28 37.67
N ASP C 434 29.34 15.58 38.68
CA ASP C 434 28.63 15.36 39.93
C ASP C 434 29.21 16.26 41.04
N SER C 435 30.26 17.02 40.68
CA SER C 435 31.00 17.83 41.64
C SER C 435 30.16 18.94 42.28
N ALA C 436 30.56 19.37 43.48
CA ALA C 436 30.09 20.61 44.07
C ALA C 436 31.13 21.69 43.88
N PHE C 437 30.78 22.92 44.28
CA PHE C 437 31.64 24.08 44.06
C PHE C 437 31.56 25.02 45.24
N GLU C 438 32.53 25.94 45.32
CA GLU C 438 32.45 27.03 46.29
C GLU C 438 33.17 28.30 45.82
N ARG C 439 32.94 29.40 46.53
CA ARG C 439 33.53 30.70 46.19
C ARG C 439 34.85 30.87 46.93
N LYS C 440 35.96 30.66 46.23
CA LYS C 440 37.27 30.88 46.80
C LYS C 440 37.72 32.34 46.73
N ASN C 441 38.09 32.95 47.86
CA ASN C 441 38.65 34.30 47.89
C ASN C 441 40.11 34.39 47.43
N ILE C 442 40.32 35.00 46.27
CA ILE C 442 41.65 35.11 45.66
C ILE C 442 42.20 36.56 45.65
N THR C 443 41.62 37.43 46.46
CA THR C 443 41.98 38.86 46.48
C THR C 443 43.46 39.14 46.66
N GLU C 444 44.06 38.50 47.65
CA GLU C 444 45.46 38.72 47.94
C GLU C 444 46.37 38.38 46.78
N TYR C 445 45.95 37.41 45.96
CA TYR C 445 46.70 37.05 44.76
C TYR C 445 46.74 38.23 43.78
N CYS C 446 45.63 38.96 43.72
CA CYS C 446 45.51 40.13 42.88
C CYS C 446 46.36 41.29 43.35
N ARG C 447 46.25 41.59 44.63
CA ARG C 447 47.13 42.56 45.29
C ARG C 447 48.60 42.29 45.02
N ASP C 448 49.00 41.04 45.15
CA ASP C 448 50.39 40.64 44.93
C ASP C 448 50.84 40.90 43.50
N LEU C 449 49.99 40.58 42.52
CA LEU C 449 50.34 40.81 41.11
C LEU C 449 50.38 42.27 40.71
N ILE C 450 49.55 43.09 41.35
CA ILE C 450 49.55 44.51 41.09
C ILE C 450 50.78 45.18 41.71
N LYS C 451 51.26 44.60 42.79
CA LYS C 451 52.51 45.03 43.37
C LYS C 451 53.65 44.80 42.39
N ILE C 452 53.61 43.66 41.71
CA ILE C 452 54.62 43.37 40.71
C ILE C 452 54.55 44.32 39.53
N LEU C 453 53.35 44.55 39.03
CA LEU C 453 53.17 45.48 37.93
C LEU C 453 53.46 46.90 38.34
N LYS C 454 52.97 47.29 39.51
CA LYS C 454 53.31 48.60 40.03
C LYS C 454 54.81 48.75 40.03
N GLN C 455 55.51 47.74 40.52
CA GLN C 455 56.96 47.80 40.52
C GLN C 455 57.49 47.86 39.09
N ALA C 456 56.89 47.06 38.21
CA ALA C 456 57.33 47.01 36.83
C ALA C 456 57.26 48.34 36.08
N GLU C 457 56.23 49.13 36.32
CA GLU C 457 56.10 50.39 35.61
C GLU C 457 57.04 51.42 36.26
N GLU C 458 57.12 51.38 37.59
CA GLU C 458 58.12 52.17 38.33
C GLU C 458 59.55 51.84 37.91
N LEU C 459 59.74 50.70 37.24
CA LEU C 459 61.06 50.35 36.71
C LEU C 459 61.12 50.54 35.19
N ASN C 460 60.07 51.10 34.63
CA ASN C 460 59.95 51.26 33.19
C ASN C 460 60.14 49.94 32.46
N GLU C 461 59.58 48.89 33.05
CA GLU C 461 59.68 47.54 32.49
C GLU C 461 58.31 47.08 32.00
N LYS C 462 58.28 46.51 30.79
CA LYS C 462 57.07 45.90 30.24
C LYS C 462 57.04 44.40 30.53
N LEU C 463 55.95 43.92 31.11
CA LEU C 463 55.72 42.49 31.35
C LEU C 463 54.78 41.75 30.36
N THR C 464 55.35 40.90 29.50
CA THR C 464 54.55 39.86 28.85
C THR C 464 53.94 38.97 29.94
N PRO C 465 52.83 38.31 29.66
CA PRO C 465 52.17 37.41 30.62
C PRO C 465 53.07 36.32 31.17
N LEU C 466 53.97 35.86 30.32
CA LEU C 466 55.02 34.93 30.72
C LEU C 466 55.89 35.48 31.82
N LYS C 467 56.29 36.73 31.67
CA LYS C 467 57.13 37.38 32.65
C LYS C 467 56.41 37.62 33.97
N LEU C 468 55.12 37.87 33.91
CA LEU C 468 54.34 38.06 35.13
C LEU C 468 54.26 36.78 35.97
N ILE C 469 53.96 35.68 35.32
CA ILE C 469 53.80 34.41 36.02
C ILE C 469 55.10 33.98 36.66
N ASP C 470 56.19 34.09 35.92
CA ASP C 470 57.52 33.76 36.44
C ASP C 470 57.86 34.51 37.71
N SER C 471 57.59 35.82 37.72
CA SER C 471 57.92 36.65 38.87
C SER C 471 57.10 36.24 40.07
N TRP C 472 55.82 36.02 39.82
CA TRP C 472 54.89 35.57 40.83
C TRP C 472 55.37 34.29 41.40
N MET C 473 55.94 33.48 40.52
CA MET C 473 56.42 32.18 40.88
C MET C 473 57.80 32.31 41.50
N GLY C 474 58.34 33.53 41.51
CA GLY C 474 59.65 33.75 42.09
C GLY C 474 60.74 33.36 41.10
N LYS C 475 60.39 33.34 39.83
CA LYS C 475 61.34 33.02 38.77
C LYS C 475 61.54 34.23 37.87
N GLY C 476 62.18 34.02 36.73
CA GLY C 476 62.45 35.11 35.83
C GLY C 476 63.49 36.04 36.39
N ALA C 477 63.69 37.16 35.69
CA ALA C 477 64.70 38.14 36.09
C ALA C 477 64.38 38.64 37.49
N ALA C 478 65.39 38.65 38.35
CA ALA C 478 65.24 38.96 39.76
C ALA C 478 64.78 40.38 40.03
N LYS C 479 65.09 41.30 39.12
CA LYS C 479 64.63 42.69 39.26
C LYS C 479 63.12 42.74 39.27
N LEU C 480 62.51 41.82 38.52
CA LEU C 480 61.07 41.82 38.31
C LEU C 480 60.27 41.17 39.43
N ARG C 481 60.95 40.67 40.45
CA ARG C 481 60.27 40.02 41.57
C ARG C 481 60.07 40.96 42.76
N VAL C 482 58.99 40.69 43.51
CA VAL C 482 58.57 41.54 44.63
C VAL C 482 58.64 40.80 45.96
N ALA C 483 59.40 41.35 46.89
CA ALA C 483 59.61 40.72 48.18
C ALA C 483 58.30 40.46 48.90
N GLY C 484 58.16 39.26 49.44
CA GLY C 484 57.00 38.88 50.23
C GLY C 484 55.84 38.44 49.37
N VAL C 485 56.04 38.35 48.06
CA VAL C 485 55.04 37.79 47.17
C VAL C 485 55.38 36.34 46.93
N VAL C 486 54.58 35.46 47.52
CA VAL C 486 54.72 34.03 47.30
C VAL C 486 53.54 33.51 46.49
N ALA C 487 53.83 32.86 45.36
CA ALA C 487 52.80 32.12 44.65
C ALA C 487 52.38 30.91 45.50
N PRO C 488 51.15 30.43 45.30
CA PRO C 488 50.65 29.24 45.99
C PRO C 488 51.22 27.99 45.33
N THR C 489 51.19 26.83 45.97
CA THR C 489 51.75 25.65 45.35
C THR C 489 50.75 24.97 44.42
N LEU C 490 49.97 25.78 43.72
CA LEU C 490 49.02 25.32 42.71
C LEU C 490 49.71 25.03 41.36
N PRO C 491 49.15 24.13 40.54
CA PRO C 491 49.78 23.85 39.23
C PRO C 491 49.69 25.03 38.27
N ARG C 492 50.50 25.04 37.21
CA ARG C 492 50.64 26.24 36.39
C ARG C 492 49.32 26.63 35.74
N GLU C 493 48.57 25.62 35.27
CA GLU C 493 47.32 25.86 34.55
C GLU C 493 46.29 26.50 35.46
N ASP C 494 46.43 26.25 36.76
CA ASP C 494 45.57 26.87 37.77
C ASP C 494 45.96 28.33 37.95
N LEU C 495 47.26 28.62 37.83
CA LEU C 495 47.74 29.99 37.94
C LEU C 495 47.32 30.73 36.68
N GLU C 496 47.52 30.10 35.53
CA GLU C 496 47.01 30.61 34.28
C GLU C 496 45.54 30.97 34.37
N LYS C 497 44.78 30.14 35.07
CA LYS C 497 43.36 30.39 35.21
C LYS C 497 43.02 31.56 36.13
N ILE C 498 43.79 31.73 37.19
CA ILE C 498 43.61 32.85 38.11
C ILE C 498 43.93 34.20 37.49
N ILE C 499 44.91 34.23 36.62
CA ILE C 499 45.31 35.47 35.95
C ILE C 499 44.33 35.84 34.87
N ALA C 500 43.92 34.85 34.10
CA ALA C 500 42.82 35.01 33.16
C ALA C 500 41.60 35.58 33.84
N HIS C 501 41.33 35.17 35.07
CA HIS C 501 40.17 35.67 35.78
C HIS C 501 40.26 37.19 35.95
N PHE C 502 41.37 37.68 36.46
CA PHE C 502 41.57 39.11 36.64
C PHE C 502 41.61 39.92 35.35
N LEU C 503 42.14 39.32 34.29
CA LEU C 503 42.17 39.98 33.00
C LEU C 503 40.77 40.33 32.56
N ILE C 504 39.98 39.30 32.26
CA ILE C 504 38.60 39.48 31.82
C ILE C 504 37.79 40.26 32.86
N GLN C 505 38.23 40.22 34.12
CA GLN C 505 37.59 41.07 35.13
C GLN C 505 38.14 42.49 35.15
N GLN C 506 39.23 42.69 34.42
CA GLN C 506 39.81 44.00 34.15
C GLN C 506 40.48 44.65 35.34
N TYR C 507 40.71 43.88 36.40
CA TYR C 507 41.63 44.30 37.44
C TYR C 507 42.99 44.45 36.79
N LEU C 508 43.20 43.59 35.79
CA LEU C 508 44.32 43.67 34.89
C LEU C 508 43.80 43.98 33.52
N LYS C 509 44.66 44.41 32.62
CA LYS C 509 44.24 44.71 31.27
C LYS C 509 45.40 44.41 30.34
N GLU C 510 45.11 44.18 29.06
CA GLU C 510 46.17 44.10 28.08
C GLU C 510 46.56 45.44 27.51
N ASP C 511 47.82 45.49 27.08
CA ASP C 511 48.42 46.67 26.51
C ASP C 511 49.18 46.14 25.32
N TYR C 512 48.87 46.59 24.11
CA TYR C 512 49.54 46.07 22.95
C TYR C 512 50.66 46.99 22.53
N SER C 513 51.66 46.36 21.94
CA SER C 513 52.77 47.06 21.34
C SER C 513 52.89 46.57 19.92
N PHE C 514 53.02 47.50 18.98
CA PHE C 514 53.14 47.17 17.57
C PHE C 514 54.59 47.19 17.18
N THR C 515 55.03 46.08 16.58
CA THR C 515 56.43 45.90 16.27
C THR C 515 56.56 45.57 14.80
N ALA C 516 57.81 45.59 14.33
CA ALA C 516 58.14 45.38 12.93
C ALA C 516 57.26 44.37 12.21
N TYR C 517 57.13 43.19 12.82
CA TYR C 517 56.47 42.06 12.19
C TYR C 517 55.21 41.62 12.93
N ALA C 518 55.11 41.96 14.21
CA ALA C 518 54.08 41.40 15.06
C ALA C 518 53.45 42.39 16.05
N THR C 519 52.19 42.14 16.40
CA THR C 519 51.58 42.83 17.53
C THR C 519 51.70 41.95 18.76
N ILE C 520 52.28 42.46 19.83
CA ILE C 520 52.44 41.64 21.03
C ILE C 520 51.72 42.32 22.20
N SER C 521 51.31 41.51 23.18
CA SER C 521 50.54 42.00 24.31
C SER C 521 51.32 41.98 25.62
N TYR C 522 51.02 42.96 26.45
CA TYR C 522 51.61 43.11 27.78
C TYR C 522 50.44 43.33 28.70
N LEU C 523 50.63 43.07 29.98
CA LEU C 523 49.58 43.28 30.96
C LEU C 523 49.89 44.50 31.81
N LYS C 524 48.83 45.14 32.30
CA LYS C 524 48.98 46.33 33.12
C LYS C 524 47.87 46.37 34.16
N ILE C 525 48.01 47.27 35.12
CA ILE C 525 46.95 47.51 36.07
C ILE C 525 45.75 48.01 35.32
N GLY C 526 44.63 47.33 35.50
CA GLY C 526 43.43 47.72 34.78
C GLY C 526 42.52 48.65 35.55
N PRO C 527 41.45 49.09 34.89
CA PRO C 527 40.53 50.11 35.40
C PRO C 527 39.90 49.75 36.72
N LYS C 528 39.78 48.46 37.02
CA LYS C 528 39.02 48.06 38.21
C LYS C 528 39.97 47.87 39.39
N ALA C 529 41.26 48.05 39.16
CA ALA C 529 42.23 47.90 40.23
C ALA C 529 41.99 48.94 41.32
N ASN C 530 41.29 50.01 40.97
CA ASN C 530 40.94 51.04 41.92
C ASN C 530 39.84 50.63 42.87
N LEU C 531 39.19 49.52 42.55
CA LEU C 531 38.26 48.87 43.47
C LEU C 531 38.99 48.26 44.67
N LEU C 532 40.25 47.88 44.46
CA LEU C 532 41.07 47.33 45.54
C LEU C 532 41.58 48.35 46.54
N ASN C 533 41.33 49.62 46.28
CA ASN C 533 41.56 50.65 47.29
C ASN C 533 40.63 50.41 48.45
N ASN C 534 39.46 49.87 48.15
CA ASN C 534 38.67 49.27 49.21
C ASN C 534 39.38 48.02 49.68
N GLU C 535 39.87 48.04 50.91
CA GLU C 535 40.58 46.91 51.50
C GLU C 535 39.71 45.73 51.93
N ALA C 536 38.40 45.95 51.98
CA ALA C 536 37.43 44.89 52.25
C ALA C 536 36.96 44.20 50.98
N HIS C 537 37.40 44.75 49.86
CA HIS C 537 37.06 44.21 48.56
C HIS C 537 37.41 42.73 48.52
N ALA C 538 36.56 41.95 47.86
CA ALA C 538 36.72 40.50 47.75
C ALA C 538 36.62 40.07 46.29
N ILE C 539 37.66 39.42 45.80
CA ILE C 539 37.62 38.76 44.50
C ILE C 539 37.48 37.25 44.73
N THR C 540 36.45 36.65 44.14
CA THR C 540 36.21 35.22 44.30
C THR C 540 36.17 34.45 42.98
N MET C 541 36.62 33.19 43.03
CA MET C 541 36.59 32.28 41.89
C MET C 541 35.97 30.96 42.30
N GLN C 542 35.13 30.41 41.45
CA GLN C 542 34.49 29.15 41.73
C GLN C 542 35.51 28.02 41.59
N VAL C 543 35.57 27.16 42.60
CA VAL C 543 36.47 26.01 42.62
C VAL C 543 35.71 24.76 43.02
N THR C 544 36.21 23.58 42.64
CA THR C 544 35.65 22.32 43.11
C THR C 544 35.81 22.14 44.62
N LYS C 545 34.77 21.62 45.27
CA LYS C 545 34.81 21.21 46.68
C LYS C 545 35.42 19.81 46.86
N SER D 16 -24.86 -40.21 23.27
CA SER D 16 -25.06 -41.53 23.86
C SER D 16 -23.76 -42.33 23.93
N SER D 17 -23.75 -43.39 24.73
CA SER D 17 -22.54 -44.19 24.98
C SER D 17 -22.49 -45.47 24.11
N PRO D 18 -21.35 -46.18 24.11
CA PRO D 18 -21.29 -47.49 23.41
C PRO D 18 -22.33 -48.53 23.82
N ALA D 19 -22.71 -48.57 25.10
CA ALA D 19 -23.64 -49.59 25.59
C ALA D 19 -24.97 -49.55 24.85
N ALA D 20 -25.45 -48.35 24.58
CA ALA D 20 -26.71 -48.17 23.84
C ALA D 20 -26.60 -48.75 22.42
N TRP D 21 -25.38 -49.04 22.00
CA TRP D 21 -25.09 -49.50 20.64
C TRP D 21 -24.59 -50.94 20.67
N ASN D 22 -24.44 -51.49 21.86
CA ASN D 22 -24.05 -52.89 22.00
C ASN D 22 -25.36 -53.66 21.89
N LYS D 23 -25.79 -53.83 20.64
CA LYS D 23 -27.13 -54.25 20.31
C LYS D 23 -27.16 -54.78 18.87
N GLU D 24 -27.91 -55.84 18.62
CA GLU D 24 -28.06 -56.36 17.25
C GLU D 24 -29.52 -56.19 16.88
N ASP D 25 -30.05 -55.03 17.25
CA ASP D 25 -31.44 -54.69 17.06
C ASP D 25 -31.72 -54.09 15.69
N PHE D 26 -30.66 -53.73 14.98
CA PHE D 26 -30.81 -52.84 13.84
C PHE D 26 -31.15 -53.54 12.52
N PRO D 27 -31.80 -52.83 11.57
CA PRO D 27 -32.26 -53.36 10.27
C PRO D 27 -31.18 -54.00 9.40
N TRP D 28 -29.93 -53.81 9.79
CA TRP D 28 -28.78 -54.26 9.03
C TRP D 28 -28.07 -55.42 9.73
N SER D 29 -28.49 -55.70 10.95
CA SER D 29 -27.80 -56.63 11.82
C SER D 29 -27.72 -58.04 11.21
N GLY D 30 -28.78 -58.48 10.55
CA GLY D 30 -28.78 -59.80 9.92
C GLY D 30 -27.74 -59.93 8.82
N LYS D 31 -27.71 -58.93 7.95
CA LYS D 31 -26.72 -58.85 6.87
C LYS D 31 -25.30 -58.74 7.42
N VAL D 32 -25.18 -58.03 8.55
CA VAL D 32 -23.91 -57.82 9.22
C VAL D 32 -23.36 -59.13 9.78
N LYS D 33 -24.19 -59.86 10.50
CA LYS D 33 -23.76 -61.13 11.07
C LYS D 33 -23.31 -62.03 9.93
N ASP D 34 -23.97 -61.93 8.79
CA ASP D 34 -23.69 -62.83 7.69
C ASP D 34 -22.38 -62.59 6.98
N ILE D 35 -22.07 -61.33 6.75
CA ILE D 35 -20.81 -60.96 6.15
C ILE D 35 -19.64 -61.25 7.07
N LEU D 36 -19.83 -61.01 8.36
CA LEU D 36 -18.82 -61.35 9.34
C LEU D 36 -18.41 -62.80 9.21
N GLN D 37 -19.42 -63.66 9.31
CA GLN D 37 -19.19 -65.09 9.44
C GLN D 37 -18.89 -65.77 8.11
N ASN D 38 -19.49 -65.30 7.03
CA ASN D 38 -19.40 -66.00 5.76
C ASN D 38 -18.49 -65.37 4.71
N VAL D 39 -18.17 -64.08 4.85
CA VAL D 39 -17.18 -63.45 3.98
C VAL D 39 -15.84 -63.33 4.69
N PHE D 40 -15.89 -62.77 5.90
CA PHE D 40 -14.69 -62.57 6.69
C PHE D 40 -14.21 -63.80 7.48
N LYS D 41 -15.06 -64.82 7.58
CA LYS D 41 -14.71 -66.06 8.28
C LYS D 41 -14.36 -65.82 9.74
N LEU D 42 -15.01 -64.84 10.33
CA LEU D 42 -14.83 -64.54 11.75
C LEU D 42 -16.12 -64.92 12.45
N GLU D 43 -16.03 -65.25 13.73
CA GLU D 43 -17.17 -65.82 14.41
C GLU D 43 -17.94 -64.84 15.28
N LYS D 44 -17.22 -64.00 16.01
CA LYS D 44 -17.85 -63.02 16.89
C LYS D 44 -17.14 -61.68 16.82
N PHE D 45 -17.78 -60.68 17.41
CA PHE D 45 -17.22 -59.34 17.43
C PHE D 45 -16.37 -59.14 18.67
N ARG D 46 -15.23 -58.50 18.49
CA ARG D 46 -14.43 -58.08 19.62
C ARG D 46 -15.13 -56.90 20.25
N PRO D 47 -14.72 -56.53 21.47
CA PRO D 47 -15.37 -55.38 22.10
C PRO D 47 -15.36 -54.12 21.24
N LEU D 48 -16.48 -53.40 21.29
CA LEU D 48 -16.71 -52.19 20.50
C LEU D 48 -16.77 -52.37 18.99
N GLN D 49 -16.51 -53.56 18.48
CA GLN D 49 -16.52 -53.71 17.03
C GLN D 49 -17.96 -53.62 16.58
N LEU D 50 -18.87 -54.22 17.34
CA LEU D 50 -20.27 -54.19 16.97
C LEU D 50 -20.86 -52.78 17.09
N GLU D 51 -20.60 -52.13 18.21
CA GLU D 51 -21.15 -50.81 18.47
C GLU D 51 -20.76 -49.79 17.39
N THR D 52 -19.50 -49.82 16.98
CA THR D 52 -19.00 -48.90 15.96
C THR D 52 -19.60 -49.10 14.57
N ILE D 53 -19.74 -50.36 14.16
CA ILE D 53 -20.38 -50.70 12.90
C ILE D 53 -21.82 -50.19 12.89
N ASN D 54 -22.56 -50.43 13.96
CA ASN D 54 -23.91 -49.89 14.08
C ASN D 54 -23.96 -48.38 13.89
N VAL D 55 -23.01 -47.67 14.46
CA VAL D 55 -23.02 -46.22 14.38
C VAL D 55 -22.79 -45.77 12.93
N THR D 56 -21.82 -46.38 12.27
CA THR D 56 -21.47 -46.00 10.91
C THR D 56 -22.58 -46.44 9.94
N MET D 57 -23.13 -47.63 10.17
CA MET D 57 -24.29 -48.09 9.42
C MET D 57 -25.45 -47.13 9.63
N ALA D 58 -25.56 -46.57 10.83
CA ALA D 58 -26.55 -45.54 11.09
C ALA D 58 -26.19 -44.21 10.40
N GLY D 59 -25.04 -44.18 9.72
CA GLY D 59 -24.64 -43.04 8.91
C GLY D 59 -24.18 -41.84 9.71
N LYS D 60 -23.73 -42.11 10.93
CA LYS D 60 -23.14 -41.09 11.79
C LYS D 60 -21.62 -41.15 11.89
N GLU D 61 -21.04 -40.04 12.33
CA GLU D 61 -19.60 -39.89 12.50
C GLU D 61 -19.12 -40.53 13.81
N VAL D 62 -18.02 -41.27 13.75
CA VAL D 62 -17.47 -41.94 14.93
C VAL D 62 -15.96 -42.04 14.88
N PHE D 63 -15.32 -41.73 16.00
CA PHE D 63 -13.93 -42.07 16.25
C PHE D 63 -13.75 -43.37 17.06
N LEU D 64 -12.94 -44.29 16.54
CA LEU D 64 -12.60 -45.52 17.28
C LEU D 64 -11.16 -45.52 17.80
N VAL D 65 -11.00 -45.57 19.11
CA VAL D 65 -9.68 -45.72 19.72
C VAL D 65 -9.48 -47.14 20.21
N MET D 66 -8.54 -47.85 19.62
CA MET D 66 -8.36 -49.27 19.91
C MET D 66 -6.94 -49.75 19.68
N PRO D 67 -6.41 -50.57 20.61
CA PRO D 67 -5.05 -51.09 20.53
C PRO D 67 -4.69 -51.64 19.17
N THR D 68 -3.40 -51.59 18.84
CA THR D 68 -2.93 -52.14 17.58
C THR D 68 -3.14 -53.64 17.57
N GLY D 69 -3.55 -54.17 16.43
CA GLY D 69 -3.92 -55.57 16.38
C GLY D 69 -5.27 -55.86 16.98
N GLY D 70 -6.00 -54.84 17.41
CA GLY D 70 -7.30 -55.08 18.02
C GLY D 70 -8.41 -55.34 17.02
N GLY D 71 -8.17 -55.03 15.75
CA GLY D 71 -9.18 -55.22 14.73
C GLY D 71 -9.91 -53.95 14.36
N LYS D 72 -9.17 -52.88 14.12
CA LYS D 72 -9.80 -51.64 13.70
C LYS D 72 -10.32 -51.73 12.27
N SER D 73 -9.59 -52.44 11.41
CA SER D 73 -9.89 -52.41 9.99
C SER D 73 -11.28 -52.92 9.67
N LEU D 74 -11.69 -53.98 10.34
CA LEU D 74 -13.01 -54.57 10.15
C LEU D 74 -14.14 -53.57 10.18
N CYS D 75 -14.00 -52.59 11.06
CA CYS D 75 -15.09 -51.68 11.38
C CYS D 75 -15.48 -50.75 10.22
N TYR D 76 -14.69 -50.73 9.15
CA TYR D 76 -15.12 -50.05 7.94
C TYR D 76 -15.10 -50.95 6.71
N GLN D 77 -14.37 -52.05 6.78
CA GLN D 77 -14.38 -52.98 5.67
C GLN D 77 -15.70 -53.71 5.60
N LEU D 78 -16.30 -54.01 6.74
CA LEU D 78 -17.53 -54.80 6.75
C LEU D 78 -18.70 -53.97 6.23
N PRO D 79 -18.92 -52.77 6.79
CA PRO D 79 -19.89 -51.82 6.21
C PRO D 79 -19.82 -51.58 4.70
N ALA D 80 -18.64 -51.36 4.16
CA ALA D 80 -18.44 -51.22 2.71
C ALA D 80 -19.24 -52.25 1.93
N LEU D 81 -19.25 -53.48 2.44
CA LEU D 81 -19.91 -54.60 1.76
C LEU D 81 -21.42 -54.62 1.97
N CYS D 82 -21.88 -54.00 3.04
CA CYS D 82 -23.30 -53.92 3.35
C CYS D 82 -23.91 -52.67 2.81
N SER D 83 -23.17 -52.03 1.91
CA SER D 83 -23.62 -50.79 1.34
C SER D 83 -23.43 -50.82 -0.15
N ASP D 84 -24.13 -49.92 -0.82
CA ASP D 84 -24.02 -49.75 -2.23
C ASP D 84 -22.79 -48.93 -2.61
N GLY D 85 -22.10 -49.34 -3.67
CA GLY D 85 -20.91 -48.63 -4.09
C GLY D 85 -19.71 -48.92 -3.23
N PHE D 86 -18.85 -47.93 -3.08
CA PHE D 86 -17.59 -48.11 -2.38
C PHE D 86 -17.42 -47.19 -1.18
N THR D 87 -16.51 -47.61 -0.31
CA THR D 87 -16.05 -46.83 0.83
C THR D 87 -14.66 -46.31 0.50
N LEU D 88 -14.44 -45.01 0.69
CA LEU D 88 -13.13 -44.41 0.52
C LEU D 88 -12.27 -44.52 1.78
N VAL D 89 -11.05 -45.04 1.61
CA VAL D 89 -10.12 -45.23 2.73
C VAL D 89 -8.81 -44.45 2.57
N ILE D 90 -8.56 -43.55 3.50
CA ILE D 90 -7.34 -42.76 3.50
C ILE D 90 -6.26 -43.35 4.42
N CYS D 91 -5.08 -43.60 3.85
CA CYS D 91 -4.04 -44.36 4.53
C CYS D 91 -2.66 -43.83 4.16
N PRO D 92 -1.79 -43.59 5.15
CA PRO D 92 -0.57 -42.80 4.94
C PRO D 92 0.56 -43.57 4.25
N LEU D 93 0.70 -44.86 4.57
CA LEU D 93 1.77 -45.66 3.99
C LEU D 93 1.23 -46.66 3.01
N ILE D 94 1.95 -46.79 1.92
CA ILE D 94 1.64 -47.78 0.91
C ILE D 94 1.75 -49.19 1.49
N SER D 95 2.61 -49.38 2.49
CA SER D 95 2.77 -50.69 3.10
C SER D 95 1.57 -51.09 3.97
N LEU D 96 1.05 -50.15 4.74
CA LEU D 96 -0.19 -50.35 5.49
C LEU D 96 -1.39 -50.67 4.59
N MET D 97 -1.45 -49.99 3.46
CA MET D 97 -2.48 -50.27 2.46
C MET D 97 -2.30 -51.66 1.88
N GLU D 98 -1.07 -51.98 1.50
CA GLU D 98 -0.74 -53.28 0.93
C GLU D 98 -1.05 -54.43 1.88
N ASP D 99 -0.80 -54.23 3.17
CA ASP D 99 -1.24 -55.16 4.19
C ASP D 99 -2.70 -55.55 4.02
N GLN D 100 -3.55 -54.54 3.91
CA GLN D 100 -4.99 -54.72 3.86
C GLN D 100 -5.49 -55.41 2.59
N LEU D 101 -4.98 -54.97 1.45
CA LEU D 101 -5.47 -55.43 0.15
C LEU D 101 -5.16 -56.89 -0.05
N MET D 102 -4.04 -57.33 0.49
CA MET D 102 -3.66 -58.74 0.48
C MET D 102 -4.76 -59.56 1.14
N VAL D 103 -5.16 -59.10 2.32
CA VAL D 103 -6.18 -59.76 3.13
C VAL D 103 -7.55 -59.83 2.45
N LEU D 104 -7.92 -58.77 1.75
CA LEU D 104 -9.22 -58.67 1.10
C LEU D 104 -9.36 -59.50 -0.17
N LYS D 105 -8.36 -59.48 -1.04
CA LYS D 105 -8.33 -60.34 -2.22
C LYS D 105 -8.54 -61.78 -1.83
N GLN D 106 -7.83 -62.21 -0.80
CA GLN D 106 -7.95 -63.56 -0.28
C GLN D 106 -9.37 -63.86 0.20
N LEU D 107 -10.06 -62.84 0.71
CA LEU D 107 -11.44 -63.01 1.12
C LEU D 107 -12.40 -62.95 -0.07
N GLY D 108 -11.87 -62.64 -1.26
CA GLY D 108 -12.69 -62.50 -2.45
C GLY D 108 -13.38 -61.16 -2.64
N ILE D 109 -12.94 -60.16 -1.87
CA ILE D 109 -13.52 -58.82 -1.92
C ILE D 109 -12.86 -57.94 -2.98
N SER D 110 -13.66 -57.24 -3.80
CA SER D 110 -13.13 -56.26 -4.76
C SER D 110 -12.78 -54.94 -4.09
N ALA D 111 -11.48 -54.70 -3.99
CA ALA D 111 -10.89 -53.46 -3.45
C ALA D 111 -9.67 -53.06 -4.26
N THR D 112 -9.29 -51.78 -4.19
CA THR D 112 -8.11 -51.32 -4.92
C THR D 112 -7.43 -50.15 -4.22
N MET D 113 -6.26 -49.76 -4.75
CA MET D 113 -5.57 -48.57 -4.27
C MET D 113 -5.06 -47.77 -5.46
N LEU D 114 -4.88 -46.47 -5.22
CA LEU D 114 -4.15 -45.58 -6.11
C LEU D 114 -2.95 -44.97 -5.41
N ASN D 115 -1.91 -44.67 -6.18
CA ASN D 115 -0.59 -44.54 -5.63
C ASN D 115 0.19 -43.47 -6.36
N ALA D 116 1.39 -43.19 -5.87
CA ALA D 116 2.30 -42.36 -6.61
C ALA D 116 2.77 -43.11 -7.84
N SER D 117 3.32 -44.29 -7.62
CA SER D 117 3.84 -45.10 -8.71
C SER D 117 2.74 -45.89 -9.40
N SER D 118 1.54 -45.32 -9.47
CA SER D 118 0.41 -46.05 -10.01
C SER D 118 0.40 -45.90 -11.53
N SER D 119 0.03 -46.98 -12.20
CA SER D 119 0.06 -47.06 -13.65
C SER D 119 -1.04 -46.21 -14.27
N LYS D 120 -0.74 -45.61 -15.42
CA LYS D 120 -1.71 -44.86 -16.19
C LYS D 120 -2.94 -45.71 -16.51
N GLU D 121 -2.70 -46.98 -16.80
CA GLU D 121 -3.75 -47.95 -17.10
C GLU D 121 -4.64 -48.23 -15.89
N HIS D 122 -4.00 -48.29 -14.73
CA HIS D 122 -4.70 -48.60 -13.48
C HIS D 122 -5.52 -47.40 -13.02
N VAL D 123 -4.92 -46.23 -13.06
CA VAL D 123 -5.64 -45.01 -12.74
C VAL D 123 -6.85 -44.86 -13.64
N LYS D 124 -6.66 -45.11 -14.94
CA LYS D 124 -7.76 -45.03 -15.87
C LYS D 124 -8.90 -45.96 -15.45
N TRP D 125 -8.54 -47.19 -15.10
CA TRP D 125 -9.53 -48.18 -14.69
C TRP D 125 -10.24 -47.82 -13.41
N VAL D 126 -9.50 -47.33 -12.43
CA VAL D 126 -10.11 -46.94 -11.18
C VAL D 126 -11.14 -45.86 -11.49
N HIS D 127 -10.70 -44.84 -12.23
CA HIS D 127 -11.58 -43.73 -12.56
C HIS D 127 -12.86 -44.22 -13.20
N ALA D 128 -12.76 -45.17 -14.11
CA ALA D 128 -13.95 -45.73 -14.72
C ALA D 128 -14.84 -46.42 -13.69
N GLU D 129 -14.22 -47.21 -12.82
CA GLU D 129 -14.94 -47.99 -11.81
C GLU D 129 -15.72 -47.15 -10.81
N MET D 130 -15.12 -46.02 -10.43
CA MET D 130 -15.69 -45.15 -9.41
C MET D 130 -17.05 -44.64 -9.85
N VAL D 131 -17.16 -44.41 -11.15
CA VAL D 131 -18.39 -43.94 -11.77
C VAL D 131 -19.16 -45.05 -12.46
N ASN D 132 -18.51 -46.17 -12.73
CA ASN D 132 -19.24 -47.32 -13.24
C ASN D 132 -20.30 -47.75 -12.24
N LYS D 133 -21.56 -47.68 -12.66
CA LYS D 133 -22.68 -47.95 -11.77
C LYS D 133 -22.73 -49.43 -11.45
N ASN D 134 -22.06 -50.24 -12.27
CA ASN D 134 -22.12 -51.69 -12.16
C ASN D 134 -20.90 -52.22 -11.40
N SER D 135 -20.05 -51.31 -10.95
CA SER D 135 -18.85 -51.68 -10.24
C SER D 135 -19.19 -52.42 -8.95
N GLU D 136 -18.43 -53.47 -8.67
CA GLU D 136 -18.49 -54.18 -7.38
C GLU D 136 -17.28 -53.83 -6.55
N LEU D 137 -16.46 -52.95 -7.07
CA LEU D 137 -15.38 -52.39 -6.31
C LEU D 137 -15.92 -51.65 -5.11
N LYS D 138 -15.63 -52.16 -3.91
CA LYS D 138 -16.28 -51.71 -2.69
C LYS D 138 -15.37 -50.92 -1.77
N LEU D 139 -14.07 -50.97 -2.00
CA LEU D 139 -13.13 -50.20 -1.20
C LEU D 139 -12.03 -49.64 -2.05
N ILE D 140 -11.77 -48.34 -1.88
CA ILE D 140 -10.64 -47.70 -2.52
C ILE D 140 -9.69 -47.02 -1.52
N TYR D 141 -8.44 -47.46 -1.52
CA TYR D 141 -7.41 -46.91 -0.64
C TYR D 141 -6.55 -45.86 -1.34
N VAL D 142 -6.33 -44.72 -0.68
CA VAL D 142 -5.47 -43.67 -1.21
C VAL D 142 -4.64 -43.00 -0.13
N THR D 143 -3.58 -42.30 -0.56
CA THR D 143 -2.78 -41.51 0.36
C THR D 143 -3.42 -40.13 0.43
N PRO D 144 -3.14 -39.38 1.50
CA PRO D 144 -3.70 -38.03 1.61
C PRO D 144 -3.21 -37.09 0.52
N GLU D 145 -2.10 -37.45 -0.10
CA GLU D 145 -1.59 -36.67 -1.23
C GLU D 145 -2.61 -36.66 -2.36
N LYS D 146 -3.31 -37.77 -2.53
CA LYS D 146 -4.33 -37.87 -3.58
C LYS D 146 -5.54 -36.94 -3.41
N ILE D 147 -5.96 -36.69 -2.18
CA ILE D 147 -7.07 -35.77 -1.92
C ILE D 147 -6.69 -34.33 -2.21
N ALA D 148 -5.48 -33.97 -1.83
CA ALA D 148 -5.01 -32.60 -1.92
C ALA D 148 -4.46 -32.26 -3.30
N LYS D 149 -3.83 -33.23 -3.97
CA LYS D 149 -3.13 -32.96 -5.22
C LYS D 149 -3.68 -33.76 -6.42
N SER D 150 -5.00 -33.98 -6.46
CA SER D 150 -5.64 -34.48 -7.68
C SER D 150 -7.02 -33.90 -7.95
N LYS D 151 -7.11 -33.00 -8.93
CA LYS D 151 -8.37 -32.41 -9.33
C LYS D 151 -9.25 -33.46 -9.99
N MET D 152 -8.63 -34.27 -10.83
CA MET D 152 -9.31 -35.34 -11.54
C MET D 152 -10.00 -36.31 -10.61
N PHE D 153 -9.31 -36.71 -9.54
CA PHE D 153 -9.89 -37.66 -8.60
C PHE D 153 -11.04 -37.08 -7.79
N MET D 154 -10.93 -35.83 -7.38
CA MET D 154 -12.00 -35.19 -6.64
C MET D 154 -13.23 -35.03 -7.48
N SER D 155 -13.03 -34.84 -8.78
CA SER D 155 -14.15 -34.68 -9.65
C SER D 155 -14.83 -36.01 -9.79
N ARG D 156 -14.03 -37.07 -9.89
CA ARG D 156 -14.58 -38.41 -9.90
C ARG D 156 -15.32 -38.75 -8.62
N LEU D 157 -14.73 -38.39 -7.49
CA LEU D 157 -15.43 -38.50 -6.21
C LEU D 157 -16.73 -37.74 -6.16
N GLU D 158 -16.75 -36.55 -6.74
CA GLU D 158 -17.96 -35.74 -6.71
C GLU D 158 -19.05 -36.40 -7.51
N LYS D 159 -18.67 -36.86 -8.70
CA LYS D 159 -19.57 -37.60 -9.58
C LYS D 159 -20.10 -38.87 -8.93
N ALA D 160 -19.23 -39.69 -8.39
CA ALA D 160 -19.64 -40.87 -7.64
C ALA D 160 -20.56 -40.53 -6.47
N TYR D 161 -20.21 -39.46 -5.75
CA TYR D 161 -21.02 -38.99 -4.63
C TYR D 161 -22.38 -38.54 -5.11
N GLU D 162 -22.41 -37.90 -6.28
CA GLU D 162 -23.66 -37.41 -6.81
C GLU D 162 -24.44 -38.62 -7.30
N ALA D 163 -23.72 -39.63 -7.79
CA ALA D 163 -24.35 -40.87 -8.18
C ALA D 163 -24.66 -41.81 -7.02
N ARG D 164 -24.49 -41.32 -5.80
CA ARG D 164 -24.80 -42.08 -4.58
C ARG D 164 -24.00 -43.39 -4.44
N ARG D 165 -22.87 -43.50 -5.13
CA ARG D 165 -22.03 -44.71 -5.06
C ARG D 165 -20.95 -44.56 -4.00
N PHE D 166 -20.89 -43.38 -3.40
CA PHE D 166 -19.82 -43.05 -2.48
C PHE D 166 -20.50 -42.58 -1.20
N THR D 167 -20.59 -43.51 -0.27
CA THR D 167 -21.42 -43.33 0.91
C THR D 167 -20.63 -43.27 2.21
N ARG D 168 -19.34 -43.57 2.14
CA ARG D 168 -18.57 -43.77 3.36
C ARG D 168 -17.11 -43.42 3.26
N ILE D 169 -16.61 -42.72 4.28
CA ILE D 169 -15.21 -42.35 4.39
C ILE D 169 -14.50 -42.95 5.61
N ALA D 170 -13.42 -43.69 5.38
CA ALA D 170 -12.54 -44.08 6.47
C ALA D 170 -11.21 -43.36 6.44
N VAL D 171 -10.87 -42.69 7.54
CA VAL D 171 -9.56 -42.09 7.69
C VAL D 171 -8.67 -42.88 8.64
N ASP D 172 -7.75 -43.68 8.10
CA ASP D 172 -6.87 -44.44 8.96
C ASP D 172 -5.80 -43.54 9.57
N GLU D 173 -5.43 -43.86 10.80
CA GLU D 173 -4.38 -43.15 11.53
C GLU D 173 -4.77 -41.70 11.79
N VAL D 174 -6.01 -41.51 12.20
CA VAL D 174 -6.56 -40.17 12.29
C VAL D 174 -5.78 -39.22 13.19
N HIS D 175 -4.99 -39.77 14.12
CA HIS D 175 -4.15 -39.00 15.05
C HIS D 175 -3.06 -38.17 14.36
N CYS D 176 -2.68 -38.57 13.17
CA CYS D 176 -1.72 -37.84 12.34
C CYS D 176 -2.17 -36.43 12.01
N CYS D 177 -3.46 -36.14 12.19
CA CYS D 177 -3.95 -34.79 12.00
C CYS D 177 -3.26 -33.80 12.93
N SER D 178 -2.93 -34.22 14.15
CA SER D 178 -2.58 -33.28 15.20
C SER D 178 -1.09 -33.02 15.35
N GLN D 179 -0.77 -31.89 15.97
CA GLN D 179 0.59 -31.46 16.24
C GLN D 179 1.05 -31.97 17.60
N TRP D 180 0.37 -32.99 18.11
CA TRP D 180 0.78 -33.66 19.33
C TRP D 180 0.99 -35.15 19.06
N GLY D 181 0.38 -35.62 17.98
CA GLY D 181 0.44 -37.01 17.60
C GLY D 181 1.74 -37.32 16.89
N HIS D 182 2.58 -38.13 17.54
CA HIS D 182 3.93 -38.39 17.06
C HIS D 182 4.00 -39.21 15.78
N ASP D 183 3.13 -38.92 14.83
CA ASP D 183 3.26 -39.42 13.47
C ASP D 183 2.61 -38.44 12.50
N PHE D 184 2.65 -37.17 12.87
CA PHE D 184 1.97 -36.10 12.12
C PHE D 184 2.32 -36.01 10.63
N ARG D 185 1.32 -35.66 9.82
CA ARG D 185 1.50 -35.55 8.38
C ARG D 185 0.76 -34.31 7.81
N PRO D 186 1.46 -33.40 7.12
CA PRO D 186 0.87 -32.13 6.67
C PRO D 186 -0.40 -32.31 5.83
N ASP D 187 -0.35 -33.26 4.91
CA ASP D 187 -1.45 -33.56 3.99
C ASP D 187 -2.76 -33.94 4.70
N TYR D 188 -2.66 -34.35 5.95
CA TYR D 188 -3.83 -34.66 6.76
C TYR D 188 -4.62 -33.39 7.10
N LYS D 189 -4.01 -32.23 6.92
CA LYS D 189 -4.70 -30.94 7.14
C LYS D 189 -5.69 -30.57 6.04
N ALA D 190 -5.42 -31.02 4.82
CA ALA D 190 -6.33 -30.84 3.70
C ALA D 190 -7.64 -31.65 3.78
N LEU D 191 -7.67 -32.67 4.62
CA LEU D 191 -8.74 -33.67 4.60
C LEU D 191 -10.08 -33.14 5.13
N GLY D 192 -10.05 -32.01 5.80
CA GLY D 192 -11.27 -31.30 6.13
C GLY D 192 -12.19 -31.03 4.95
N ILE D 193 -11.65 -31.08 3.75
CA ILE D 193 -12.47 -30.91 2.55
C ILE D 193 -13.50 -32.01 2.37
N LEU D 194 -13.23 -33.17 2.96
CA LEU D 194 -14.10 -34.31 2.71
C LEU D 194 -15.50 -34.16 3.27
N LYS D 195 -15.62 -33.83 4.55
CA LYS D 195 -16.95 -33.60 5.12
C LYS D 195 -17.52 -32.26 4.66
N ARG D 196 -16.69 -31.38 4.12
CA ARG D 196 -17.18 -30.12 3.59
C ARG D 196 -17.88 -30.37 2.25
N GLN D 197 -17.20 -31.11 1.37
CA GLN D 197 -17.75 -31.46 0.05
C GLN D 197 -18.74 -32.60 0.06
N PHE D 198 -18.57 -33.55 0.98
CA PHE D 198 -19.37 -34.77 0.97
C PHE D 198 -20.03 -34.98 2.33
N PRO D 199 -20.89 -34.04 2.74
CA PRO D 199 -21.54 -34.04 4.06
C PRO D 199 -22.45 -35.24 4.36
N ASN D 200 -22.93 -35.94 3.33
CA ASN D 200 -23.80 -37.11 3.52
C ASN D 200 -23.05 -38.46 3.49
N ALA D 201 -21.75 -38.40 3.23
CA ALA D 201 -20.86 -39.51 3.49
C ALA D 201 -20.48 -39.54 4.96
N SER D 202 -20.70 -40.67 5.62
CA SER D 202 -20.29 -40.76 7.01
C SER D 202 -18.79 -40.97 7.09
N LEU D 203 -18.18 -40.47 8.15
CA LEU D 203 -16.74 -40.56 8.31
C LEU D 203 -16.37 -41.37 9.53
N ILE D 204 -15.44 -42.29 9.35
CA ILE D 204 -14.86 -43.03 10.47
C ILE D 204 -13.35 -42.78 10.59
N GLY D 205 -12.93 -42.39 11.79
CA GLY D 205 -11.53 -42.22 12.14
C GLY D 205 -11.03 -43.34 13.03
N LEU D 206 -9.92 -43.95 12.65
CA LEU D 206 -9.33 -45.05 13.42
C LEU D 206 -7.94 -44.73 13.92
N THR D 207 -7.67 -45.11 15.16
CA THR D 207 -6.34 -44.97 15.76
C THR D 207 -6.21 -45.81 17.03
N ALA D 208 -4.98 -46.15 17.38
CA ALA D 208 -4.68 -46.71 18.69
C ALA D 208 -4.19 -45.60 19.65
N THR D 209 -3.58 -44.56 19.08
CA THR D 209 -2.78 -43.58 19.82
C THR D 209 -3.50 -42.25 19.91
N ALA D 210 -4.41 -42.13 20.86
CA ALA D 210 -5.35 -41.02 20.87
C ALA D 210 -5.49 -40.35 22.24
N THR D 211 -4.91 -39.16 22.31
CA THR D 211 -5.11 -38.25 23.42
C THR D 211 -6.26 -37.31 23.07
N ASN D 212 -7.00 -36.87 24.08
CA ASN D 212 -8.17 -36.01 23.87
C ASN D 212 -7.86 -34.79 23.05
N HIS D 213 -6.64 -34.29 23.14
CA HIS D 213 -6.27 -33.10 22.43
C HIS D 213 -5.72 -33.45 21.05
N VAL D 214 -5.39 -34.72 20.84
CA VAL D 214 -5.13 -35.18 19.48
C VAL D 214 -6.43 -35.43 18.75
N LEU D 215 -7.42 -35.87 19.49
CA LEU D 215 -8.73 -36.10 18.92
C LEU D 215 -9.46 -34.79 18.70
N THR D 216 -9.41 -33.94 19.72
CA THR D 216 -10.00 -32.63 19.64
C THR D 216 -9.44 -31.85 18.45
N ASP D 217 -8.18 -32.12 18.12
CA ASP D 217 -7.55 -31.44 16.98
C ASP D 217 -7.95 -32.08 15.65
N ALA D 218 -7.97 -33.41 15.61
CA ALA D 218 -8.41 -34.10 14.42
C ALA D 218 -9.85 -33.77 14.11
N GLN D 219 -10.66 -33.65 15.15
CA GLN D 219 -12.04 -33.21 14.99
C GLN D 219 -12.15 -31.83 14.36
N LYS D 220 -11.22 -30.94 14.69
CA LYS D 220 -11.15 -29.65 14.03
C LYS D 220 -10.65 -29.70 12.59
N ILE D 221 -9.56 -30.41 12.36
CA ILE D 221 -9.00 -30.50 11.02
C ILE D 221 -9.99 -31.06 10.01
N LEU D 222 -10.75 -32.06 10.46
CA LEU D 222 -11.66 -32.76 9.57
C LEU D 222 -13.02 -32.08 9.42
N CYS D 223 -13.24 -31.01 10.20
CA CYS D 223 -14.45 -30.22 10.12
C CYS D 223 -15.66 -31.06 10.51
N ILE D 224 -15.52 -31.78 11.61
CA ILE D 224 -16.59 -32.63 12.12
C ILE D 224 -17.18 -32.06 13.39
N GLU D 225 -18.51 -32.01 13.44
CA GLU D 225 -19.27 -32.05 14.69
C GLU D 225 -20.75 -32.16 14.31
N LYS D 226 -21.48 -33.16 14.80
CA LYS D 226 -21.10 -33.99 15.95
C LYS D 226 -20.37 -35.29 15.63
N CYS D 227 -19.99 -36.00 16.70
CA CYS D 227 -19.10 -37.16 16.62
C CYS D 227 -19.28 -38.13 17.78
N PHE D 228 -19.22 -39.43 17.53
CA PHE D 228 -19.04 -40.41 18.61
C PHE D 228 -17.57 -40.70 18.83
N THR D 229 -17.18 -40.93 20.07
CA THR D 229 -15.85 -41.46 20.36
C THR D 229 -15.91 -42.76 21.17
N PHE D 230 -15.51 -43.86 20.54
CA PHE D 230 -15.44 -45.17 21.16
C PHE D 230 -13.99 -45.54 21.43
N THR D 231 -13.70 -45.86 22.67
CA THR D 231 -12.37 -46.25 23.09
C THR D 231 -12.43 -47.70 23.55
N ALA D 232 -11.71 -48.57 22.86
CA ALA D 232 -11.52 -49.94 23.32
C ALA D 232 -10.47 -50.03 24.40
N SER D 233 -10.72 -50.95 25.33
CA SER D 233 -9.79 -51.16 26.41
C SER D 233 -8.50 -51.76 25.91
N PHE D 234 -7.44 -51.36 26.60
CA PHE D 234 -6.10 -51.80 26.30
C PHE D 234 -5.93 -53.29 26.51
N ASN D 235 -6.66 -53.80 27.49
CA ASN D 235 -6.47 -55.16 27.99
C ASN D 235 -6.42 -56.29 26.97
N ARG D 236 -5.36 -57.08 27.11
CA ARG D 236 -5.15 -58.33 26.37
C ARG D 236 -5.09 -59.45 27.39
N PRO D 237 -6.26 -60.02 27.78
CA PRO D 237 -6.34 -60.93 28.92
C PRO D 237 -5.35 -62.10 28.88
N ASN D 238 -4.90 -62.47 27.69
CA ASN D 238 -3.95 -63.58 27.54
C ASN D 238 -2.47 -63.22 27.74
N LEU D 239 -2.15 -61.96 28.03
CA LEU D 239 -0.75 -61.55 28.13
C LEU D 239 -0.24 -61.63 29.57
N TYR D 240 0.88 -62.32 29.78
CA TYR D 240 1.53 -62.36 31.08
C TYR D 240 2.59 -61.29 31.16
N TYR D 241 2.44 -60.38 32.12
CA TYR D 241 3.38 -59.28 32.32
C TYR D 241 4.31 -59.51 33.50
N GLU D 242 5.61 -59.50 33.22
CA GLU D 242 6.62 -59.68 34.25
C GLU D 242 7.79 -58.70 34.10
N VAL D 243 8.31 -58.22 35.23
CA VAL D 243 9.59 -57.51 35.27
C VAL D 243 10.66 -58.26 36.07
N ARG D 244 11.74 -58.64 35.40
CA ARG D 244 12.90 -59.22 36.08
C ARG D 244 14.08 -58.23 36.21
N GLN D 245 14.94 -58.48 37.18
CA GLN D 245 16.19 -57.73 37.32
C GLN D 245 17.11 -58.01 36.13
N LYS D 246 17.67 -56.98 35.52
CA LYS D 246 18.66 -57.16 34.46
C LYS D 246 20.04 -57.44 35.04
N PRO D 247 20.73 -58.48 34.55
CA PRO D 247 22.05 -58.79 35.11
C PRO D 247 23.18 -57.83 34.70
N SER D 248 24.10 -57.60 35.61
CA SER D 248 25.28 -56.78 35.33
C SER D 248 26.14 -57.43 34.26
N ASN D 249 26.37 -58.73 34.42
CA ASN D 249 27.05 -59.52 33.41
C ASN D 249 26.20 -59.80 32.17
N THR D 250 26.72 -59.43 31.01
CA THR D 250 26.01 -59.64 29.75
C THR D 250 26.00 -61.10 29.27
N GLU D 251 26.94 -61.90 29.77
CA GLU D 251 26.99 -63.31 29.40
C GLU D 251 26.11 -64.19 30.28
N ASP D 252 25.96 -63.78 31.53
CA ASP D 252 25.00 -64.39 32.45
C ASP D 252 23.59 -64.09 31.99
N PHE D 253 23.44 -62.95 31.33
CA PHE D 253 22.15 -62.50 30.85
C PHE D 253 21.75 -63.34 29.63
N ILE D 254 22.70 -63.59 28.73
CA ILE D 254 22.48 -64.46 27.58
C ILE D 254 22.08 -65.87 28.02
N GLU D 255 22.82 -66.44 28.96
CA GLU D 255 22.52 -67.76 29.49
C GLU D 255 21.12 -67.87 30.08
N ASP D 256 20.66 -66.83 30.77
CA ASP D 256 19.30 -66.82 31.28
C ASP D 256 18.25 -66.83 30.19
N ILE D 257 18.55 -66.16 29.09
CA ILE D 257 17.63 -66.03 27.97
C ILE D 257 17.48 -67.34 27.21
N VAL D 258 18.61 -67.89 26.78
CA VAL D 258 18.66 -69.19 26.11
C VAL D 258 17.93 -70.25 26.91
N LYS D 259 17.95 -70.10 28.23
CA LYS D 259 17.24 -71.03 29.12
C LYS D 259 15.73 -70.89 29.06
N LEU D 260 15.23 -69.69 28.84
CA LEU D 260 13.82 -69.49 28.57
C LEU D 260 13.46 -70.04 27.21
N ILE D 261 14.25 -69.67 26.20
CA ILE D 261 13.95 -69.99 24.81
C ILE D 261 14.02 -71.50 24.59
N ASN D 262 14.94 -72.15 25.29
CA ASN D 262 15.11 -73.59 25.16
C ASN D 262 14.35 -74.35 26.24
N GLY D 263 13.67 -73.61 27.12
CA GLY D 263 12.87 -74.22 28.16
C GLY D 263 11.41 -73.97 27.88
N ARG D 264 10.81 -73.05 28.62
CA ARG D 264 9.39 -72.77 28.50
C ARG D 264 8.95 -72.39 27.07
N TYR D 265 9.81 -71.71 26.32
CA TYR D 265 9.46 -71.23 24.97
C TYR D 265 10.07 -72.06 23.86
N LYS D 266 10.33 -73.33 24.13
CA LYS D 266 10.96 -74.20 23.15
C LYS D 266 10.07 -74.37 21.93
N GLY D 267 10.64 -74.17 20.75
CA GLY D 267 9.87 -74.22 19.52
C GLY D 267 8.96 -73.03 19.23
N GLN D 268 8.64 -72.24 20.24
CA GLN D 268 7.68 -71.16 20.08
C GLN D 268 8.32 -69.89 19.53
N SER D 269 7.49 -69.03 18.92
CA SER D 269 7.94 -67.79 18.31
C SER D 269 7.96 -66.63 19.29
N GLY D 270 8.90 -65.71 19.12
CA GLY D 270 8.95 -64.52 19.93
C GLY D 270 9.86 -63.41 19.42
N ILE D 271 9.86 -62.30 20.15
CA ILE D 271 10.66 -61.13 19.80
C ILE D 271 11.50 -60.69 20.98
N ILE D 272 12.74 -60.32 20.69
CA ILE D 272 13.55 -59.56 21.63
C ILE D 272 13.75 -58.12 21.14
N TYR D 273 13.21 -57.16 21.89
CA TYR D 273 13.39 -55.74 21.58
C TYR D 273 14.61 -55.16 22.27
N CYS D 274 15.45 -54.50 21.48
CA CYS D 274 16.70 -53.95 21.95
C CYS D 274 16.73 -52.44 21.85
N PHE D 275 17.50 -51.83 22.74
CA PHE D 275 17.68 -50.39 22.76
C PHE D 275 18.29 -49.87 21.46
N SER D 276 19.34 -50.55 20.98
CA SER D 276 20.04 -50.07 19.80
C SER D 276 20.23 -51.18 18.79
N GLN D 277 20.73 -50.79 17.62
CA GLN D 277 21.10 -51.74 16.60
C GLN D 277 22.30 -52.59 16.98
N LYS D 278 23.22 -52.02 17.78
CA LYS D 278 24.43 -52.76 18.16
C LYS D 278 24.01 -53.85 19.14
N ASP D 279 23.16 -53.49 20.09
CA ASP D 279 22.56 -54.44 21.00
C ASP D 279 21.94 -55.58 20.20
N SER D 280 21.26 -55.22 19.11
CA SER D 280 20.55 -56.23 18.34
C SER D 280 21.55 -57.14 17.59
N GLU D 281 22.56 -56.56 16.96
CA GLU D 281 23.61 -57.33 16.28
C GLU D 281 24.41 -58.23 17.22
N GLN D 282 24.72 -57.69 18.39
CA GLN D 282 25.46 -58.43 19.42
C GLN D 282 24.68 -59.62 19.91
N VAL D 283 23.46 -59.37 20.35
CA VAL D 283 22.60 -60.40 20.91
C VAL D 283 22.30 -61.51 19.90
N THR D 284 22.10 -61.13 18.64
CA THR D 284 21.86 -62.13 17.60
C THR D 284 23.02 -63.11 17.55
N VAL D 285 24.19 -62.59 17.23
CA VAL D 285 25.42 -63.37 17.24
C VAL D 285 25.58 -64.24 18.48
N SER D 286 25.51 -63.62 19.65
CA SER D 286 25.61 -64.29 20.94
C SER D 286 24.74 -65.55 21.07
N LEU D 287 23.48 -65.43 20.66
CA LEU D 287 22.52 -66.52 20.72
C LEU D 287 22.77 -67.55 19.64
N GLN D 288 23.17 -67.05 18.47
CA GLN D 288 23.47 -67.91 17.32
C GLN D 288 24.55 -68.90 17.72
N ASN D 289 25.61 -68.38 18.33
CA ASN D 289 26.69 -69.23 18.81
C ASN D 289 26.20 -70.30 19.79
N LEU D 290 25.15 -69.99 20.53
CA LEU D 290 24.60 -70.92 21.52
C LEU D 290 23.46 -71.77 20.98
N GLY D 291 23.29 -71.81 19.65
CA GLY D 291 22.33 -72.71 19.03
C GLY D 291 21.02 -72.11 18.52
N ILE D 292 20.65 -70.95 19.05
CA ILE D 292 19.35 -70.32 18.76
C ILE D 292 19.22 -69.78 17.32
N HIS D 293 18.07 -70.02 16.68
CA HIS D 293 17.76 -69.42 15.38
C HIS D 293 17.26 -67.98 15.51
N ALA D 294 18.21 -67.07 15.67
CA ALA D 294 17.93 -65.67 15.93
C ALA D 294 18.33 -64.86 14.72
N GLY D 295 17.53 -63.83 14.41
CA GLY D 295 17.79 -62.95 13.28
C GLY D 295 17.67 -61.50 13.68
N ALA D 296 18.50 -60.66 13.07
CA ALA D 296 18.59 -59.25 13.45
C ALA D 296 17.79 -58.37 12.50
N TYR D 297 17.08 -57.41 13.06
CA TYR D 297 16.28 -56.47 12.28
C TYR D 297 16.37 -55.06 12.83
N HIS D 298 17.07 -54.21 12.08
CA HIS D 298 17.18 -52.79 12.40
C HIS D 298 17.05 -51.97 11.12
N ALA D 299 17.01 -50.65 11.26
CA ALA D 299 16.69 -49.76 10.15
C ALA D 299 17.81 -49.74 9.11
N ASN D 300 19.05 -49.86 9.57
CA ASN D 300 20.22 -49.77 8.70
C ASN D 300 20.35 -51.00 7.82
N LEU D 301 19.60 -52.04 8.16
CA LEU D 301 19.67 -53.30 7.43
C LEU D 301 19.40 -53.03 5.97
N GLU D 302 20.14 -53.70 5.11
CA GLU D 302 19.83 -53.65 3.70
C GLU D 302 18.41 -54.12 3.58
N PRO D 303 17.55 -53.34 2.91
CA PRO D 303 16.12 -53.63 2.97
C PRO D 303 15.84 -55.02 2.41
N GLU D 304 16.77 -55.52 1.60
CA GLU D 304 16.77 -56.90 1.17
C GLU D 304 16.78 -57.82 2.38
N ASP D 305 17.62 -57.49 3.35
CA ASP D 305 17.81 -58.29 4.56
C ASP D 305 16.74 -58.09 5.62
N LYS D 306 16.14 -56.91 5.65
CA LYS D 306 14.98 -56.64 6.50
C LYS D 306 13.85 -57.62 6.19
N THR D 307 13.63 -57.88 4.90
CA THR D 307 12.58 -58.78 4.46
C THR D 307 12.96 -60.22 4.72
N THR D 308 14.20 -60.58 4.39
CA THR D 308 14.70 -61.92 4.65
C THR D 308 14.37 -62.35 6.08
N VAL D 309 14.64 -61.47 7.02
CA VAL D 309 14.40 -61.76 8.43
C VAL D 309 12.91 -61.88 8.75
N HIS D 310 12.11 -60.90 8.31
CA HIS D 310 10.66 -60.96 8.49
C HIS D 310 10.06 -62.19 7.82
N ARG D 311 10.40 -62.39 6.55
CA ARG D 311 9.95 -63.57 5.81
C ARG D 311 10.23 -64.84 6.62
N LYS D 312 11.51 -65.06 6.92
CA LYS D 312 11.95 -66.27 7.62
C LYS D 312 11.36 -66.41 9.02
N TRP D 313 11.09 -65.28 9.68
CA TRP D 313 10.53 -65.29 11.03
C TRP D 313 9.05 -65.60 11.04
N SER D 314 8.33 -65.03 10.08
CA SER D 314 6.89 -65.20 10.01
C SER D 314 6.63 -66.65 9.64
N ALA D 315 7.51 -67.21 8.82
CA ALA D 315 7.44 -68.63 8.44
C ALA D 315 8.06 -69.56 9.49
N ASN D 316 8.39 -69.03 10.67
CA ASN D 316 8.90 -69.83 11.80
C ASN D 316 10.25 -70.52 11.57
N GLU D 317 10.99 -70.09 10.56
CA GLU D 317 12.36 -70.56 10.34
C GLU D 317 13.30 -69.93 11.36
N ILE D 318 13.12 -68.63 11.56
CA ILE D 318 13.76 -67.93 12.66
C ILE D 318 12.81 -68.01 13.84
N GLN D 319 13.34 -68.36 15.01
CA GLN D 319 12.51 -68.47 16.20
C GLN D 319 12.32 -67.09 16.81
N VAL D 320 13.35 -66.26 16.70
CA VAL D 320 13.34 -64.96 17.34
C VAL D 320 13.91 -63.86 16.44
N VAL D 321 13.18 -62.75 16.36
CA VAL D 321 13.73 -61.55 15.76
C VAL D 321 14.29 -60.73 16.90
N VAL D 322 15.56 -60.39 16.78
CA VAL D 322 16.21 -59.54 17.74
C VAL D 322 16.27 -58.18 17.08
N ALA D 323 15.46 -57.26 17.57
CA ALA D 323 15.12 -56.09 16.79
C ALA D 323 15.02 -54.83 17.62
N THR D 324 15.18 -53.71 16.93
CA THR D 324 14.87 -52.42 17.49
C THR D 324 13.41 -52.13 17.16
N VAL D 325 12.87 -51.06 17.74
CA VAL D 325 11.50 -50.62 17.47
C VAL D 325 11.13 -50.47 15.98
N ALA D 326 12.14 -50.43 15.11
CA ALA D 326 11.93 -50.36 13.68
C ALA D 326 11.18 -51.59 13.16
N PHE D 327 11.25 -52.67 13.92
CA PHE D 327 10.40 -53.82 13.65
C PHE D 327 9.11 -53.65 14.45
N GLY D 328 8.06 -53.22 13.79
CA GLY D 328 6.81 -52.93 14.46
C GLY D 328 5.68 -52.55 13.51
N MET D 329 5.94 -51.56 12.67
CA MET D 329 4.93 -51.03 11.77
C MET D 329 4.48 -52.10 10.81
N GLY D 330 3.26 -52.57 11.01
CA GLY D 330 2.65 -53.54 10.13
C GLY D 330 2.98 -54.97 10.51
N ILE D 331 3.38 -55.17 11.76
CA ILE D 331 3.58 -56.52 12.29
C ILE D 331 2.21 -57.01 12.75
N ASP D 332 1.74 -58.11 12.18
CA ASP D 332 0.50 -58.73 12.61
C ASP D 332 0.55 -60.24 12.86
N LYS D 333 1.75 -60.81 12.96
CA LYS D 333 1.90 -62.25 13.22
C LYS D 333 1.12 -62.63 14.50
N PRO D 334 0.27 -63.67 14.44
CA PRO D 334 -0.68 -63.96 15.53
C PRO D 334 -0.14 -64.81 16.69
N ASP D 335 0.86 -65.64 16.43
CA ASP D 335 1.34 -66.63 17.40
C ASP D 335 2.70 -66.27 17.99
N VAL D 336 2.86 -65.00 18.35
CA VAL D 336 4.05 -64.58 19.06
C VAL D 336 3.81 -64.92 20.51
N ARG D 337 4.54 -65.91 21.01
CA ARG D 337 4.29 -66.44 22.34
C ARG D 337 5.08 -65.72 23.44
N PHE D 338 6.22 -65.13 23.08
CA PHE D 338 6.96 -64.26 24.00
C PHE D 338 7.51 -62.99 23.35
N VAL D 339 7.39 -61.87 24.06
CA VAL D 339 8.19 -60.67 23.79
C VAL D 339 9.12 -60.35 24.95
N ILE D 340 10.42 -60.41 24.72
CA ILE D 340 11.38 -60.01 25.74
C ILE D 340 11.91 -58.63 25.44
N HIS D 341 11.84 -57.76 26.43
CA HIS D 341 12.50 -56.47 26.40
C HIS D 341 13.87 -56.50 27.07
N HIS D 342 14.88 -56.57 26.20
CA HIS D 342 16.28 -56.50 26.56
C HIS D 342 16.66 -55.22 27.32
N SER D 343 16.11 -54.09 26.90
CA SER D 343 16.09 -52.89 27.73
C SER D 343 14.67 -52.36 27.86
N MET D 344 14.41 -51.60 28.92
CA MET D 344 13.14 -50.89 29.05
C MET D 344 12.86 -49.94 27.88
N SER D 345 11.57 -49.70 27.61
CA SER D 345 11.13 -48.74 26.61
C SER D 345 11.28 -47.26 27.02
N LYS D 346 10.99 -46.36 26.08
CA LYS D 346 11.04 -44.92 26.36
C LYS D 346 9.86 -44.42 27.15
N SER D 347 8.78 -45.17 27.10
CA SER D 347 7.54 -44.72 27.67
C SER D 347 6.61 -45.90 27.84
N MET D 348 5.64 -45.75 28.73
CA MET D 348 4.62 -46.76 28.91
C MET D 348 3.89 -47.05 27.60
N GLU D 349 3.73 -46.00 26.80
CA GLU D 349 2.98 -46.07 25.55
C GLU D 349 3.71 -46.91 24.53
N ASN D 350 5.02 -46.75 24.47
CA ASN D 350 5.82 -47.58 23.59
C ASN D 350 5.86 -49.04 24.00
N TYR D 351 5.90 -49.29 25.30
CA TYR D 351 6.01 -50.67 25.78
C TYR D 351 4.78 -51.48 25.43
N TYR D 352 3.63 -50.95 25.82
CA TYR D 352 2.33 -51.56 25.52
C TYR D 352 2.21 -52.00 24.08
N GLN D 353 2.63 -51.12 23.19
CA GLN D 353 2.46 -51.32 21.77
C GLN D 353 3.43 -52.38 21.34
N GLU D 354 4.57 -52.36 22.00
CA GLU D 354 5.64 -53.29 21.68
C GLU D 354 5.28 -54.65 22.23
N SER D 355 4.76 -54.67 23.45
CA SER D 355 4.37 -55.93 24.08
C SER D 355 3.05 -56.47 23.55
N GLY D 356 2.22 -55.58 23.02
CA GLY D 356 0.91 -55.96 22.50
C GLY D 356 0.99 -56.76 21.22
N ARG D 357 2.17 -56.81 20.63
CA ARG D 357 2.41 -57.67 19.48
C ARG D 357 2.47 -59.16 19.82
N ALA D 358 2.56 -59.47 21.12
CA ALA D 358 2.46 -60.84 21.61
C ALA D 358 1.03 -61.38 21.67
N GLY D 359 0.86 -62.64 21.31
CA GLY D 359 -0.36 -63.37 21.61
C GLY D 359 -1.53 -62.72 20.89
N ARG D 360 -1.31 -62.44 19.61
CA ARG D 360 -2.35 -61.85 18.79
C ARG D 360 -3.30 -62.93 18.32
N ASP D 361 -3.03 -64.17 18.72
CA ASP D 361 -3.98 -65.26 18.54
C ASP D 361 -4.87 -65.39 19.77
N ASP D 362 -4.64 -64.51 20.75
CA ASP D 362 -5.46 -64.39 21.96
C ASP D 362 -5.20 -65.54 22.93
N MET D 363 -4.25 -66.40 22.60
CA MET D 363 -3.78 -67.42 23.53
C MET D 363 -2.67 -66.86 24.40
N LYS D 364 -2.45 -67.50 25.54
CA LYS D 364 -1.49 -67.02 26.54
C LYS D 364 -0.13 -66.72 25.91
N ALA D 365 0.43 -65.58 26.28
CA ALA D 365 1.75 -65.18 25.81
C ALA D 365 2.43 -64.40 26.93
N ASP D 366 3.76 -64.40 26.91
CA ASP D 366 4.54 -63.83 28.00
C ASP D 366 5.18 -62.50 27.57
N CYS D 367 5.13 -61.50 28.46
CA CYS D 367 5.76 -60.19 28.22
C CYS D 367 6.78 -59.84 29.31
N ILE D 368 8.06 -60.05 29.02
CA ILE D 368 9.12 -59.96 30.04
C ILE D 368 10.15 -58.85 29.79
N LEU D 369 10.17 -57.88 30.71
CA LEU D 369 11.04 -56.70 30.62
C LEU D 369 12.24 -56.79 31.58
N TYR D 370 13.46 -56.69 31.06
CA TYR D 370 14.66 -56.58 31.90
C TYR D 370 15.07 -55.14 32.21
N TYR D 371 14.86 -54.78 33.48
CA TYR D 371 15.18 -53.47 34.02
C TYR D 371 16.62 -53.36 34.51
N GLY D 372 17.38 -52.48 33.88
CA GLY D 372 18.76 -52.22 34.27
C GLY D 372 19.01 -50.74 34.55
N PHE D 373 19.48 -50.46 35.75
CA PHE D 373 19.91 -49.13 36.15
C PHE D 373 20.56 -48.32 35.03
N GLY D 374 21.52 -48.93 34.35
CA GLY D 374 22.26 -48.23 33.33
C GLY D 374 21.34 -47.78 32.22
N ASP D 375 20.22 -48.46 32.05
CA ASP D 375 19.38 -48.22 30.89
C ASP D 375 18.66 -46.88 31.02
N ILE D 376 18.38 -46.47 32.25
CA ILE D 376 17.82 -45.16 32.51
C ILE D 376 18.54 -44.08 31.73
N PHE D 377 19.86 -44.10 31.87
CA PHE D 377 20.70 -42.99 31.47
C PHE D 377 21.03 -43.03 29.99
N ARG D 378 21.12 -44.23 29.44
CA ARG D 378 21.26 -44.40 28.00
C ARG D 378 20.05 -43.84 27.27
N ILE D 379 18.87 -44.08 27.82
CA ILE D 379 17.63 -43.59 27.23
C ILE D 379 17.50 -42.11 27.53
N SER D 380 17.74 -41.72 28.77
CA SER D 380 17.64 -40.32 29.14
C SER D 380 18.46 -39.48 28.17
N SER D 381 19.72 -39.84 27.94
CA SER D 381 20.53 -39.06 27.01
C SER D 381 19.93 -38.98 25.60
N MET D 382 19.37 -40.08 25.11
CA MET D 382 18.85 -40.09 23.73
C MET D 382 17.56 -39.28 23.48
N VAL D 383 16.72 -39.16 24.50
CA VAL D 383 15.42 -38.51 24.33
C VAL D 383 15.48 -37.12 24.91
N VAL D 384 16.72 -36.64 25.00
CA VAL D 384 16.99 -35.38 25.62
C VAL D 384 16.24 -34.30 24.85
N MET D 385 16.24 -34.43 23.52
CA MET D 385 15.54 -33.47 22.67
C MET D 385 14.02 -33.53 22.69
N GLU D 386 13.42 -34.49 23.39
CA GLU D 386 11.98 -34.55 23.45
C GLU D 386 11.48 -33.81 24.68
N ASN D 387 10.53 -32.91 24.46
CA ASN D 387 9.85 -32.18 25.51
C ASN D 387 9.70 -32.99 26.80
N VAL D 388 8.83 -33.99 26.75
CA VAL D 388 8.54 -34.82 27.91
C VAL D 388 9.18 -36.20 27.77
N GLY D 389 10.25 -36.26 27.00
CA GLY D 389 10.98 -37.51 26.83
C GLY D 389 11.34 -38.07 28.18
N GLN D 390 11.99 -37.27 29.00
CA GLN D 390 12.42 -37.71 30.31
C GLN D 390 11.22 -38.09 31.17
N GLN D 391 10.19 -37.25 31.16
CA GLN D 391 8.99 -37.52 31.94
C GLN D 391 8.34 -38.84 31.58
N LYS D 392 8.45 -39.25 30.33
CA LYS D 392 7.83 -40.48 29.87
C LYS D 392 8.69 -41.66 30.32
N LEU D 393 10.00 -41.48 30.20
CA LEU D 393 10.94 -42.45 30.71
C LEU D 393 10.76 -42.72 32.18
N TYR D 394 10.62 -41.67 32.97
CA TYR D 394 10.54 -41.84 34.41
C TYR D 394 9.24 -42.56 34.76
N GLU D 395 8.21 -42.36 33.94
CA GLU D 395 6.95 -43.07 34.10
C GLU D 395 7.19 -44.56 33.85
N MET D 396 7.99 -44.85 32.84
CA MET D 396 8.43 -46.20 32.54
C MET D 396 9.28 -46.82 33.64
N VAL D 397 10.17 -46.02 34.21
CA VAL D 397 11.01 -46.47 35.32
C VAL D 397 10.23 -46.82 36.59
N SER D 398 9.24 -46.00 36.92
CA SER D 398 8.45 -46.20 38.14
C SER D 398 7.65 -47.49 38.09
N TYR D 399 7.37 -47.94 36.87
CA TYR D 399 6.72 -49.22 36.66
C TYR D 399 7.72 -50.32 37.05
N CYS D 400 8.92 -50.24 36.50
CA CYS D 400 9.98 -51.20 36.80
C CYS D 400 10.30 -51.26 38.29
N GLN D 401 10.10 -50.16 39.01
CA GLN D 401 10.43 -50.11 40.43
C GLN D 401 9.35 -50.74 41.30
N ASN D 402 8.17 -50.94 40.73
CA ASN D 402 7.01 -51.43 41.47
C ASN D 402 7.05 -52.93 41.71
N ILE D 403 6.80 -53.33 42.95
CA ILE D 403 6.89 -54.72 43.36
C ILE D 403 5.56 -55.24 43.93
N SER D 404 4.63 -54.33 44.22
CA SER D 404 3.29 -54.70 44.70
C SER D 404 2.12 -54.61 43.70
N LYS D 405 1.96 -53.47 43.03
CA LYS D 405 0.75 -53.21 42.23
C LYS D 405 0.63 -54.12 41.01
N CYS D 406 -0.61 -54.52 40.74
CA CYS D 406 -0.95 -55.32 39.57
C CYS D 406 -0.48 -54.55 38.34
N ARG D 407 0.17 -55.26 37.42
CA ARG D 407 0.75 -54.64 36.24
C ARG D 407 -0.31 -53.96 35.36
N ARG D 408 -1.47 -54.61 35.25
CA ARG D 408 -2.60 -54.06 34.52
C ARG D 408 -3.17 -52.80 35.19
N VAL D 409 -3.20 -52.81 36.52
CA VAL D 409 -3.62 -51.65 37.29
C VAL D 409 -2.76 -50.42 37.03
N LEU D 410 -1.46 -50.63 36.84
CA LEU D 410 -0.53 -49.54 36.59
C LEU D 410 -0.66 -48.96 35.19
N MET D 411 -0.80 -49.83 34.20
CA MET D 411 -1.10 -49.44 32.83
C MET D 411 -2.40 -48.66 32.67
N ALA D 412 -3.49 -49.17 33.24
CA ALA D 412 -4.78 -48.50 33.16
C ALA D 412 -4.75 -47.07 33.71
N GLN D 413 -3.90 -46.84 34.71
CA GLN D 413 -3.71 -45.49 35.26
C GLN D 413 -3.11 -44.53 34.25
N HIS D 414 -2.36 -45.09 33.30
CA HIS D 414 -1.66 -44.31 32.29
C HIS D 414 -2.58 -43.97 31.14
N PHE D 415 -3.44 -44.91 30.79
CA PHE D 415 -4.40 -44.66 29.75
C PHE D 415 -5.63 -43.99 30.36
N ASP D 416 -5.62 -43.89 31.69
CA ASP D 416 -6.68 -43.24 32.44
C ASP D 416 -8.00 -43.98 32.27
N GLU D 417 -7.94 -45.30 32.30
CA GLU D 417 -9.16 -46.08 32.11
C GLU D 417 -9.79 -46.68 33.36
N VAL D 418 -11.12 -46.73 33.34
CA VAL D 418 -11.92 -47.14 34.48
C VAL D 418 -11.54 -48.60 34.70
N TRP D 419 -10.54 -48.86 35.53
CA TRP D 419 -10.21 -50.24 35.83
C TRP D 419 -11.11 -50.84 36.92
N ASN D 420 -11.53 -52.08 36.70
CA ASN D 420 -12.16 -52.89 37.74
C ASN D 420 -11.06 -53.75 38.32
N SER D 421 -10.85 -53.62 39.62
CA SER D 421 -9.54 -53.86 40.23
C SER D 421 -9.08 -55.33 40.21
N GLU D 422 -10.03 -56.27 40.22
CA GLU D 422 -9.70 -57.70 40.20
C GLU D 422 -10.14 -58.39 38.93
N ALA D 423 -9.61 -57.96 37.79
CA ALA D 423 -9.88 -58.63 36.53
C ALA D 423 -8.60 -59.11 35.85
N CYS D 424 -7.51 -59.23 36.61
CA CYS D 424 -6.28 -59.76 36.06
C CYS D 424 -6.27 -61.27 36.05
N ASN D 425 -6.77 -61.83 37.14
CA ASN D 425 -6.82 -63.27 37.31
C ASN D 425 -5.43 -63.87 37.25
N LYS D 426 -4.55 -63.37 38.11
CA LYS D 426 -3.16 -63.83 38.17
C LYS D 426 -2.44 -63.88 36.82
N MET D 427 -2.49 -62.79 36.05
CA MET D 427 -1.81 -62.74 34.76
C MET D 427 -0.75 -61.63 34.71
N CYS D 428 -0.11 -61.42 35.85
CA CYS D 428 1.08 -60.58 35.91
C CYS D 428 1.90 -61.04 37.11
N ASP D 429 3.20 -60.79 37.10
CA ASP D 429 4.09 -61.24 38.17
C ASP D 429 3.68 -60.79 39.57
N ASN D 430 3.19 -59.57 39.67
CA ASN D 430 2.84 -59.00 40.98
C ASN D 430 1.52 -59.54 41.51
N CYS D 431 0.66 -60.03 40.62
CA CYS D 431 -0.61 -60.60 41.04
C CYS D 431 -0.38 -62.00 41.58
N CYS D 432 0.68 -62.65 41.09
CA CYS D 432 1.05 -63.99 41.54
C CYS D 432 1.85 -64.05 42.85
N LYS D 433 2.43 -62.94 43.29
CA LYS D 433 3.18 -62.92 44.55
C LYS D 433 2.32 -63.14 45.80
N ASP D 434 2.87 -63.84 46.78
CA ASP D 434 2.20 -64.03 48.07
C ASP D 434 2.81 -63.16 49.17
N SER D 435 3.87 -62.42 48.82
CA SER D 435 4.63 -61.63 49.78
C SER D 435 3.82 -60.50 50.43
N ALA D 436 4.25 -60.08 51.62
CA ALA D 436 3.79 -58.81 52.21
C ALA D 436 4.84 -57.72 52.00
N PHE D 437 4.48 -56.48 52.39
CA PHE D 437 5.34 -55.32 52.16
C PHE D 437 5.28 -54.32 53.33
N GLU D 438 6.25 -53.40 53.37
CA GLU D 438 6.21 -52.28 54.33
C GLU D 438 6.95 -51.04 53.80
N ARG D 439 6.78 -49.91 54.51
CA ARG D 439 7.39 -48.65 54.11
C ARG D 439 8.75 -48.52 54.79
N LYS D 440 9.81 -48.80 54.04
CA LYS D 440 11.16 -48.62 54.55
C LYS D 440 11.63 -47.18 54.39
N ASN D 441 12.05 -46.58 55.49
CA ASN D 441 12.64 -45.24 55.48
C ASN D 441 14.08 -45.21 54.98
N ILE D 442 14.28 -44.62 53.80
CA ILE D 442 15.60 -44.57 53.18
C ILE D 442 16.19 -43.16 53.14
N THR D 443 15.65 -42.26 53.95
CA THR D 443 16.06 -40.85 53.96
C THR D 443 17.55 -40.59 54.15
N GLU D 444 18.14 -41.20 55.17
CA GLU D 444 19.55 -41.01 55.47
C GLU D 444 20.48 -41.38 54.32
N TYR D 445 20.05 -42.35 53.51
CA TYR D 445 20.80 -42.73 52.33
C TYR D 445 20.86 -41.58 51.35
N CYS D 446 19.76 -40.84 51.27
CA CYS D 446 19.68 -39.66 50.41
C CYS D 446 20.57 -38.52 50.92
N ARG D 447 20.44 -38.21 52.21
CA ARG D 447 21.33 -37.27 52.86
C ARG D 447 22.79 -37.62 52.57
N ASP D 448 23.12 -38.89 52.70
CA ASP D 448 24.49 -39.35 52.46
C ASP D 448 24.92 -39.08 51.01
N LEU D 449 24.03 -39.35 50.06
CA LEU D 449 24.36 -39.11 48.66
C LEU D 449 24.45 -37.63 48.29
N ILE D 450 23.64 -36.81 48.95
CA ILE D 450 23.69 -35.37 48.73
C ILE D 450 24.93 -34.74 49.34
N LYS D 451 25.41 -35.34 50.41
CA LYS D 451 26.69 -34.96 50.97
C LYS D 451 27.80 -35.19 49.95
N ILE D 452 27.73 -36.31 49.25
CA ILE D 452 28.70 -36.64 48.19
C ILE D 452 28.61 -35.66 47.00
N LEU D 453 27.41 -35.39 46.52
CA LEU D 453 27.24 -34.44 45.42
C LEU D 453 27.58 -33.01 45.77
N LYS D 454 27.12 -32.57 46.95
CA LYS D 454 27.50 -31.26 47.45
C LYS D 454 29.00 -31.12 47.43
N GLN D 455 29.70 -32.15 47.91
CA GLN D 455 31.15 -32.14 47.91
C GLN D 455 31.69 -32.09 46.48
N ALA D 456 31.07 -32.84 45.59
CA ALA D 456 31.51 -32.90 44.21
C ALA D 456 31.46 -31.55 43.48
N GLU D 457 30.43 -30.75 43.73
CA GLU D 457 30.32 -29.46 43.03
C GLU D 457 31.25 -28.45 43.69
N GLU D 458 31.34 -28.50 45.01
CA GLU D 458 32.34 -27.72 45.74
C GLU D 458 33.77 -28.06 45.28
N LEU D 459 33.95 -29.21 44.63
CA LEU D 459 35.24 -29.59 44.04
C LEU D 459 35.27 -29.44 42.53
N ASN D 460 34.20 -28.86 41.99
CA ASN D 460 34.04 -28.73 40.55
C ASN D 460 34.20 -30.07 39.84
N GLU D 461 33.64 -31.12 40.43
CA GLU D 461 33.71 -32.47 39.86
C GLU D 461 32.35 -32.92 39.37
N LYS D 462 32.29 -33.49 38.16
CA LYS D 462 31.05 -34.08 37.64
C LYS D 462 31.00 -35.58 37.93
N LEU D 463 29.91 -36.02 38.54
CA LEU D 463 29.66 -37.45 38.79
C LEU D 463 28.69 -38.18 37.85
N THR D 464 29.21 -39.05 36.99
CA THR D 464 28.39 -40.09 36.37
C THR D 464 27.78 -41.00 37.45
N PRO D 465 26.64 -41.65 37.13
CA PRO D 465 26.00 -42.55 38.10
C PRO D 465 26.93 -43.63 38.65
N LEU D 466 27.83 -44.11 37.80
CA LEU D 466 28.87 -45.03 38.23
C LEU D 466 29.74 -44.44 39.31
N LYS D 467 30.14 -43.20 39.11
CA LYS D 467 30.99 -42.51 40.07
C LYS D 467 30.29 -42.24 41.41
N LEU D 468 28.99 -41.95 41.36
CA LEU D 468 28.24 -41.74 42.59
C LEU D 468 28.16 -43.02 43.41
N ILE D 469 27.81 -44.09 42.73
CA ILE D 469 27.61 -45.37 43.36
C ILE D 469 28.92 -45.88 43.92
N ASP D 470 29.98 -45.74 43.12
CA ASP D 470 31.31 -46.10 43.57
C ASP D 470 31.68 -45.37 44.86
N SER D 471 31.43 -44.06 44.92
CA SER D 471 31.79 -43.25 46.08
C SER D 471 31.01 -43.62 47.34
N TRP D 472 29.71 -43.80 47.17
CA TRP D 472 28.79 -44.19 48.22
C TRP D 472 29.23 -45.50 48.83
N MET D 473 29.75 -46.36 47.96
CA MET D 473 30.18 -47.69 48.33
C MET D 473 31.57 -47.62 48.94
N GLY D 474 32.16 -46.43 48.93
CA GLY D 474 33.48 -46.24 49.47
C GLY D 474 34.52 -46.68 48.47
N LYS D 475 34.14 -46.68 47.20
CA LYS D 475 35.05 -47.04 46.11
C LYS D 475 35.27 -45.83 45.24
N GLY D 476 35.85 -46.02 44.06
CA GLY D 476 36.12 -44.90 43.17
C GLY D 476 37.23 -44.01 43.70
N ALA D 477 37.44 -42.89 43.01
CA ALA D 477 38.49 -41.95 43.37
C ALA D 477 38.29 -41.44 44.79
N ALA D 478 39.36 -41.47 45.57
CA ALA D 478 39.27 -41.17 46.99
C ALA D 478 38.84 -39.72 47.26
N LYS D 479 39.14 -38.81 46.34
CA LYS D 479 38.72 -37.43 46.49
C LYS D 479 37.19 -37.34 46.54
N LEU D 480 36.54 -38.26 45.82
CA LEU D 480 35.10 -38.23 45.65
C LEU D 480 34.29 -38.88 46.78
N ARG D 481 34.97 -39.39 47.81
CA ARG D 481 34.32 -40.03 48.93
C ARG D 481 34.14 -39.10 50.12
N VAL D 482 33.09 -39.35 50.91
CA VAL D 482 32.72 -38.48 52.02
C VAL D 482 32.87 -39.27 53.32
N ALA D 483 33.69 -38.73 54.21
CA ALA D 483 33.99 -39.40 55.46
C ALA D 483 32.71 -39.65 56.22
N GLY D 484 32.58 -40.87 56.74
CA GLY D 484 31.45 -41.24 57.56
C GLY D 484 30.23 -41.64 56.77
N VAL D 485 30.36 -41.69 55.44
CA VAL D 485 29.28 -42.19 54.62
C VAL D 485 29.55 -43.66 54.34
N VAL D 486 28.74 -44.51 54.97
CA VAL D 486 28.80 -45.94 54.73
C VAL D 486 27.56 -46.41 54.00
N ALA D 487 27.76 -47.05 52.85
CA ALA D 487 26.68 -47.75 52.19
C ALA D 487 26.26 -48.95 53.03
N PRO D 488 25.01 -49.40 52.90
CA PRO D 488 24.52 -50.60 53.60
C PRO D 488 25.05 -51.83 52.88
N THR D 489 25.04 -53.01 53.51
CA THR D 489 25.56 -54.19 52.84
C THR D 489 24.53 -54.86 51.94
N LEU D 490 23.71 -54.03 51.29
CA LEU D 490 22.73 -54.49 50.31
C LEU D 490 23.40 -54.74 48.97
N PRO D 491 22.82 -55.62 48.14
CA PRO D 491 23.45 -55.86 46.83
C PRO D 491 23.34 -54.62 45.96
N ARG D 492 24.14 -54.56 44.90
CA ARG D 492 24.31 -53.31 44.15
C ARG D 492 22.99 -52.86 43.54
N GLU D 493 22.21 -53.82 43.04
CA GLU D 493 20.96 -53.54 42.36
C GLU D 493 19.95 -52.91 43.30
N ASP D 494 20.09 -53.19 44.59
CA ASP D 494 19.24 -52.58 45.59
C ASP D 494 19.63 -51.13 45.77
N LEU D 495 20.92 -50.85 45.65
CA LEU D 495 21.40 -49.50 45.76
C LEU D 495 21.00 -48.71 44.53
N GLU D 496 21.20 -49.34 43.38
CA GLU D 496 20.72 -48.82 42.11
C GLU D 496 19.25 -48.46 42.19
N LYS D 497 18.49 -49.30 42.88
CA LYS D 497 17.07 -49.06 43.03
C LYS D 497 16.80 -47.92 43.99
N ILE D 498 17.62 -47.83 45.03
CA ILE D 498 17.50 -46.75 46.00
C ILE D 498 17.81 -45.42 45.34
N ILE D 499 18.78 -45.45 44.44
CA ILE D 499 19.19 -44.27 43.72
C ILE D 499 18.19 -43.89 42.64
N ALA D 500 17.74 -44.89 41.90
CA ALA D 500 16.63 -44.71 40.97
C ALA D 500 15.38 -44.09 41.61
N HIS D 501 15.07 -44.46 42.84
CA HIS D 501 13.92 -43.91 43.52
C HIS D 501 14.02 -42.40 43.72
N PHE D 502 15.15 -41.96 44.26
CA PHE D 502 15.38 -40.52 44.46
C PHE D 502 15.44 -39.71 43.18
N LEU D 503 15.95 -40.31 42.12
CA LEU D 503 15.98 -39.63 40.83
C LEU D 503 14.57 -39.26 40.40
N ILE D 504 13.77 -40.26 40.09
CA ILE D 504 12.39 -40.06 39.66
C ILE D 504 11.57 -39.30 40.70
N GLN D 505 11.99 -39.36 41.96
CA GLN D 505 11.36 -38.53 42.98
C GLN D 505 11.94 -37.12 42.99
N GLN D 506 13.03 -36.95 42.26
CA GLN D 506 13.64 -35.64 41.99
C GLN D 506 14.37 -35.00 43.16
N TYR D 507 14.61 -35.77 44.21
CA TYR D 507 15.56 -35.34 45.22
C TYR D 507 16.90 -35.22 44.51
N LEU D 508 17.09 -36.08 43.51
CA LEU D 508 18.18 -35.98 42.58
C LEU D 508 17.65 -35.68 41.20
N LYS D 509 18.51 -35.24 40.29
CA LYS D 509 18.10 -34.94 38.93
C LYS D 509 19.25 -35.23 38.00
N GLU D 510 18.95 -35.46 36.73
CA GLU D 510 20.01 -35.53 35.73
C GLU D 510 20.41 -34.19 35.16
N ASP D 511 21.65 -34.18 34.70
CA ASP D 511 22.28 -33.02 34.10
C ASP D 511 23.01 -33.60 32.90
N TYR D 512 22.67 -33.14 31.71
CA TYR D 512 23.31 -33.69 30.51
C TYR D 512 24.43 -32.79 30.08
N SER D 513 25.42 -33.43 29.47
CA SER D 513 26.51 -32.75 28.85
C SER D 513 26.62 -33.25 27.43
N PHE D 514 26.75 -32.33 26.49
CA PHE D 514 26.86 -32.67 25.10
C PHE D 514 28.31 -32.67 24.71
N THR D 515 28.75 -33.79 24.14
CA THR D 515 30.14 -34.02 23.80
C THR D 515 30.20 -34.39 22.33
N ALA D 516 31.42 -34.43 21.80
CA ALA D 516 31.67 -34.68 20.38
C ALA D 516 30.75 -35.69 19.70
N TYR D 517 30.58 -36.87 20.30
CA TYR D 517 29.87 -37.97 19.66
C TYR D 517 28.60 -38.40 20.39
N ALA D 518 28.51 -38.09 21.68
CA ALA D 518 27.46 -38.63 22.53
C ALA D 518 26.90 -37.63 23.54
N THR D 519 25.63 -37.82 23.91
CA THR D 519 25.07 -37.12 25.05
C THR D 519 25.18 -38.02 26.26
N ILE D 520 25.79 -37.51 27.33
CA ILE D 520 25.99 -38.29 28.54
C ILE D 520 25.28 -37.61 29.71
N SER D 521 24.93 -38.40 30.70
CA SER D 521 24.18 -37.90 31.84
C SER D 521 25.00 -37.87 33.13
N TYR D 522 24.74 -36.85 33.94
CA TYR D 522 25.38 -36.68 35.23
C TYR D 522 24.23 -36.42 36.18
N LEU D 523 24.47 -36.66 37.45
CA LEU D 523 23.48 -36.42 38.47
C LEU D 523 23.86 -35.20 39.30
N LYS D 524 22.85 -34.53 39.84
CA LYS D 524 23.04 -33.34 40.65
C LYS D 524 21.97 -33.30 41.72
N ILE D 525 22.13 -32.41 42.67
CA ILE D 525 21.08 -32.16 43.66
C ILE D 525 19.87 -31.65 42.90
N GLY D 526 18.75 -32.33 43.09
CA GLY D 526 17.54 -31.94 42.38
C GLY D 526 16.66 -31.01 43.19
N PRO D 527 15.56 -30.57 42.58
CA PRO D 527 14.68 -29.53 43.11
C PRO D 527 14.09 -29.84 44.48
N LYS D 528 13.95 -31.12 44.82
CA LYS D 528 13.21 -31.49 46.03
C LYS D 528 14.12 -31.68 47.25
N ALA D 529 15.43 -31.54 47.06
CA ALA D 529 16.38 -31.69 48.17
C ALA D 529 16.18 -30.65 49.28
N ASN D 530 15.52 -29.55 48.95
CA ASN D 530 15.22 -28.52 49.93
C ASN D 530 14.11 -28.91 50.90
N LEU D 531 13.40 -29.99 50.58
CA LEU D 531 12.48 -30.61 51.52
C LEU D 531 13.23 -31.24 52.68
N LEU D 532 14.47 -31.63 52.40
CA LEU D 532 15.33 -32.20 53.42
C LEU D 532 15.90 -31.18 54.41
N ASN D 533 15.65 -29.90 54.17
CA ASN D 533 15.93 -28.88 55.17
C ASN D 533 15.03 -29.10 56.38
N ASN D 534 13.83 -29.62 56.13
CA ASN D 534 13.04 -30.22 57.19
C ASN D 534 13.72 -31.49 57.67
N GLU D 535 14.18 -31.46 58.90
CA GLU D 535 14.87 -32.60 59.49
C GLU D 535 13.94 -33.76 59.88
N ALA D 536 12.64 -33.47 59.90
CA ALA D 536 11.63 -34.51 60.13
C ALA D 536 11.16 -35.14 58.82
N HIS D 537 11.61 -34.60 57.70
CA HIS D 537 11.23 -35.12 56.38
C HIS D 537 11.54 -36.63 56.26
N ALA D 538 10.65 -37.36 55.59
CA ALA D 538 10.76 -38.82 55.42
C ALA D 538 10.62 -39.28 53.97
N ILE D 539 11.64 -39.97 53.45
CA ILE D 539 11.54 -40.69 52.18
C ILE D 539 11.39 -42.19 52.44
N THR D 540 10.32 -42.78 51.92
CA THR D 540 10.10 -44.21 52.12
C THR D 540 10.01 -44.94 50.80
N MET D 541 10.47 -46.18 50.81
CA MET D 541 10.39 -47.05 49.65
C MET D 541 9.80 -48.38 50.08
N GLN D 542 8.90 -48.91 49.27
CA GLN D 542 8.28 -50.18 49.60
C GLN D 542 9.25 -51.34 49.45
N VAL D 543 9.30 -52.16 50.49
CA VAL D 543 10.14 -53.34 50.53
C VAL D 543 9.34 -54.56 51.00
N THR D 544 9.81 -55.75 50.62
CA THR D 544 9.25 -57.00 51.13
C THR D 544 9.44 -57.19 52.63
N LYS D 545 8.40 -57.68 53.31
CA LYS D 545 8.49 -58.10 54.70
C LYS D 545 9.08 -59.51 54.83
#